data_7ZXG
#
_entry.id   7ZXG
#
_cell.length_a   81.771
_cell.length_b   125.803
_cell.length_c   216.601
_cell.angle_alpha   90.000
_cell.angle_beta   90.000
_cell.angle_gamma   90.000
#
_symmetry.space_group_name_H-M   'P 21 2 21'
#
loop_
_entity.id
_entity.type
_entity.pdbx_description
1 polymer 'Gametocyte surface protein P45/48'
2 polymer '10D8 heavy chain'
3 polymer '10D8 light chain'
4 branched alpha-D-mannopyranose-(1-6)-beta-D-mannopyranose-(1-4)-2-acetamido-2-deoxy-beta-D-glucopyranose-(1-4)-2-acetamido-2-deoxy-beta-D-glucopyranose
5 branched 2-acetamido-2-deoxy-beta-D-glucopyranose-(1-4)-2-acetamido-2-deoxy-beta-D-glucopyranose
6 branched beta-D-mannopyranose-(1-3)-2-acetamido-2-deoxy-beta-D-glucopyranose-(1-4)-2-acetamido-2-deoxy-beta-D-glucopyranose
7 non-polymer 2-acetamido-2-deoxy-beta-D-glucopyranose
#
loop_
_entity_poly.entity_id
_entity_poly.type
_entity_poly.pdbx_seq_one_letter_code
_entity_poly.pdbx_strand_id
1 'polypeptide(L)'
;MMLYISAKKAQVAFILYIVLVLRIISGNNDFCKPSSLNSEISGFIGYKCNFSNEGVHNLKPDMRERRSIFCTIHSYFIYD
KIRLIIPKKSSSPEFKILPEKCFQKVYTDYENRVETDISELGLIEYEIEENDTNPNYNERTITISPFSPKDIEFFCFCDN
TEKVISSIEGRSAMVHVRVLKYPHNILFTNLTNDLFTYLPKTYNESNFVSNVLEVELNDGELFVLACELINKKCFQEGKE
KALYKSNKIIYHKNLTIFKAPFYVTSKDVNTECTCKFKNNNYKIVLKPKYEKKVIHGCNFSSNVSSKHTFTDSLDISLVD
DSAHISCNVHLSEPKYNHLVGLNCPGDIIPDCFFQVYQPESEELEPSNIVYLDSQINIGDIEYYEDAEGDDKIKLFGIVG
SIPKTTSFTCICKKDKKSAYMTVTIDSA
;
A,D
2 'polypeptide(L)'
;MNFGLSLIFLVLVLKGVQCEVMLVESGGDLVKPGGSLKVSCAASGFTFSNYAMSWVRQTPEKRLEWVATISSGASYTHYP
DSVKGRFTISRDNAKNTLYLQMSSLRSEDTAMYYCGRQVNRHDRALDAMDYWGQGTSVTVSPAKTTPPSVYPLAPGSAAQ
TNSMVTLGCLVKGYFPEPVTVTWNSGSLSSGVHTFPAVLQSDLYTLSSSVTVPSSTWPSETVTCNVAHPASSTKVDKKIV
PRDCGCKPCICTVPEVSSVFIFPPKPKDVLTITLTPKVTCVVVDISKDDPEVQFSWFVDDVEVHTAQTQPREEQFNSTFR
SVSELPIMHQDWLNGKEFKCRVNSAAFPAPIEKTISKTKGRPKAPQVYTIPPPKEQMAKDKVSLTCMITDFFPEDITVEW
QWNGQPAENYKNTQPIMDTDGSYFVYSKLNVQKSNWEAGNTFTCSVLHEGLHNHHTEKSLSHSPGK
;
B,E
3 'polypeptide(L)'
;MDSQAQVLMLLLLWVSGTCGDIVMSQSPSSLAVSVGEKVTMSCKSSQSLFYSSNQKNYLAWYQQKPGQSPKLLIYWASTR
ESGVPDRFTGSGSGTDFTLTISSVKAEDLAVYYCQQYYSYPPTFGGGTKLEIKRADAAPTVSIFPPSSEQLTSGGASVVC
FLNNFYPKDINVKWKIDGSERQNGVLNSWTDQDSKDSTYSMSSTLTLTKDEYERHNSYTCEATHKTSTSPIVKSFNRNEC
;
C,F
#
# COMPACT_ATOMS: atom_id res chain seq x y z
N ILE A 45 -1.89 -55.07 13.12
CA ILE A 45 -2.94 -54.59 14.00
C ILE A 45 -2.87 -55.33 15.33
N GLY A 46 -3.03 -56.65 15.27
CA GLY A 46 -2.94 -57.50 16.44
C GLY A 46 -2.57 -58.92 16.09
N TYR A 47 -1.64 -59.51 16.84
CA TYR A 47 -1.14 -60.84 16.57
C TYR A 47 -1.84 -61.86 17.45
N LYS A 48 -2.28 -62.96 16.85
CA LYS A 48 -3.03 -64.00 17.55
C LYS A 48 -2.69 -65.36 16.93
N CYS A 49 -2.40 -66.33 17.79
CA CYS A 49 -1.99 -67.67 17.38
C CYS A 49 -2.96 -68.68 17.99
N ASN A 50 -3.78 -69.30 17.14
CA ASN A 50 -4.82 -70.21 17.59
C ASN A 50 -4.23 -71.55 18.00
N PHE A 51 -4.49 -71.97 19.24
CA PHE A 51 -4.23 -73.33 19.68
C PHE A 51 -5.53 -74.09 19.94
N SER A 52 -6.62 -73.64 19.33
CA SER A 52 -7.88 -74.37 19.26
C SER A 52 -8.22 -74.58 17.79
N ASN A 53 -9.23 -75.40 17.54
CA ASN A 53 -9.61 -75.68 16.16
C ASN A 53 -10.62 -74.69 15.60
N GLU A 54 -11.05 -73.70 16.39
CA GLU A 54 -12.04 -72.76 15.91
C GLU A 54 -11.45 -71.76 14.93
N GLY A 55 -10.17 -71.42 15.07
CA GLY A 55 -9.51 -70.49 14.20
C GLY A 55 -8.93 -71.15 12.96
N VAL A 56 -7.95 -70.46 12.36
CA VAL A 56 -7.30 -70.99 11.17
C VAL A 56 -6.35 -72.12 11.56
N HIS A 57 -5.49 -71.88 12.54
CA HIS A 57 -4.63 -72.92 13.08
C HIS A 57 -5.43 -73.76 14.08
N ASN A 58 -5.23 -75.08 14.04
CA ASN A 58 -5.98 -76.00 14.89
C ASN A 58 -5.03 -76.86 15.71
N LEU A 59 -5.47 -77.20 16.92
CA LEU A 59 -4.67 -78.00 17.86
C LEU A 59 -5.60 -79.03 18.50
N LYS A 60 -5.51 -80.27 18.05
CA LYS A 60 -6.25 -81.38 18.65
C LYS A 60 -5.41 -82.65 18.60
N ILE A 69 1.22 -77.13 12.62
CA ILE A 69 1.36 -75.77 12.13
C ILE A 69 2.00 -74.91 13.22
N PHE A 70 3.08 -74.22 12.85
CA PHE A 70 3.88 -73.46 13.80
C PHE A 70 3.52 -71.97 13.75
N CYS A 71 3.92 -71.25 14.79
CA CYS A 71 3.66 -69.82 14.92
C CYS A 71 4.98 -69.07 15.03
N THR A 72 5.44 -68.51 13.91
CA THR A 72 6.68 -67.76 13.85
C THR A 72 6.37 -66.27 13.70
N ILE A 73 6.98 -65.45 14.55
CA ILE A 73 6.74 -64.01 14.57
C ILE A 73 8.10 -63.31 14.58
N HIS A 74 8.48 -62.74 13.44
CA HIS A 74 9.71 -61.95 13.30
C HIS A 74 9.29 -60.52 12.97
N SER A 75 8.94 -59.75 14.00
CA SER A 75 8.44 -58.39 13.81
C SER A 75 8.97 -57.50 14.93
N TYR A 76 8.60 -56.21 14.84
CA TYR A 76 9.11 -55.16 15.70
C TYR A 76 8.00 -54.43 16.45
N PHE A 77 6.81 -55.02 16.50
CA PHE A 77 5.60 -54.30 16.89
C PHE A 77 5.73 -53.65 18.25
N ILE A 78 4.88 -52.65 18.48
CA ILE A 78 5.00 -51.73 19.61
C ILE A 78 3.73 -51.80 20.44
N TYR A 79 3.88 -51.91 21.77
CA TYR A 79 2.80 -51.90 22.75
C TYR A 79 1.53 -52.57 22.24
N ASP A 80 1.53 -53.90 22.19
CA ASP A 80 0.41 -54.66 21.65
C ASP A 80 0.19 -55.92 22.48
N LYS A 81 -1.03 -56.46 22.38
CA LYS A 81 -1.38 -57.69 23.08
C LYS A 81 -0.91 -58.90 22.28
N ILE A 82 -0.72 -60.01 22.99
CA ILE A 82 -0.36 -61.29 22.39
C ILE A 82 -1.23 -62.36 23.05
N ARG A 83 -2.23 -62.85 22.34
CA ARG A 83 -3.15 -63.84 22.89
C ARG A 83 -2.69 -65.25 22.57
N LEU A 84 -2.79 -66.15 23.55
CA LEU A 84 -2.36 -67.53 23.43
C LEU A 84 -3.45 -68.45 23.96
N ILE A 85 -3.96 -69.33 23.11
CA ILE A 85 -5.03 -70.24 23.47
C ILE A 85 -4.45 -71.45 24.17
N ILE A 86 -5.11 -71.91 25.23
CA ILE A 86 -4.68 -73.11 25.95
C ILE A 86 -5.85 -73.69 26.73
N PRO A 87 -6.44 -74.79 26.27
CA PRO A 87 -7.53 -75.43 27.04
C PRO A 87 -6.94 -76.36 28.09
N LYS A 88 -7.44 -76.23 29.33
CA LYS A 88 -6.87 -76.96 30.46
C LYS A 88 -7.87 -77.90 31.11
N LYS A 89 -9.02 -77.41 31.59
CA LYS A 89 -9.99 -78.24 32.28
C LYS A 89 -10.71 -79.19 31.33
N SER A 90 -11.20 -78.65 30.21
CA SER A 90 -11.91 -79.44 29.20
C SER A 90 -11.21 -80.76 28.92
N SER A 91 -9.91 -80.70 28.65
CA SER A 91 -9.09 -81.88 28.44
C SER A 91 -7.62 -81.50 28.33
N SER A 92 -6.79 -82.06 29.21
CA SER A 92 -5.34 -81.90 29.14
C SER A 92 -4.69 -83.28 29.32
N PRO A 93 -4.87 -84.17 28.33
CA PRO A 93 -4.23 -85.48 28.42
C PRO A 93 -2.75 -85.37 28.09
N GLU A 94 -1.93 -85.26 29.15
CA GLU A 94 -0.51 -84.96 29.07
C GLU A 94 -0.25 -83.67 28.30
N PHE A 95 -1.30 -82.93 27.96
CA PHE A 95 -1.15 -81.63 27.31
C PHE A 95 -0.56 -80.64 28.31
N LYS A 96 0.63 -80.12 28.01
CA LYS A 96 1.34 -79.22 28.90
C LYS A 96 1.77 -77.99 28.13
N ILE A 97 2.30 -77.02 28.88
CA ILE A 97 3.05 -75.91 28.33
C ILE A 97 4.48 -76.01 28.86
N LEU A 98 5.44 -75.63 28.04
CA LEU A 98 6.85 -75.91 28.31
C LEU A 98 7.67 -74.62 28.21
N PRO A 99 8.04 -74.00 29.33
CA PRO A 99 7.77 -74.43 30.71
C PRO A 99 6.37 -74.04 31.19
N GLU A 100 6.07 -74.34 32.45
CA GLU A 100 4.72 -74.11 32.97
C GLU A 100 4.34 -72.64 32.93
N LYS A 101 5.26 -71.77 33.35
CA LYS A 101 5.07 -70.31 33.28
C LYS A 101 5.93 -69.80 32.13
N CYS A 102 5.43 -69.97 30.90
CA CYS A 102 6.23 -69.59 29.73
C CYS A 102 6.49 -68.09 29.71
N PHE A 103 5.47 -67.28 30.00
CA PHE A 103 5.65 -65.83 29.92
C PHE A 103 6.51 -65.29 31.05
N GLN A 104 6.71 -66.05 32.13
CA GLN A 104 7.67 -65.65 33.16
C GLN A 104 9.05 -66.24 32.90
N LYS A 105 9.13 -67.54 32.65
CA LYS A 105 10.37 -68.20 32.29
C LYS A 105 10.22 -68.82 30.91
N VAL A 106 11.17 -68.57 30.02
CA VAL A 106 11.12 -69.09 28.66
C VAL A 106 12.54 -69.33 28.16
N TYR A 107 12.74 -70.43 27.45
CA TYR A 107 14.07 -70.82 26.99
C TYR A 107 14.58 -69.87 25.91
N THR A 108 15.80 -70.11 25.45
CA THR A 108 16.46 -69.22 24.50
C THR A 108 16.86 -69.87 23.18
N ASP A 109 17.00 -71.18 23.13
CA ASP A 109 17.45 -71.85 21.91
C ASP A 109 16.83 -73.25 21.83
N TYR A 110 16.42 -73.64 20.62
CA TYR A 110 15.78 -74.94 20.45
C TYR A 110 16.80 -76.08 20.50
N GLU A 111 18.04 -75.83 20.06
CA GLU A 111 19.07 -76.86 20.13
C GLU A 111 19.50 -77.15 21.57
N ASN A 112 19.25 -76.21 22.49
CA ASN A 112 19.54 -76.45 23.90
C ASN A 112 18.65 -75.52 24.71
N ARG A 113 17.57 -76.07 25.28
CA ARG A 113 16.58 -75.28 26.01
C ARG A 113 17.01 -75.18 27.46
N VAL A 114 17.49 -74.01 27.85
CA VAL A 114 17.88 -73.74 29.23
C VAL A 114 16.85 -72.82 29.86
N GLU A 115 16.75 -72.89 31.18
CA GLU A 115 15.73 -72.12 31.91
C GLU A 115 16.21 -70.69 32.09
N THR A 116 15.43 -69.73 31.60
CA THR A 116 15.76 -68.31 31.68
C THR A 116 14.50 -67.51 31.96
N ASP A 117 14.55 -66.68 32.99
CA ASP A 117 13.41 -65.85 33.36
C ASP A 117 13.35 -64.59 32.48
N ILE A 118 12.17 -63.95 32.48
CA ILE A 118 11.97 -62.77 31.64
C ILE A 118 12.84 -61.62 32.11
N SER A 119 13.04 -61.48 33.42
CA SER A 119 13.77 -60.36 33.97
C SER A 119 15.28 -60.46 33.80
N GLU A 120 15.78 -61.50 33.14
CA GLU A 120 17.20 -61.73 32.94
C GLU A 120 17.56 -61.77 31.47
N LEU A 121 16.87 -60.97 30.65
CA LEU A 121 17.09 -60.96 29.22
C LEU A 121 17.57 -59.61 28.70
N GLY A 122 16.85 -58.53 29.01
CA GLY A 122 17.20 -57.22 28.52
C GLY A 122 15.99 -56.46 27.99
N LEU A 123 14.81 -56.98 28.27
CA LEU A 123 13.57 -56.36 27.83
C LEU A 123 13.21 -55.20 28.76
N ILE A 124 12.58 -54.18 28.18
CA ILE A 124 12.22 -52.96 28.91
C ILE A 124 10.70 -52.86 28.98
N GLU A 125 10.19 -52.64 30.19
CA GLU A 125 8.79 -52.27 30.41
C GLU A 125 7.81 -53.22 29.75
N TYR A 126 7.60 -54.38 30.35
CA TYR A 126 6.66 -55.37 29.83
C TYR A 126 5.50 -55.55 30.81
N GLU A 127 4.51 -56.32 30.37
CA GLU A 127 3.33 -56.60 31.17
C GLU A 127 2.88 -58.03 30.87
N ILE A 128 2.84 -58.87 31.90
CA ILE A 128 2.55 -60.28 31.75
C ILE A 128 1.32 -60.58 32.60
N GLU A 129 0.17 -60.71 31.95
CA GLU A 129 -1.06 -61.16 32.60
C GLU A 129 -1.41 -62.54 32.08
N GLU A 130 -1.86 -63.41 32.99
CA GLU A 130 -2.19 -64.80 32.67
C GLU A 130 -3.59 -65.09 33.21
N ASN A 131 -4.60 -64.65 32.45
CA ASN A 131 -5.98 -64.81 32.87
C ASN A 131 -6.48 -66.22 32.57
N ASP A 132 -7.19 -66.79 33.53
CA ASP A 132 -7.87 -68.07 33.37
C ASP A 132 -9.34 -67.91 33.73
N THR A 133 -10.00 -66.94 33.08
CA THR A 133 -11.35 -66.52 33.43
C THR A 133 -12.41 -66.86 32.39
N ASN A 134 -12.03 -66.94 31.11
CA ASN A 134 -13.02 -67.22 30.08
C ASN A 134 -13.50 -68.67 30.19
N PRO A 135 -14.81 -68.91 30.04
CA PRO A 135 -15.32 -70.27 30.17
C PRO A 135 -15.11 -71.14 28.93
N ASN A 136 -14.67 -70.56 27.82
CA ASN A 136 -14.42 -71.31 26.60
C ASN A 136 -12.95 -71.65 26.40
N TYR A 137 -12.05 -70.71 26.68
CA TYR A 137 -10.63 -70.95 26.53
C TYR A 137 -9.88 -70.17 27.60
N ASN A 138 -8.63 -70.55 27.83
CA ASN A 138 -7.73 -69.86 28.75
C ASN A 138 -6.71 -69.07 27.95
N GLU A 139 -6.33 -67.90 28.46
CA GLU A 139 -5.55 -66.94 27.70
C GLU A 139 -4.22 -66.65 28.38
N ARG A 140 -3.21 -66.38 27.56
CA ARG A 140 -1.89 -65.95 28.00
C ARG A 140 -1.53 -64.70 27.21
N THR A 141 -1.04 -63.67 27.89
CA THR A 141 -0.84 -62.37 27.25
C THR A 141 0.46 -61.74 27.71
N ILE A 142 1.03 -60.89 26.85
CA ILE A 142 2.20 -60.10 27.16
C ILE A 142 2.22 -58.90 26.23
N THR A 143 2.81 -57.80 26.69
CA THR A 143 2.92 -56.57 25.92
C THR A 143 4.38 -56.26 25.65
N ILE A 144 4.67 -55.69 24.48
CA ILE A 144 6.03 -55.48 24.00
C ILE A 144 6.31 -53.98 23.97
N SER A 145 7.47 -53.57 24.51
CA SER A 145 7.77 -52.15 24.41
C SER A 145 8.78 -51.90 23.29
N PRO A 146 8.67 -50.75 22.60
CA PRO A 146 9.64 -50.45 21.53
C PRO A 146 11.00 -50.03 22.02
N PHE A 147 11.14 -49.62 23.29
CA PHE A 147 12.40 -49.11 23.82
C PHE A 147 13.50 -50.16 23.86
N SER A 148 13.21 -51.41 23.50
CA SER A 148 14.20 -52.46 23.44
C SER A 148 15.35 -52.06 22.51
N PRO A 149 16.60 -52.01 23.01
CA PRO A 149 17.70 -51.54 22.17
C PRO A 149 18.50 -52.66 21.53
N LYS A 150 17.95 -53.87 21.52
CA LYS A 150 18.64 -55.02 20.97
C LYS A 150 17.64 -55.94 20.27
N ASP A 151 18.17 -56.93 19.56
CA ASP A 151 17.38 -57.96 18.89
C ASP A 151 17.52 -59.25 19.70
N ILE A 152 16.47 -59.58 20.45
CA ILE A 152 16.43 -60.77 21.29
C ILE A 152 15.33 -61.70 20.79
N GLU A 153 15.50 -62.99 21.08
CA GLU A 153 14.56 -64.00 20.61
C GLU A 153 14.46 -65.11 21.64
N PHE A 154 13.33 -65.84 21.59
CA PHE A 154 13.06 -66.91 22.53
C PHE A 154 12.24 -67.99 21.84
N PHE A 155 11.99 -69.08 22.57
CA PHE A 155 11.26 -70.24 22.06
C PHE A 155 10.40 -70.84 23.17
N CYS A 156 9.15 -71.18 22.84
CA CYS A 156 8.30 -71.99 23.71
C CYS A 156 7.75 -73.17 22.90
N PHE A 157 7.20 -74.15 23.61
CA PHE A 157 6.78 -75.39 23.00
C PHE A 157 5.51 -75.91 23.67
N CYS A 158 4.85 -76.85 23.02
CA CYS A 158 3.64 -77.46 23.53
C CYS A 158 3.53 -78.90 23.04
N ASP A 159 3.06 -79.79 23.91
CA ASP A 159 3.05 -81.22 23.66
C ASP A 159 1.63 -81.77 23.71
N ASN A 160 1.39 -82.84 22.95
CA ASN A 160 0.08 -83.47 22.85
C ASN A 160 0.16 -84.96 23.17
N THR A 161 -0.91 -85.71 22.88
CA THR A 161 -0.95 -87.13 23.20
C THR A 161 -1.34 -88.01 22.02
N GLU A 162 -2.58 -87.89 21.54
CA GLU A 162 -3.10 -88.76 20.49
C GLU A 162 -2.48 -88.44 19.14
N GLU A 169 0.75 -87.24 17.97
CA GLU A 169 -0.05 -87.02 16.77
C GLU A 169 -1.28 -86.17 17.11
N GLY A 170 -1.07 -85.11 17.88
CA GLY A 170 -2.13 -84.19 18.24
C GLY A 170 -1.80 -82.78 17.80
N ARG A 171 -1.17 -82.67 16.63
CA ARG A 171 -0.77 -81.40 16.05
C ARG A 171 0.19 -80.65 16.97
N SER A 172 1.45 -81.11 17.01
CA SER A 172 2.48 -80.43 17.80
C SER A 172 2.88 -79.13 17.12
N ALA A 173 2.80 -78.03 17.86
CA ALA A 173 3.14 -76.71 17.34
C ALA A 173 4.38 -76.17 18.04
N MET A 174 5.10 -75.30 17.35
CA MET A 174 6.32 -74.69 17.87
C MET A 174 6.13 -73.18 17.92
N VAL A 175 6.78 -72.54 18.89
CA VAL A 175 6.63 -71.12 19.14
C VAL A 175 7.99 -70.46 19.04
N HIS A 176 8.14 -69.55 18.08
CA HIS A 176 9.38 -68.79 17.90
C HIS A 176 9.02 -67.33 17.66
N VAL A 177 9.57 -66.44 18.48
CA VAL A 177 9.31 -65.01 18.39
C VAL A 177 10.61 -64.25 18.57
N ARG A 178 10.85 -63.26 17.72
CA ARG A 178 12.04 -62.41 17.81
C ARG A 178 11.61 -60.94 17.75
N VAL A 179 12.17 -60.13 18.64
CA VAL A 179 11.87 -58.70 18.71
C VAL A 179 12.96 -57.94 17.98
N LEU A 180 12.56 -56.91 17.23
CA LEU A 180 13.48 -56.07 16.49
C LEU A 180 13.51 -54.68 17.11
N LYS A 181 14.71 -54.11 17.23
CA LYS A 181 14.82 -52.71 17.62
C LYS A 181 14.27 -51.83 16.51
N TYR A 182 13.33 -50.96 16.87
CA TYR A 182 12.53 -50.14 15.95
C TYR A 182 13.37 -49.59 14.81
N PRO A 183 12.93 -49.80 13.56
CA PRO A 183 13.76 -49.37 12.41
C PRO A 183 14.10 -47.89 12.40
N HIS A 184 13.12 -47.03 12.63
CA HIS A 184 13.36 -45.59 12.63
C HIS A 184 13.73 -45.16 14.06
N ASN A 185 13.69 -43.86 14.34
CA ASN A 185 14.04 -43.34 15.65
C ASN A 185 12.82 -42.68 16.30
N ILE A 186 12.89 -42.53 17.62
CA ILE A 186 11.81 -41.97 18.40
C ILE A 186 12.28 -40.68 19.09
N LEU A 187 11.36 -39.76 19.30
CA LEU A 187 11.65 -38.45 19.88
C LEU A 187 10.91 -38.35 21.22
N PHE A 188 11.67 -38.30 22.30
CA PHE A 188 11.09 -38.21 23.64
C PHE A 188 11.11 -36.76 24.12
N THR A 189 10.05 -36.36 24.80
CA THR A 189 9.95 -35.05 25.44
C THR A 189 9.27 -35.27 26.79
N ASN A 190 10.07 -35.40 27.85
CA ASN A 190 9.52 -35.63 29.18
C ASN A 190 9.50 -34.28 29.90
N LEU A 191 8.42 -33.54 29.66
CA LEU A 191 8.25 -32.26 30.35
C LEU A 191 7.86 -32.48 31.81
N THR A 192 7.02 -33.47 32.07
CA THR A 192 6.71 -33.85 33.44
C THR A 192 7.95 -34.35 34.15
N ASN A 193 8.08 -33.98 35.42
CA ASN A 193 9.28 -34.31 36.18
C ASN A 193 9.27 -35.80 36.52
N ASP A 194 10.00 -36.58 35.73
CA ASP A 194 10.15 -38.01 35.95
C ASP A 194 11.42 -38.45 35.24
N LEU A 195 12.35 -39.05 35.97
CA LEU A 195 13.64 -39.41 35.42
C LEU A 195 13.59 -40.80 34.80
N PHE A 196 14.31 -40.96 33.68
CA PHE A 196 14.41 -42.24 32.98
C PHE A 196 15.87 -42.54 32.69
N THR A 197 16.25 -43.80 32.84
CA THR A 197 17.61 -44.24 32.54
C THR A 197 17.75 -44.77 31.13
N TYR A 198 16.77 -44.55 30.26
CA TYR A 198 16.85 -44.99 28.87
C TYR A 198 17.88 -44.21 28.07
N LEU A 199 18.43 -43.13 28.63
CA LEU A 199 19.24 -42.10 27.95
C LEU A 199 18.79 -41.88 26.51
N PRO A 200 17.54 -41.47 26.27
CA PRO A 200 17.11 -41.20 24.90
C PRO A 200 17.29 -39.74 24.51
N LYS A 201 16.79 -39.37 23.34
CA LYS A 201 16.73 -37.97 22.93
C LYS A 201 15.55 -37.31 23.63
N THR A 202 15.84 -36.45 24.60
CA THR A 202 14.82 -35.79 25.41
C THR A 202 15.00 -34.29 25.27
N TYR A 203 13.94 -33.62 24.80
CA TYR A 203 13.93 -32.16 24.66
C TYR A 203 12.96 -31.65 25.72
N ASN A 204 13.51 -31.13 26.83
CA ASN A 204 12.68 -30.82 27.98
C ASN A 204 12.03 -29.44 27.86
N GLU A 205 11.85 -28.76 29.01
CA GLU A 205 11.20 -27.46 29.06
C GLU A 205 11.90 -26.43 28.17
N SER A 206 13.23 -26.50 28.05
CA SER A 206 14.02 -25.43 27.44
C SER A 206 13.82 -25.28 25.94
N ASN A 207 13.43 -26.35 25.22
CA ASN A 207 13.39 -26.30 23.77
C ASN A 207 12.17 -25.55 23.21
N PHE A 208 11.22 -25.16 24.06
CA PHE A 208 10.05 -24.43 23.61
C PHE A 208 10.39 -22.95 23.43
N VAL A 209 9.97 -22.38 22.30
CA VAL A 209 10.14 -20.96 22.03
C VAL A 209 8.84 -20.28 22.45
N SER A 210 8.84 -19.67 23.63
CA SER A 210 7.68 -18.96 24.17
C SER A 210 6.45 -19.87 24.23
N ASN A 211 6.65 -21.05 24.81
CA ASN A 211 5.58 -22.00 25.11
C ASN A 211 4.94 -22.60 23.85
N VAL A 212 5.74 -22.81 22.80
CA VAL A 212 5.27 -23.51 21.61
C VAL A 212 6.45 -24.29 21.03
N LEU A 213 6.16 -25.45 20.44
CA LEU A 213 7.18 -26.32 19.90
C LEU A 213 6.77 -26.81 18.52
N GLU A 214 7.51 -26.40 17.50
CA GLU A 214 7.31 -26.85 16.14
C GLU A 214 8.27 -27.99 15.83
N VAL A 215 7.73 -29.12 15.39
CA VAL A 215 8.52 -30.32 15.17
C VAL A 215 8.05 -31.01 13.89
N GLU A 216 8.98 -31.28 12.99
CA GLU A 216 8.70 -32.02 11.76
C GLU A 216 9.16 -33.46 11.92
N LEU A 217 8.39 -34.38 11.34
CA LEU A 217 8.68 -35.81 11.44
C LEU A 217 8.98 -36.37 10.06
N ASN A 218 10.07 -37.12 9.95
CA ASN A 218 10.38 -37.84 8.73
C ASN A 218 9.37 -38.97 8.54
N ASP A 219 9.53 -39.72 7.46
CA ASP A 219 8.58 -40.77 7.10
C ASP A 219 8.84 -41.99 7.98
N GLY A 220 7.93 -42.22 8.94
CA GLY A 220 7.97 -43.42 9.76
C GLY A 220 8.56 -43.27 11.14
N GLU A 221 8.56 -42.07 11.71
CA GLU A 221 9.11 -41.85 13.04
C GLU A 221 7.99 -41.83 14.08
N LEU A 222 8.39 -42.03 15.34
CA LEU A 222 7.48 -42.02 16.48
C LEU A 222 7.79 -40.84 17.37
N PHE A 223 6.75 -40.22 17.92
CA PHE A 223 6.90 -39.10 18.85
C PHE A 223 6.42 -39.51 20.23
N VAL A 224 7.27 -39.32 21.23
CA VAL A 224 6.99 -39.72 22.61
C VAL A 224 6.83 -38.47 23.45
N LEU A 225 5.82 -38.45 24.31
CA LEU A 225 5.49 -37.29 25.12
C LEU A 225 5.01 -37.75 26.49
N ALA A 226 5.73 -37.34 27.54
CA ALA A 226 5.40 -37.71 28.92
C ALA A 226 4.57 -36.59 29.53
N CYS A 227 3.28 -36.86 29.74
CA CYS A 227 2.36 -35.89 30.33
C CYS A 227 1.39 -36.62 31.24
N GLU A 228 1.70 -36.67 32.53
CA GLU A 228 0.81 -37.27 33.52
C GLU A 228 -0.46 -36.46 33.76
N LEU A 229 -0.66 -35.36 33.04
CA LEU A 229 -1.82 -34.50 33.21
C LEU A 229 -2.82 -34.76 32.10
N ILE A 230 -4.10 -34.68 32.44
CA ILE A 230 -5.16 -35.15 31.55
C ILE A 230 -5.56 -34.02 30.62
N ASN A 231 -5.23 -34.16 29.33
CA ASN A 231 -5.53 -33.16 28.33
C ASN A 231 -6.34 -33.80 27.22
N LYS A 232 -7.50 -33.21 26.93
CA LYS A 232 -8.44 -33.80 26.00
C LYS A 232 -8.10 -33.42 24.57
N LYS A 233 -8.72 -34.13 23.63
CA LYS A 233 -8.54 -33.95 22.19
C LYS A 233 -7.07 -34.05 21.78
N CYS A 234 -6.27 -34.82 22.52
CA CYS A 234 -4.83 -34.85 22.27
C CYS A 234 -4.53 -35.61 20.99
N PHE A 235 -3.85 -34.93 20.05
CA PHE A 235 -3.38 -35.53 18.79
C PHE A 235 -4.51 -36.15 17.99
N GLN A 236 -5.68 -35.52 18.03
CA GLN A 236 -6.77 -35.85 17.13
C GLN A 236 -7.47 -34.64 16.53
N GLU A 237 -7.36 -33.46 17.14
CA GLU A 237 -7.96 -32.24 16.62
C GLU A 237 -6.87 -31.47 15.88
N GLY A 238 -6.87 -31.56 14.55
CA GLY A 238 -6.04 -30.69 13.76
C GLY A 238 -6.50 -29.25 13.84
N LYS A 239 -5.56 -28.33 13.60
CA LYS A 239 -5.85 -26.91 13.74
C LYS A 239 -6.07 -26.21 12.40
N GLU A 240 -5.52 -26.74 11.31
CA GLU A 240 -5.71 -26.14 9.99
C GLU A 240 -6.92 -26.77 9.31
N LYS A 241 -7.09 -26.49 8.02
CA LYS A 241 -8.26 -26.99 7.31
C LYS A 241 -8.19 -28.51 7.12
N ALA A 242 -6.99 -29.05 6.96
CA ALA A 242 -6.79 -30.50 6.90
C ALA A 242 -6.00 -30.95 8.12
N LEU A 243 -6.13 -32.24 8.44
CA LEU A 243 -5.51 -32.80 9.63
C LEU A 243 -4.43 -33.80 9.26
N TYR A 244 -3.46 -33.94 10.17
CA TYR A 244 -2.33 -34.85 10.02
C TYR A 244 -2.78 -36.22 10.55
N LYS A 245 -3.29 -37.05 9.65
CA LYS A 245 -3.86 -38.33 10.04
C LYS A 245 -2.75 -39.29 10.49
N SER A 246 -2.83 -39.73 11.73
CA SER A 246 -1.89 -40.69 12.28
C SER A 246 -2.41 -42.11 12.11
N ASN A 247 -1.47 -43.05 11.95
CA ASN A 247 -1.86 -44.45 11.91
C ASN A 247 -2.16 -44.98 13.32
N LYS A 248 -1.28 -44.69 14.28
CA LYS A 248 -1.42 -45.21 15.63
C LYS A 248 -1.18 -44.10 16.65
N ILE A 249 -2.19 -43.81 17.45
CA ILE A 249 -2.05 -43.00 18.64
C ILE A 249 -2.52 -43.82 19.83
N ILE A 250 -1.65 -44.01 20.82
CA ILE A 250 -1.96 -44.81 22.00
C ILE A 250 -1.46 -44.09 23.23
N TYR A 251 -2.01 -44.48 24.39
CA TYR A 251 -1.77 -43.77 25.65
C TYR A 251 -1.63 -44.79 26.77
N HIS A 252 -0.41 -44.96 27.26
CA HIS A 252 -0.12 -45.80 28.42
C HIS A 252 0.61 -44.97 29.48
N LYS A 253 0.17 -45.09 30.73
CA LYS A 253 0.66 -44.24 31.81
C LYS A 253 0.62 -42.76 31.40
N ASN A 254 -0.41 -42.43 30.62
CA ASN A 254 -0.54 -41.15 29.93
C ASN A 254 0.80 -40.66 29.37
N LEU A 255 1.43 -41.54 28.60
CA LEU A 255 2.67 -41.27 27.89
C LEU A 255 2.37 -41.42 26.40
N THR A 256 2.32 -40.28 25.69
CA THR A 256 1.74 -40.21 24.35
C THR A 256 2.68 -40.79 23.29
N ILE A 257 2.09 -41.38 22.26
CA ILE A 257 2.83 -41.96 21.13
C ILE A 257 2.10 -41.61 19.83
N PHE A 258 2.85 -41.15 18.84
CA PHE A 258 2.33 -40.79 17.52
C PHE A 258 3.17 -41.48 16.46
N LYS A 259 2.53 -42.31 15.64
CA LYS A 259 3.20 -43.01 14.55
C LYS A 259 3.02 -42.23 13.25
N ALA A 260 4.12 -41.80 12.67
CA ALA A 260 4.07 -40.97 11.47
C ALA A 260 3.77 -41.83 10.25
N PRO A 261 2.73 -41.52 9.48
CA PRO A 261 2.43 -42.32 8.29
C PRO A 261 3.40 -42.01 7.16
N PHE A 262 3.46 -42.93 6.20
CA PHE A 262 4.35 -42.80 5.05
C PHE A 262 3.71 -42.10 3.87
N TYR A 263 2.38 -42.00 3.84
CA TYR A 263 1.67 -41.39 2.72
C TYR A 263 0.73 -40.32 3.24
N VAL A 264 0.94 -39.08 2.82
CA VAL A 264 0.10 -37.95 3.20
C VAL A 264 -0.35 -37.22 1.94
N THR A 265 -1.27 -36.28 2.12
CA THR A 265 -1.93 -35.60 1.01
C THR A 265 -1.39 -34.19 0.78
N SER A 266 -1.50 -33.31 1.77
CA SER A 266 -1.12 -31.92 1.64
C SER A 266 0.01 -31.58 2.61
N LYS A 267 0.82 -30.60 2.23
CA LYS A 267 1.95 -30.22 3.07
C LYS A 267 1.51 -29.44 4.30
N ASP A 268 0.37 -28.76 4.23
CA ASP A 268 -0.14 -27.98 5.36
C ASP A 268 -1.19 -28.82 6.09
N VAL A 269 -0.68 -29.79 6.85
CA VAL A 269 -1.49 -30.57 7.78
C VAL A 269 -0.80 -30.52 9.14
N ASN A 270 -1.59 -30.68 10.20
CA ASN A 270 -1.04 -30.53 11.54
C ASN A 270 -1.98 -31.16 12.56
N THR A 271 -1.50 -31.23 13.80
CA THR A 271 -2.26 -31.71 14.94
C THR A 271 -1.63 -31.13 16.20
N GLU A 272 -2.40 -31.12 17.29
CA GLU A 272 -2.00 -30.41 18.49
C GLU A 272 -2.30 -31.22 19.75
N CYS A 273 -1.60 -30.86 20.82
CA CYS A 273 -1.84 -31.33 22.18
C CYS A 273 -1.40 -30.22 23.13
N THR A 274 -2.28 -29.83 24.04
CA THR A 274 -2.04 -28.68 24.90
C THR A 274 -1.84 -29.15 26.34
N CYS A 275 -0.68 -29.74 26.60
CA CYS A 275 -0.38 -30.28 27.91
C CYS A 275 -0.03 -29.15 28.89
N LYS A 276 -0.15 -29.45 30.18
CA LYS A 276 0.06 -28.46 31.23
C LYS A 276 1.13 -28.95 32.20
N PHE A 277 1.89 -28.01 32.76
CA PHE A 277 3.02 -28.35 33.63
C PHE A 277 3.50 -27.12 34.40
N LYS A 278 3.43 -27.17 35.73
CA LYS A 278 3.84 -26.06 36.60
C LYS A 278 3.11 -24.77 36.24
N ASN A 279 1.78 -24.85 36.20
CA ASN A 279 0.90 -23.71 35.91
C ASN A 279 1.13 -23.13 34.53
N ASN A 280 1.72 -23.89 33.61
CA ASN A 280 2.05 -23.39 32.28
C ASN A 280 1.43 -24.29 31.21
N ASN A 281 0.84 -23.65 30.20
CA ASN A 281 0.23 -24.35 29.07
C ASN A 281 1.24 -24.36 27.92
N TYR A 282 1.92 -25.49 27.74
CA TYR A 282 2.80 -25.68 26.60
C TYR A 282 2.00 -26.32 25.46
N LYS A 283 2.49 -26.13 24.23
CA LYS A 283 1.80 -26.59 23.05
C LYS A 283 2.77 -27.25 22.08
N ILE A 284 2.39 -28.43 21.59
CA ILE A 284 3.19 -29.19 20.63
C ILE A 284 2.38 -29.32 19.34
N VAL A 285 3.00 -28.97 18.22
CA VAL A 285 2.38 -29.04 16.91
C VAL A 285 3.19 -30.01 16.04
N LEU A 286 2.52 -30.98 15.45
CA LEU A 286 3.16 -31.94 14.55
C LEU A 286 2.89 -31.55 13.10
N LYS A 287 3.85 -31.88 12.23
CA LYS A 287 3.76 -31.56 10.82
C LYS A 287 4.72 -32.48 10.07
N PRO A 288 4.33 -32.99 8.91
CA PRO A 288 5.20 -33.95 8.21
C PRO A 288 6.17 -33.30 7.23
N LYS A 289 7.31 -33.96 7.07
CA LYS A 289 8.27 -33.61 6.04
C LYS A 289 7.74 -34.11 4.70
N TYR A 290 7.22 -33.20 3.88
CA TYR A 290 6.43 -33.59 2.73
C TYR A 290 7.28 -34.18 1.62
N GLU A 291 6.71 -35.15 0.92
CA GLU A 291 7.33 -35.73 -0.28
C GLU A 291 6.25 -36.44 -1.07
N LYS A 292 6.02 -35.98 -2.29
CA LYS A 292 4.98 -36.54 -3.15
C LYS A 292 5.48 -37.82 -3.81
N LYS A 293 4.66 -38.87 -3.77
CA LYS A 293 5.02 -40.19 -4.29
C LYS A 293 3.91 -40.71 -5.20
N VAL A 294 4.32 -41.36 -6.29
CA VAL A 294 3.37 -41.97 -7.21
C VAL A 294 2.72 -43.19 -6.57
N ILE A 295 1.51 -43.50 -7.01
CA ILE A 295 0.81 -44.71 -6.58
C ILE A 295 0.86 -45.72 -7.72
N HIS A 296 1.43 -46.90 -7.45
CA HIS A 296 1.45 -47.97 -8.43
C HIS A 296 0.09 -48.66 -8.42
N GLY A 297 -0.58 -48.65 -9.56
CA GLY A 297 -1.94 -49.11 -9.66
C GLY A 297 -2.59 -48.53 -10.91
N CYS A 298 -3.92 -48.51 -10.90
CA CYS A 298 -4.66 -48.13 -12.10
C CYS A 298 -5.73 -47.09 -11.76
N ASN A 299 -5.66 -45.95 -12.42
CA ASN A 299 -6.66 -44.89 -12.26
C ASN A 299 -7.84 -45.20 -13.15
N PHE A 300 -8.98 -45.55 -12.55
CA PHE A 300 -10.18 -45.85 -13.34
C PHE A 300 -11.15 -44.68 -13.42
N SER A 301 -11.05 -43.71 -12.52
CA SER A 301 -11.99 -42.59 -12.51
C SER A 301 -11.66 -41.61 -13.63
N SER A 302 -12.73 -41.07 -14.23
CA SER A 302 -12.56 -40.18 -15.38
C SER A 302 -11.95 -38.85 -14.99
N ASN A 303 -12.20 -38.40 -13.76
CA ASN A 303 -11.73 -37.08 -13.35
C ASN A 303 -10.21 -37.00 -13.40
N VAL A 304 -9.72 -35.84 -13.86
CA VAL A 304 -8.29 -35.58 -13.92
C VAL A 304 -7.79 -34.75 -12.74
N SER A 305 -8.60 -33.84 -12.20
CA SER A 305 -8.22 -33.03 -11.03
C SER A 305 -8.26 -33.89 -9.78
N SER A 306 -7.11 -34.40 -9.38
CA SER A 306 -7.00 -35.26 -8.21
C SER A 306 -5.66 -35.02 -7.54
N LYS A 307 -5.59 -35.33 -6.25
CA LYS A 307 -4.37 -35.20 -5.47
C LYS A 307 -3.54 -36.46 -5.45
N HIS A 308 -3.86 -37.44 -6.31
CA HIS A 308 -3.13 -38.70 -6.38
C HIS A 308 -2.63 -38.92 -7.80
N THR A 309 -1.46 -39.55 -7.91
CA THR A 309 -0.81 -39.78 -9.20
C THR A 309 -0.61 -41.27 -9.38
N PHE A 310 -1.24 -41.84 -10.40
CA PHE A 310 -1.22 -43.27 -10.65
C PHE A 310 -0.30 -43.62 -11.81
N THR A 311 0.29 -44.81 -11.74
CA THR A 311 1.16 -45.29 -12.81
C THR A 311 0.35 -45.60 -14.07
N ASP A 312 -0.53 -46.60 -13.98
CA ASP A 312 -1.41 -46.96 -15.09
C ASP A 312 -2.73 -46.20 -14.97
N SER A 313 -3.35 -45.95 -16.12
CA SER A 313 -4.56 -45.13 -16.15
C SER A 313 -5.43 -45.53 -17.33
N LEU A 314 -6.74 -45.60 -17.09
CA LEU A 314 -7.72 -45.92 -18.11
C LEU A 314 -9.10 -45.60 -17.56
N ASP A 315 -9.91 -44.90 -18.33
CA ASP A 315 -11.27 -44.57 -17.91
C ASP A 315 -12.18 -45.77 -18.15
N ILE A 316 -12.67 -46.37 -17.06
CA ILE A 316 -13.51 -47.55 -17.15
C ILE A 316 -14.91 -47.23 -17.69
N SER A 317 -15.28 -45.96 -17.78
CA SER A 317 -16.62 -45.58 -18.21
C SER A 317 -16.77 -45.43 -19.72
N LEU A 318 -15.68 -45.50 -20.47
CA LEU A 318 -15.72 -45.24 -21.90
C LEU A 318 -15.39 -46.46 -22.75
N VAL A 319 -15.08 -47.60 -22.14
CA VAL A 319 -14.74 -48.81 -22.89
C VAL A 319 -16.03 -49.50 -23.32
N ASP A 320 -15.89 -50.57 -24.10
CA ASP A 320 -17.05 -51.33 -24.56
C ASP A 320 -17.36 -52.46 -23.57
N ASP A 321 -18.62 -52.88 -23.59
CA ASP A 321 -19.11 -53.89 -22.66
C ASP A 321 -18.66 -55.31 -23.01
N SER A 322 -18.12 -55.53 -24.21
CA SER A 322 -17.79 -56.89 -24.63
C SER A 322 -16.45 -57.38 -24.13
N ALA A 323 -15.56 -56.48 -23.69
CA ALA A 323 -14.22 -56.85 -23.26
C ALA A 323 -14.02 -56.42 -21.82
N HIS A 324 -13.82 -57.38 -20.93
CA HIS A 324 -13.44 -57.12 -19.55
C HIS A 324 -11.91 -57.23 -19.48
N ILE A 325 -11.24 -56.09 -19.68
CA ILE A 325 -9.80 -56.05 -19.77
C ILE A 325 -9.20 -55.95 -18.37
N SER A 326 -7.92 -56.31 -18.25
CA SER A 326 -7.20 -56.27 -16.98
C SER A 326 -6.18 -55.14 -17.00
N CYS A 327 -5.53 -54.95 -15.85
CA CYS A 327 -4.57 -53.86 -15.65
C CYS A 327 -3.45 -54.40 -14.75
N ASN A 328 -2.41 -54.95 -15.38
CA ASN A 328 -1.36 -55.67 -14.67
C ASN A 328 -0.28 -54.73 -14.16
N VAL A 329 0.35 -55.12 -13.05
CA VAL A 329 1.41 -54.35 -12.41
C VAL A 329 2.46 -55.33 -11.90
N HIS A 330 3.73 -55.06 -12.20
CA HIS A 330 4.84 -55.91 -11.82
C HIS A 330 5.92 -55.07 -11.15
N LEU A 331 6.63 -55.67 -10.20
CA LEU A 331 7.67 -54.98 -9.45
C LEU A 331 8.85 -55.91 -9.22
N SER A 332 10.07 -55.38 -9.30
CA SER A 332 11.28 -56.20 -9.19
C SER A 332 12.44 -55.31 -8.73
N GLU A 333 12.61 -55.20 -7.42
CA GLU A 333 13.71 -54.47 -6.79
C GLU A 333 14.22 -55.30 -5.63
N PRO A 334 15.48 -55.06 -5.20
CA PRO A 334 16.00 -55.77 -4.03
C PRO A 334 15.24 -55.44 -2.75
N LYS A 335 15.25 -54.18 -2.36
CA LYS A 335 14.50 -53.69 -1.21
C LYS A 335 13.38 -52.77 -1.70
N TYR A 336 12.25 -52.82 -1.01
CA TYR A 336 11.04 -52.17 -1.48
C TYR A 336 10.62 -51.02 -0.57
N ASN A 337 10.11 -49.95 -1.19
CA ASN A 337 9.48 -48.84 -0.49
C ASN A 337 8.58 -48.11 -1.48
N HIS A 338 7.38 -48.63 -1.71
CA HIS A 338 6.47 -48.06 -2.69
C HIS A 338 5.05 -48.05 -2.13
N LEU A 339 4.17 -47.36 -2.84
CA LEU A 339 2.74 -47.32 -2.52
C LEU A 339 1.96 -47.99 -3.65
N VAL A 340 1.01 -48.84 -3.29
CA VAL A 340 0.25 -49.63 -4.25
C VAL A 340 -1.23 -49.55 -3.91
N GLY A 341 -2.05 -49.22 -4.89
CA GLY A 341 -3.48 -49.18 -4.70
C GLY A 341 -4.21 -49.02 -6.01
N LEU A 342 -5.46 -48.58 -5.92
CA LEU A 342 -6.24 -48.28 -7.12
C LEU A 342 -7.30 -47.25 -6.78
N ASN A 343 -7.85 -46.62 -7.83
CA ASN A 343 -8.89 -45.61 -7.72
C ASN A 343 -10.07 -46.07 -8.58
N CYS A 344 -11.06 -46.69 -7.94
CA CYS A 344 -12.21 -47.27 -8.64
C CYS A 344 -13.46 -46.44 -8.35
N PRO A 345 -14.16 -45.98 -9.38
CA PRO A 345 -15.41 -45.25 -9.13
C PRO A 345 -16.57 -46.15 -8.71
N GLY A 346 -16.46 -47.45 -8.92
CA GLY A 346 -17.54 -48.38 -8.64
C GLY A 346 -17.30 -49.20 -7.39
N ASP A 347 -18.02 -50.31 -7.30
CA ASP A 347 -17.93 -51.19 -6.13
C ASP A 347 -16.61 -51.96 -6.15
N ILE A 348 -15.86 -51.87 -5.07
CA ILE A 348 -14.59 -52.58 -4.93
C ILE A 348 -14.85 -53.87 -4.16
N ILE A 349 -14.61 -55.00 -4.81
CA ILE A 349 -14.78 -56.32 -4.21
C ILE A 349 -13.60 -57.20 -4.60
N PRO A 350 -12.98 -57.92 -3.66
CA PRO A 350 -13.34 -58.00 -2.24
C PRO A 350 -12.82 -56.82 -1.42
N ASP A 351 -12.75 -57.00 -0.10
CA ASP A 351 -12.19 -55.97 0.76
C ASP A 351 -10.70 -55.82 0.46
N CYS A 352 -10.34 -54.74 -0.21
CA CYS A 352 -8.95 -54.44 -0.53
C CYS A 352 -8.49 -53.27 0.32
N PHE A 353 -7.25 -53.33 0.81
CA PHE A 353 -6.33 -54.41 0.48
C PHE A 353 -6.06 -55.37 1.64
N PHE A 354 -6.89 -55.32 2.69
CA PHE A 354 -6.67 -56.22 3.81
C PHE A 354 -6.98 -57.66 3.45
N GLN A 355 -7.95 -57.88 2.55
CA GLN A 355 -8.39 -59.22 2.15
C GLN A 355 -8.44 -59.29 0.62
N VAL A 356 -7.27 -59.33 0.00
CA VAL A 356 -7.15 -59.40 -1.45
C VAL A 356 -7.66 -60.76 -1.94
N TYR A 357 -7.86 -60.89 -3.25
CA TYR A 357 -8.25 -62.16 -3.83
C TYR A 357 -7.00 -62.94 -4.24
N GLN A 358 -7.03 -64.26 -4.04
CA GLN A 358 -5.90 -65.10 -4.37
C GLN A 358 -5.66 -65.12 -5.87
N PRO A 359 -4.40 -65.31 -6.30
CA PRO A 359 -4.11 -65.42 -7.73
C PRO A 359 -4.50 -66.78 -8.30
N GLU A 360 -4.14 -67.02 -9.55
CA GLU A 360 -4.44 -68.29 -10.20
C GLU A 360 -3.26 -69.25 -10.11
N ASN A 368 -10.91 -67.78 -3.83
CA ASN A 368 -10.20 -67.86 -2.57
C ASN A 368 -9.88 -66.47 -2.02
N ILE A 369 -10.22 -66.24 -0.75
CA ILE A 369 -9.99 -64.99 -0.06
C ILE A 369 -8.98 -65.23 1.05
N VAL A 370 -7.93 -64.41 1.11
CA VAL A 370 -6.87 -64.54 2.11
C VAL A 370 -6.47 -63.15 2.59
N TYR A 371 -5.77 -63.13 3.73
CA TYR A 371 -5.22 -61.90 4.29
C TYR A 371 -4.01 -61.44 3.49
N LEU A 372 -3.81 -60.12 3.44
CA LEU A 372 -2.69 -59.56 2.68
C LEU A 372 -1.37 -59.88 3.36
N ASP A 373 -1.25 -59.55 4.65
CA ASP A 373 -0.02 -59.82 5.39
C ASP A 373 0.35 -61.31 5.39
N SER A 374 -0.65 -62.19 5.21
CA SER A 374 -0.36 -63.63 5.21
C SER A 374 0.48 -64.05 4.02
N GLN A 375 0.31 -63.40 2.86
CA GLN A 375 1.07 -63.77 1.67
C GLN A 375 2.40 -63.03 1.56
N ILE A 376 2.45 -61.76 2.00
CA ILE A 376 3.69 -61.00 1.88
C ILE A 376 4.69 -61.40 2.96
N ASN A 377 4.19 -61.79 4.14
CA ASN A 377 5.03 -62.22 5.27
C ASN A 377 5.95 -61.09 5.74
N ILE A 378 5.40 -59.88 5.81
CA ILE A 378 6.12 -58.70 6.29
C ILE A 378 5.17 -57.91 7.18
N GLY A 379 5.62 -57.58 8.40
CA GLY A 379 4.76 -56.87 9.32
C GLY A 379 4.55 -55.41 8.96
N ASP A 380 5.49 -54.82 8.22
CA ASP A 380 5.44 -53.40 7.91
C ASP A 380 4.57 -53.20 6.67
N ILE A 381 3.26 -53.32 6.88
CA ILE A 381 2.28 -53.06 5.83
C ILE A 381 1.17 -52.15 6.38
N GLU A 382 1.26 -50.86 6.11
CA GLU A 382 0.24 -49.92 6.56
C GLU A 382 -0.79 -49.70 5.47
N TYR A 383 -2.03 -49.49 5.90
CA TYR A 383 -3.17 -49.37 4.99
C TYR A 383 -3.73 -47.96 5.06
N TYR A 384 -4.08 -47.41 3.90
CA TYR A 384 -4.58 -46.04 3.79
C TYR A 384 -5.80 -46.01 2.88
N GLU A 385 -6.78 -45.19 3.26
CA GLU A 385 -8.02 -45.09 2.51
C GLU A 385 -8.48 -43.63 2.46
N ASP A 386 -9.27 -43.31 1.44
CA ASP A 386 -9.71 -41.95 1.16
C ASP A 386 -10.72 -42.02 0.01
N ALA A 387 -11.57 -40.99 -0.07
CA ALA A 387 -12.55 -40.88 -1.15
C ALA A 387 -12.69 -39.42 -1.57
N GLU A 388 -12.99 -39.23 -2.86
CA GLU A 388 -13.21 -37.91 -3.46
C GLU A 388 -14.53 -37.99 -4.23
N GLY A 389 -15.63 -37.67 -3.56
CA GLY A 389 -16.92 -37.85 -4.19
C GLY A 389 -17.25 -39.33 -4.25
N ASP A 390 -17.68 -39.79 -5.42
CA ASP A 390 -17.91 -41.22 -5.62
C ASP A 390 -16.62 -42.00 -5.88
N ASP A 391 -15.52 -41.30 -6.16
CA ASP A 391 -14.24 -41.97 -6.37
C ASP A 391 -13.76 -42.59 -5.07
N LYS A 392 -13.49 -43.89 -5.09
CA LYS A 392 -13.01 -44.63 -3.92
C LYS A 392 -11.57 -45.02 -4.16
N ILE A 393 -10.69 -44.64 -3.24
CA ILE A 393 -9.26 -44.86 -3.38
C ILE A 393 -8.79 -45.69 -2.18
N LYS A 394 -8.41 -46.94 -2.44
CA LYS A 394 -7.84 -47.83 -1.44
C LYS A 394 -6.42 -48.18 -1.86
N LEU A 395 -5.51 -48.26 -0.88
CA LEU A 395 -4.11 -48.51 -1.17
C LEU A 395 -3.41 -49.02 0.08
N PHE A 396 -2.13 -49.34 -0.07
CA PHE A 396 -1.30 -49.81 1.03
C PHE A 396 0.15 -49.60 0.67
N GLY A 397 0.99 -49.49 1.71
CA GLY A 397 2.43 -49.34 1.51
C GLY A 397 3.21 -50.54 2.00
N ILE A 398 4.44 -50.71 1.49
CA ILE A 398 5.25 -51.88 1.80
C ILE A 398 6.71 -51.46 1.92
N VAL A 399 7.39 -52.00 2.93
CA VAL A 399 8.81 -51.73 3.18
C VAL A 399 9.47 -53.03 3.62
N GLY A 400 10.55 -53.40 2.94
CA GLY A 400 11.33 -54.56 3.31
C GLY A 400 11.30 -55.64 2.25
N SER A 401 12.39 -56.40 2.18
CA SER A 401 12.46 -57.50 1.23
C SER A 401 11.47 -58.59 1.58
N ILE A 402 10.87 -59.19 0.56
CA ILE A 402 9.89 -60.25 0.76
C ILE A 402 10.60 -61.60 0.73
N PRO A 403 10.07 -62.62 1.40
CA PRO A 403 10.74 -63.93 1.40
C PRO A 403 10.64 -64.64 0.05
N LYS A 404 9.44 -64.72 -0.52
CA LYS A 404 9.23 -65.43 -1.78
C LYS A 404 8.31 -64.64 -2.68
N THR A 405 8.54 -64.77 -3.98
CA THR A 405 7.72 -64.08 -4.98
C THR A 405 6.27 -64.50 -4.88
N THR A 406 5.38 -63.53 -4.73
CA THR A 406 3.96 -63.78 -4.52
C THR A 406 3.14 -62.85 -5.41
N SER A 407 1.84 -63.14 -5.49
CA SER A 407 0.93 -62.38 -6.34
C SER A 407 -0.45 -62.33 -5.69
N PHE A 408 -1.30 -61.46 -6.24
CA PHE A 408 -2.65 -61.23 -5.71
C PHE A 408 -3.38 -60.33 -6.69
N THR A 409 -4.71 -60.26 -6.53
CA THR A 409 -5.57 -59.46 -7.40
C THR A 409 -6.66 -58.76 -6.60
N CYS A 410 -7.09 -57.61 -7.09
CA CYS A 410 -8.29 -56.92 -6.62
C CYS A 410 -9.15 -56.58 -7.84
N ILE A 411 -10.44 -56.37 -7.62
CA ILE A 411 -11.42 -56.26 -8.70
C ILE A 411 -12.28 -55.03 -8.50
N CYS A 412 -12.51 -54.28 -9.58
CA CYS A 412 -13.37 -53.11 -9.61
C CYS A 412 -14.51 -53.36 -10.58
N LYS A 413 -15.72 -52.96 -10.21
CA LYS A 413 -16.90 -53.25 -11.01
C LYS A 413 -17.88 -52.09 -10.90
N LYS A 414 -18.24 -51.51 -12.04
CA LYS A 414 -19.23 -50.44 -12.12
C LYS A 414 -20.27 -50.81 -13.16
N ASP A 415 -21.52 -50.97 -12.72
CA ASP A 415 -22.63 -51.37 -13.58
C ASP A 415 -22.33 -52.67 -14.31
N LYS A 416 -22.20 -52.62 -15.63
CA LYS A 416 -21.96 -53.81 -16.45
C LYS A 416 -20.49 -53.94 -16.86
N LYS A 417 -19.58 -53.34 -16.11
CA LYS A 417 -18.15 -53.34 -16.43
C LYS A 417 -17.37 -53.95 -15.28
N SER A 418 -16.36 -54.75 -15.61
CA SER A 418 -15.53 -55.41 -14.59
C SER A 418 -14.08 -55.38 -15.04
N ALA A 419 -13.24 -54.65 -14.30
CA ALA A 419 -11.81 -54.60 -14.54
C ALA A 419 -11.07 -55.26 -13.38
N TYR A 420 -9.94 -55.89 -13.70
CA TYR A 420 -9.17 -56.66 -12.75
C TYR A 420 -7.74 -56.13 -12.72
N MET A 421 -7.21 -55.91 -11.52
CA MET A 421 -5.87 -55.34 -11.33
C MET A 421 -4.99 -56.37 -10.63
N THR A 422 -4.11 -57.01 -11.39
CA THR A 422 -3.20 -58.02 -10.87
C THR A 422 -1.85 -57.39 -10.57
N VAL A 423 -1.29 -57.73 -9.40
CA VAL A 423 0.00 -57.21 -8.96
C VAL A 423 0.93 -58.39 -8.68
N THR A 424 2.20 -58.22 -9.04
CA THR A 424 3.22 -59.25 -8.81
C THR A 424 4.43 -58.61 -8.16
N ILE A 425 4.90 -59.21 -7.07
CA ILE A 425 6.02 -58.69 -6.29
C ILE A 425 7.09 -59.77 -6.23
N ASP A 426 8.31 -59.44 -6.65
CA ASP A 426 9.40 -60.39 -6.71
C ASP A 426 10.23 -60.35 -5.43
N SER A 427 10.93 -61.45 -5.18
CA SER A 427 11.84 -61.52 -4.04
C SER A 427 13.22 -61.01 -4.42
N ALA A 428 13.71 -61.39 -5.60
CA ALA A 428 15.01 -60.95 -6.06
C ALA A 428 14.86 -60.02 -7.26
N VAL B 21 32.52 -23.47 3.93
CA VAL B 21 31.21 -22.84 4.04
C VAL B 21 31.14 -21.61 3.15
N MET B 22 30.15 -21.58 2.26
CA MET B 22 29.98 -20.49 1.31
C MET B 22 28.48 -20.25 1.10
N LEU B 23 28.10 -18.98 0.95
CA LEU B 23 26.70 -18.60 0.77
C LEU B 23 26.66 -17.48 -0.27
N VAL B 24 26.21 -17.82 -1.48
CA VAL B 24 26.17 -16.89 -2.61
C VAL B 24 24.75 -16.39 -2.82
N GLU B 25 24.58 -15.08 -2.88
CA GLU B 25 23.30 -14.44 -3.15
C GLU B 25 23.22 -14.01 -4.62
N SER B 26 22.00 -13.70 -5.05
CA SER B 26 21.77 -13.27 -6.42
C SER B 26 20.35 -12.73 -6.55
N GLY B 27 20.18 -11.79 -7.47
CA GLY B 27 18.87 -11.23 -7.78
C GLY B 27 18.73 -9.75 -7.53
N GLY B 28 19.74 -9.07 -6.98
CA GLY B 28 19.62 -7.66 -6.67
C GLY B 28 19.42 -6.77 -7.88
N ASP B 29 18.31 -6.07 -7.94
CA ASP B 29 17.97 -5.23 -9.08
C ASP B 29 16.94 -4.20 -8.65
N LEU B 30 16.92 -3.07 -9.36
CA LEU B 30 15.92 -2.05 -9.06
C LEU B 30 14.55 -2.48 -9.55
N VAL B 31 13.51 -1.98 -8.89
CA VAL B 31 12.14 -2.26 -9.29
C VAL B 31 11.29 -1.06 -8.91
N LYS B 32 10.31 -0.74 -9.75
CA LYS B 32 9.41 0.37 -9.49
C LYS B 32 8.62 0.12 -8.20
N PRO B 33 8.24 1.18 -7.48
CA PRO B 33 7.49 1.00 -6.23
C PRO B 33 6.17 0.27 -6.44
N GLY B 34 6.09 -0.94 -5.90
CA GLY B 34 4.91 -1.78 -6.03
C GLY B 34 5.16 -3.06 -6.82
N GLY B 35 6.23 -3.12 -7.59
CA GLY B 35 6.58 -4.32 -8.35
C GLY B 35 6.98 -5.50 -7.48
N SER B 36 7.61 -6.50 -8.08
CA SER B 36 8.00 -7.70 -7.35
C SER B 36 9.36 -8.17 -7.85
N LEU B 37 10.01 -9.02 -7.06
CA LEU B 37 11.33 -9.52 -7.37
C LEU B 37 11.59 -10.80 -6.59
N LYS B 38 12.34 -11.72 -7.21
CA LYS B 38 12.72 -12.98 -6.60
C LYS B 38 14.23 -13.08 -6.53
N VAL B 39 14.75 -13.43 -5.35
CA VAL B 39 16.19 -13.57 -5.13
C VAL B 39 16.50 -14.98 -4.70
N SER B 40 17.78 -15.36 -4.85
CA SER B 40 18.25 -16.71 -4.56
C SER B 40 19.41 -16.67 -3.56
N CYS B 41 19.74 -17.85 -3.03
CA CYS B 41 20.85 -18.00 -2.09
C CYS B 41 21.33 -19.44 -2.17
N ALA B 42 22.56 -19.63 -2.64
CA ALA B 42 23.16 -20.95 -2.77
C ALA B 42 23.98 -21.32 -1.55
N ALA B 43 24.11 -22.62 -1.30
CA ALA B 43 24.81 -23.14 -0.14
C ALA B 43 25.93 -24.08 -0.58
N SER B 44 27.00 -24.11 0.22
CA SER B 44 28.13 -24.97 -0.06
C SER B 44 28.86 -25.28 1.25
N GLY B 45 29.33 -26.52 1.37
CA GLY B 45 30.16 -26.92 2.49
C GLY B 45 29.45 -27.58 3.65
N PHE B 46 28.18 -27.92 3.50
CA PHE B 46 27.42 -28.53 4.59
C PHE B 46 26.14 -29.14 4.04
N THR B 47 25.53 -29.99 4.85
CA THR B 47 24.25 -30.62 4.50
C THR B 47 23.13 -29.61 4.70
N PHE B 48 22.44 -29.27 3.60
CA PHE B 48 21.43 -28.22 3.66
C PHE B 48 20.25 -28.61 4.55
N SER B 49 19.72 -29.82 4.35
CA SER B 49 18.51 -30.25 5.05
C SER B 49 18.66 -30.31 6.57
N ASN B 50 19.87 -30.18 7.10
CA ASN B 50 20.08 -30.29 8.54
C ASN B 50 20.04 -28.95 9.27
N TYR B 51 20.04 -27.82 8.56
CA TYR B 51 20.09 -26.51 9.19
C TYR B 51 18.93 -25.65 8.73
N ALA B 52 18.49 -24.79 9.64
CA ALA B 52 17.49 -23.77 9.33
C ALA B 52 18.17 -22.53 8.77
N MET B 53 17.47 -21.82 7.90
CA MET B 53 18.00 -20.66 7.21
C MET B 53 17.14 -19.43 7.53
N SER B 54 17.67 -18.26 7.20
CA SER B 54 16.99 -17.00 7.49
C SER B 54 17.59 -15.89 6.64
N TRP B 55 16.83 -14.81 6.50
CA TRP B 55 17.24 -13.62 5.78
C TRP B 55 17.22 -12.42 6.72
N VAL B 56 18.16 -11.50 6.50
CA VAL B 56 18.28 -10.27 7.30
C VAL B 56 18.68 -9.13 6.37
N ARG B 57 18.03 -7.98 6.53
CA ARG B 57 18.29 -6.82 5.67
C ARG B 57 18.86 -5.67 6.49
N GLN B 58 19.51 -4.73 5.80
CA GLN B 58 20.21 -3.60 6.42
C GLN B 58 19.86 -2.32 5.68
N THR B 59 19.13 -1.43 6.35
CA THR B 59 18.70 -0.13 5.84
C THR B 59 19.89 0.74 5.45
N PRO B 60 19.68 1.87 4.75
CA PRO B 60 20.82 2.77 4.48
C PRO B 60 21.44 3.37 5.74
N GLU B 61 20.74 3.31 6.88
CA GLU B 61 21.29 3.74 8.15
C GLU B 61 22.07 2.62 8.85
N LYS B 62 22.46 1.58 8.13
CA LYS B 62 23.23 0.46 8.65
C LYS B 62 22.55 -0.21 9.84
N ARG B 63 21.25 -0.01 9.99
CA ARG B 63 20.47 -0.63 11.05
C ARG B 63 20.00 -2.01 10.59
N LEU B 64 20.35 -3.04 11.34
CA LEU B 64 19.96 -4.40 10.98
C LEU B 64 18.54 -4.69 11.42
N GLU B 65 17.90 -5.63 10.72
CA GLU B 65 16.54 -6.05 11.05
C GLU B 65 16.26 -7.41 10.41
N TRP B 66 15.62 -8.29 11.18
CA TRP B 66 15.23 -9.60 10.70
C TRP B 66 14.01 -9.51 9.79
N VAL B 67 13.98 -10.36 8.76
CA VAL B 67 12.94 -10.30 7.75
C VAL B 67 12.18 -11.61 7.60
N ALA B 68 12.86 -12.76 7.70
CA ALA B 68 12.17 -14.05 7.53
C ALA B 68 13.12 -15.19 7.88
N THR B 69 12.54 -16.28 8.40
CA THR B 69 13.27 -17.50 8.69
C THR B 69 12.39 -18.70 8.34
N ILE B 70 13.02 -19.76 7.85
CA ILE B 70 12.34 -20.99 7.48
C ILE B 70 13.09 -22.17 8.07
N SER B 71 12.34 -23.21 8.46
CA SER B 71 12.93 -24.38 9.09
C SER B 71 13.53 -25.31 8.04
N SER B 72 14.19 -26.37 8.51
CA SER B 72 14.86 -27.30 7.62
C SER B 72 13.88 -27.97 6.67
N GLY B 73 12.80 -28.52 7.20
CA GLY B 73 11.81 -29.19 6.38
C GLY B 73 10.83 -28.30 5.66
N ALA B 74 11.02 -26.98 5.72
CA ALA B 74 10.24 -26.01 4.94
C ALA B 74 8.74 -26.14 5.23
N SER B 75 8.38 -26.35 6.50
CA SER B 75 6.99 -26.37 6.92
C SER B 75 6.64 -25.22 7.86
N TYR B 76 7.45 -25.00 8.88
CA TYR B 76 7.22 -23.92 9.84
C TYR B 76 7.95 -22.67 9.35
N THR B 77 7.19 -21.59 9.12
CA THR B 77 7.74 -20.33 8.62
C THR B 77 7.24 -19.17 9.47
N HIS B 78 8.13 -18.20 9.71
CA HIS B 78 7.81 -17.03 10.52
C HIS B 78 8.28 -15.76 9.83
N TYR B 79 7.48 -14.69 9.95
CA TYR B 79 7.79 -13.37 9.44
C TYR B 79 7.44 -12.35 10.52
N PRO B 80 8.08 -11.18 10.51
CA PRO B 80 7.66 -10.10 11.41
C PRO B 80 6.39 -9.44 10.89
N ASP B 81 5.62 -8.90 11.84
CA ASP B 81 4.30 -8.35 11.51
C ASP B 81 4.35 -7.20 10.51
N SER B 82 5.52 -6.62 10.24
CA SER B 82 5.59 -5.51 9.31
C SER B 82 5.51 -5.96 7.85
N VAL B 83 6.10 -7.09 7.53
CA VAL B 83 6.19 -7.57 6.15
C VAL B 83 5.35 -8.82 5.93
N LYS B 84 4.44 -9.14 6.84
CA LYS B 84 3.62 -10.34 6.70
C LYS B 84 2.76 -10.26 5.45
N GLY B 85 2.71 -11.37 4.70
CA GLY B 85 1.88 -11.46 3.52
C GLY B 85 2.59 -11.17 2.22
N ARG B 86 3.29 -10.04 2.12
CA ARG B 86 3.92 -9.69 0.86
C ARG B 86 5.21 -10.44 0.62
N PHE B 87 5.90 -10.88 1.67
CA PHE B 87 7.16 -11.61 1.52
C PHE B 87 6.91 -13.10 1.71
N THR B 88 7.49 -13.91 0.82
CA THR B 88 7.30 -15.35 0.82
C THR B 88 8.66 -16.03 0.80
N ILE B 89 8.99 -16.72 1.89
CA ILE B 89 10.24 -17.47 1.98
C ILE B 89 10.00 -18.88 1.46
N SER B 90 11.05 -19.50 0.93
CA SER B 90 10.95 -20.82 0.33
C SER B 90 12.35 -21.40 0.15
N ARG B 91 12.43 -22.73 0.21
CA ARG B 91 13.70 -23.43 0.06
C ARG B 91 13.49 -24.69 -0.76
N ASP B 92 14.53 -25.09 -1.48
CA ASP B 92 14.54 -26.30 -2.29
C ASP B 92 15.78 -27.10 -1.90
N ASN B 93 15.60 -28.11 -1.06
CA ASN B 93 16.73 -28.90 -0.57
C ASN B 93 17.44 -29.65 -1.69
N ALA B 94 16.70 -30.08 -2.71
CA ALA B 94 17.32 -30.82 -3.81
C ALA B 94 18.42 -30.01 -4.50
N LYS B 95 18.26 -28.68 -4.58
CA LYS B 95 19.22 -27.83 -5.24
C LYS B 95 20.11 -27.05 -4.28
N ASN B 96 19.85 -27.13 -2.98
CA ASN B 96 20.60 -26.38 -1.97
C ASN B 96 20.48 -24.87 -2.20
N THR B 97 19.26 -24.42 -2.50
CA THR B 97 18.98 -23.02 -2.77
C THR B 97 17.89 -22.50 -1.84
N LEU B 98 17.99 -21.22 -1.53
CA LEU B 98 17.02 -20.53 -0.67
C LEU B 98 16.45 -19.35 -1.44
N TYR B 99 15.13 -19.23 -1.47
CA TYR B 99 14.44 -18.21 -2.24
C TYR B 99 13.63 -17.29 -1.32
N LEU B 100 13.41 -16.06 -1.80
CA LEU B 100 12.59 -15.10 -1.08
C LEU B 100 11.86 -14.23 -2.10
N GLN B 101 10.54 -14.38 -2.16
CA GLN B 101 9.69 -13.65 -3.09
C GLN B 101 9.13 -12.40 -2.42
N MET B 102 9.62 -11.24 -2.84
CA MET B 102 9.13 -9.96 -2.34
C MET B 102 8.09 -9.41 -3.30
N SER B 103 6.95 -8.97 -2.76
CA SER B 103 5.86 -8.44 -3.56
C SER B 103 5.39 -7.12 -3.00
N SER B 104 4.88 -6.27 -3.89
CA SER B 104 4.34 -4.95 -3.55
C SER B 104 5.34 -4.15 -2.71
N LEU B 105 6.52 -3.93 -3.29
CA LEU B 105 7.59 -3.27 -2.56
C LEU B 105 7.28 -1.79 -2.35
N ARG B 106 7.89 -1.24 -1.31
CA ARG B 106 7.75 0.15 -0.93
C ARG B 106 9.13 0.77 -0.74
N SER B 107 9.13 2.09 -0.58
CA SER B 107 10.38 2.82 -0.32
C SER B 107 11.11 2.24 0.88
N GLU B 108 10.36 1.83 1.91
CA GLU B 108 10.99 1.34 3.13
C GLU B 108 11.77 0.05 2.90
N ASP B 109 11.36 -0.76 1.92
CA ASP B 109 11.93 -2.09 1.72
C ASP B 109 13.31 -2.09 1.06
N THR B 110 13.84 -0.95 0.63
CA THR B 110 15.15 -0.95 -0.03
C THR B 110 16.25 -1.11 1.01
N ALA B 111 17.12 -2.10 0.80
CA ALA B 111 18.17 -2.43 1.76
C ALA B 111 19.13 -3.45 1.13
N MET B 112 20.08 -3.90 1.94
CA MET B 112 21.02 -4.96 1.59
C MET B 112 20.59 -6.25 2.31
N TYR B 113 20.41 -7.33 1.56
CA TYR B 113 19.82 -8.55 2.08
C TYR B 113 20.85 -9.66 2.19
N TYR B 114 20.95 -10.27 3.38
CA TYR B 114 21.84 -11.38 3.67
C TYR B 114 21.01 -12.62 4.01
N CYS B 115 21.56 -13.80 3.69
CA CYS B 115 20.92 -15.07 4.03
C CYS B 115 21.79 -15.80 5.05
N GLY B 116 21.69 -15.39 6.30
CA GLY B 116 22.39 -16.07 7.38
C GLY B 116 21.82 -17.44 7.69
N ARG B 117 22.62 -18.24 8.39
CA ARG B 117 22.29 -19.62 8.75
C ARG B 117 22.14 -19.74 10.26
N GLN B 118 20.99 -20.24 10.71
CA GLN B 118 20.78 -20.48 12.13
C GLN B 118 21.64 -21.63 12.62
N VAL B 119 22.04 -21.55 13.89
CA VAL B 119 22.85 -22.59 14.54
C VAL B 119 21.92 -23.57 15.24
N ASN B 120 22.24 -24.86 15.13
CA ASN B 120 21.42 -25.92 15.73
C ASN B 120 22.15 -26.69 16.82
N ARG B 121 23.21 -26.13 17.40
CA ARG B 121 23.83 -26.76 18.56
C ARG B 121 22.81 -26.98 19.66
N HIS B 122 21.92 -26.01 19.84
CA HIS B 122 20.80 -26.13 20.75
C HIS B 122 19.57 -26.49 19.92
N ASP B 123 18.79 -27.45 20.40
CA ASP B 123 17.65 -27.92 19.62
C ASP B 123 16.46 -26.97 19.74
N ARG B 124 16.72 -25.68 19.57
CA ARG B 124 15.70 -24.64 19.66
C ARG B 124 15.42 -24.08 18.27
N ALA B 125 14.14 -23.79 18.01
CA ALA B 125 13.75 -23.26 16.71
C ALA B 125 14.31 -21.87 16.45
N LEU B 126 14.71 -21.15 17.50
CA LEU B 126 15.23 -19.79 17.37
C LEU B 126 16.63 -19.73 17.97
N ASP B 127 17.59 -19.24 17.18
CA ASP B 127 18.97 -19.17 17.62
C ASP B 127 19.70 -18.09 16.82
N ALA B 128 20.99 -17.96 17.08
CA ALA B 128 21.83 -16.98 16.41
C ALA B 128 22.34 -17.53 15.07
N MET B 129 22.91 -16.63 14.28
CA MET B 129 23.39 -16.95 12.94
C MET B 129 24.91 -17.10 13.00
N ASP B 130 25.41 -18.31 12.74
CA ASP B 130 26.86 -18.51 12.75
C ASP B 130 27.52 -17.89 11.52
N TYR B 131 27.11 -18.33 10.34
CA TYR B 131 27.73 -17.89 9.08
C TYR B 131 26.75 -17.05 8.28
N TRP B 132 27.22 -15.92 7.77
CA TRP B 132 26.43 -14.99 6.99
C TRP B 132 26.89 -14.98 5.53
N GLY B 133 26.00 -14.52 4.65
CA GLY B 133 26.34 -14.30 3.25
C GLY B 133 27.04 -12.97 3.05
N GLN B 134 27.17 -12.59 1.78
CA GLN B 134 27.83 -11.34 1.43
C GLN B 134 26.86 -10.21 1.13
N GLY B 135 25.65 -10.51 0.66
CA GLY B 135 24.64 -9.50 0.45
C GLY B 135 24.40 -9.23 -1.03
N THR B 136 23.23 -8.66 -1.30
CA THR B 136 22.85 -8.25 -2.65
C THR B 136 21.87 -7.08 -2.54
N SER B 137 22.11 -6.02 -3.32
CA SER B 137 21.42 -4.75 -3.16
C SER B 137 20.17 -4.69 -4.03
N VAL B 138 19.03 -4.40 -3.40
CA VAL B 138 17.78 -4.16 -4.11
C VAL B 138 17.45 -2.67 -4.00
N THR B 139 16.79 -2.15 -5.05
CA THR B 139 16.47 -0.73 -5.16
C THR B 139 14.99 -0.57 -5.52
N VAL B 140 14.33 0.38 -4.84
CA VAL B 140 12.90 0.62 -5.04
C VAL B 140 12.61 1.91 -5.79
N SER B 141 13.60 2.77 -6.01
CA SER B 141 13.34 4.06 -6.63
C SER B 141 12.73 3.91 -8.02
N PRO B 142 11.75 4.75 -8.39
CA PRO B 142 11.18 4.70 -9.74
C PRO B 142 11.99 5.51 -10.73
N ALA B 143 13.29 5.65 -10.49
CA ALA B 143 14.14 6.44 -11.36
C ALA B 143 14.63 5.62 -12.54
N LYS B 144 14.85 6.30 -13.66
CA LYS B 144 15.26 5.62 -14.88
C LYS B 144 16.72 5.20 -14.78
N THR B 145 17.01 3.98 -15.24
CA THR B 145 18.36 3.44 -15.22
C THR B 145 19.22 4.20 -16.23
N THR B 146 20.08 5.08 -15.75
CA THR B 146 20.89 5.96 -16.57
C THR B 146 22.38 5.61 -16.47
N PRO B 147 23.09 5.58 -17.60
CA PRO B 147 24.53 5.32 -17.58
C PRO B 147 25.31 6.53 -17.09
N PRO B 148 26.53 6.34 -16.60
CA PRO B 148 27.30 7.44 -16.02
C PRO B 148 27.95 8.33 -17.07
N SER B 149 28.54 9.42 -16.59
CA SER B 149 29.31 10.37 -17.39
C SER B 149 30.63 10.60 -16.66
N VAL B 150 31.69 9.92 -17.11
CA VAL B 150 32.99 10.01 -16.46
C VAL B 150 33.77 11.19 -17.03
N TYR B 151 34.33 12.00 -16.15
CA TYR B 151 35.14 13.15 -16.53
C TYR B 151 36.50 13.10 -15.84
N PRO B 152 37.56 13.52 -16.52
CA PRO B 152 38.88 13.50 -15.89
C PRO B 152 39.12 14.74 -15.04
N LEU B 153 39.97 14.58 -14.03
CA LEU B 153 40.30 15.66 -13.10
C LEU B 153 41.82 15.83 -13.07
N ALA B 154 42.30 16.90 -13.71
CA ALA B 154 43.71 17.24 -13.73
C ALA B 154 43.93 18.66 -13.22
N PRO B 155 45.04 18.92 -12.55
CA PRO B 155 45.30 20.27 -12.05
C PRO B 155 45.81 21.20 -13.14
N GLY B 156 45.44 22.47 -13.01
CA GLY B 156 45.87 23.51 -13.94
C GLY B 156 46.81 24.48 -13.25
N SER B 157 47.85 24.88 -13.98
CA SER B 157 48.86 25.82 -13.47
C SER B 157 49.49 25.33 -12.17
N SER B 163 56.63 17.94 -2.99
CA SER B 163 55.65 18.03 -4.06
C SER B 163 55.41 16.66 -4.69
N MET B 164 54.15 16.22 -4.67
CA MET B 164 53.74 14.94 -5.24
C MET B 164 52.43 15.12 -5.99
N VAL B 165 52.27 14.31 -7.04
CA VAL B 165 51.11 14.41 -7.91
C VAL B 165 49.92 13.73 -7.23
N THR B 166 48.73 14.30 -7.42
CA THR B 166 47.50 13.69 -6.95
C THR B 166 46.45 13.88 -8.04
N LEU B 167 45.93 12.78 -8.56
CA LEU B 167 44.97 12.81 -9.65
C LEU B 167 43.59 12.40 -9.13
N GLY B 168 42.59 12.56 -10.00
CA GLY B 168 41.22 12.27 -9.62
C GLY B 168 40.37 11.88 -10.81
N CYS B 169 39.20 11.32 -10.51
CA CYS B 169 38.26 10.89 -11.52
C CYS B 169 36.86 11.23 -11.01
N LEU B 170 35.98 11.58 -11.94
CA LEU B 170 34.65 12.07 -11.61
C LEU B 170 33.61 11.26 -12.35
N VAL B 171 32.58 10.81 -11.62
CA VAL B 171 31.47 10.04 -12.17
C VAL B 171 30.19 10.75 -11.76
N LYS B 172 29.50 11.34 -12.72
CA LYS B 172 28.28 12.07 -12.44
C LYS B 172 27.18 11.60 -13.38
N GLY B 173 25.93 11.80 -12.95
CA GLY B 173 24.78 11.44 -13.75
C GLY B 173 24.60 9.97 -14.00
N TYR B 174 24.51 9.15 -12.95
CA TYR B 174 24.32 7.72 -13.12
C TYR B 174 23.29 7.22 -12.13
N PHE B 175 22.61 6.13 -12.51
CA PHE B 175 21.61 5.49 -11.67
C PHE B 175 21.42 4.06 -12.16
N PRO B 176 21.38 3.07 -11.25
CA PRO B 176 21.55 3.29 -9.83
C PRO B 176 22.94 2.89 -9.35
N GLU B 177 23.13 2.86 -8.04
CA GLU B 177 24.34 2.30 -7.48
C GLU B 177 24.34 0.79 -7.69
N PRO B 178 25.53 0.16 -7.70
CA PRO B 178 26.85 0.78 -7.50
C PRO B 178 27.62 1.04 -8.79
N VAL B 179 28.84 1.54 -8.62
CA VAL B 179 29.79 1.75 -9.70
C VAL B 179 31.18 1.46 -9.16
N THR B 180 31.94 0.63 -9.88
CA THR B 180 33.27 0.22 -9.45
C THR B 180 34.33 1.03 -10.18
N VAL B 181 35.28 1.57 -9.43
CA VAL B 181 36.36 2.38 -9.97
C VAL B 181 37.67 1.68 -9.67
N THR B 182 38.54 1.60 -10.67
CA THR B 182 39.87 1.01 -10.54
C THR B 182 40.84 1.84 -11.37
N TRP B 183 42.11 1.80 -11.00
CA TRP B 183 43.14 2.57 -11.68
C TRP B 183 44.14 1.65 -12.36
N ASN B 184 44.32 1.84 -13.66
CA ASN B 184 45.25 1.04 -14.47
C ASN B 184 44.93 -0.45 -14.35
N SER B 185 43.64 -0.77 -14.54
CA SER B 185 43.16 -2.15 -14.58
C SER B 185 43.48 -2.89 -13.28
N GLY B 186 43.06 -2.29 -12.16
CA GLY B 186 43.21 -2.93 -10.87
C GLY B 186 44.63 -3.11 -10.39
N SER B 187 45.58 -2.34 -10.94
CA SER B 187 46.99 -2.47 -10.58
C SER B 187 47.52 -1.20 -9.93
N LEU B 188 46.69 -0.51 -9.14
CA LEU B 188 47.08 0.72 -8.47
C LEU B 188 46.38 0.77 -7.11
N SER B 189 47.15 0.54 -6.05
CA SER B 189 46.65 0.67 -4.68
C SER B 189 47.55 1.58 -3.86
N SER B 190 48.18 2.56 -4.52
CA SER B 190 49.10 3.49 -3.86
C SER B 190 48.33 4.73 -3.41
N GLY B 191 47.51 4.52 -2.37
CA GLY B 191 46.75 5.60 -1.77
C GLY B 191 45.53 6.01 -2.58
N VAL B 192 44.66 5.06 -2.88
CA VAL B 192 43.46 5.30 -3.68
C VAL B 192 42.27 5.46 -2.74
N HIS B 193 41.49 6.51 -2.94
CA HIS B 193 40.29 6.79 -2.14
C HIS B 193 39.09 6.87 -3.07
N THR B 194 38.14 5.94 -2.89
CA THR B 194 36.89 5.94 -3.63
C THR B 194 35.80 6.48 -2.70
N PHE B 195 35.47 7.76 -2.86
CA PHE B 195 34.51 8.42 -1.98
C PHE B 195 33.10 7.84 -2.16
N PRO B 196 32.29 7.85 -1.11
CA PRO B 196 30.91 7.37 -1.24
C PRO B 196 30.07 8.28 -2.13
N ALA B 197 29.02 7.69 -2.69
CA ALA B 197 28.16 8.40 -3.61
C ALA B 197 27.10 9.20 -2.87
N VAL B 198 26.52 10.18 -3.57
CA VAL B 198 25.52 11.10 -3.02
C VAL B 198 24.46 11.33 -4.09
N LEU B 199 23.24 11.60 -3.64
CA LEU B 199 22.09 11.77 -4.52
C LEU B 199 21.82 13.25 -4.73
N GLN B 200 21.87 13.70 -5.99
CA GLN B 200 21.48 15.04 -6.38
C GLN B 200 20.24 14.91 -7.27
N SER B 201 19.11 15.44 -6.80
CA SER B 201 17.81 15.27 -7.44
C SER B 201 17.44 13.80 -7.55
N ASP B 202 17.66 13.20 -8.72
CA ASP B 202 17.44 11.77 -8.91
C ASP B 202 18.57 11.17 -9.75
N LEU B 203 19.80 11.57 -9.46
CA LEU B 203 20.98 11.06 -10.14
C LEU B 203 22.12 11.02 -9.14
N TYR B 204 22.91 9.95 -9.20
CA TYR B 204 24.01 9.79 -8.27
C TYR B 204 25.26 10.53 -8.76
N THR B 205 26.24 10.65 -7.88
CA THR B 205 27.47 11.38 -8.15
C THR B 205 28.56 10.83 -7.23
N LEU B 206 29.74 10.57 -7.80
CA LEU B 206 30.82 9.98 -7.03
C LEU B 206 32.16 10.39 -7.66
N SER B 207 33.22 10.33 -6.85
CA SER B 207 34.55 10.67 -7.31
C SER B 207 35.58 9.81 -6.59
N SER B 208 36.78 9.73 -7.17
CA SER B 208 37.87 8.94 -6.62
C SER B 208 39.18 9.72 -6.75
N SER B 209 40.14 9.38 -5.89
CA SER B 209 41.42 10.08 -5.84
C SER B 209 42.57 9.09 -5.68
N VAL B 210 43.77 9.53 -6.05
CA VAL B 210 44.98 8.73 -5.91
C VAL B 210 46.21 9.63 -5.89
N THR B 211 47.10 9.42 -4.92
CA THR B 211 48.33 10.20 -4.78
C THR B 211 49.53 9.37 -5.24
N VAL B 212 50.18 9.82 -6.31
CA VAL B 212 51.36 9.15 -6.85
C VAL B 212 52.55 10.10 -6.74
N PRO B 213 53.77 9.59 -6.83
CA PRO B 213 54.94 10.48 -6.77
C PRO B 213 54.98 11.45 -7.94
N SER B 214 55.68 12.56 -7.73
CA SER B 214 55.81 13.57 -8.78
C SER B 214 56.57 13.05 -9.99
N SER B 215 57.49 12.10 -9.79
CA SER B 215 58.26 11.56 -10.90
C SER B 215 57.38 10.78 -11.88
N THR B 216 56.32 10.13 -11.39
CA THR B 216 55.48 9.29 -12.23
C THR B 216 54.74 10.10 -13.29
N TRP B 217 53.74 10.86 -12.87
CA TRP B 217 52.98 11.68 -13.80
C TRP B 217 53.84 12.86 -14.27
N PRO B 218 53.75 13.26 -15.55
CA PRO B 218 52.85 12.74 -16.59
C PRO B 218 53.49 11.70 -17.52
N SER B 219 54.54 11.04 -17.06
CA SER B 219 55.28 10.10 -17.89
C SER B 219 54.69 8.70 -17.88
N GLU B 220 53.79 8.39 -16.95
CA GLU B 220 53.23 7.05 -16.81
C GLU B 220 51.75 7.04 -17.14
N THR B 221 51.23 5.82 -17.33
CA THR B 221 49.85 5.61 -17.72
C THR B 221 48.92 5.83 -16.54
N VAL B 222 47.82 6.56 -16.79
CA VAL B 222 46.89 6.95 -15.74
C VAL B 222 45.46 6.63 -16.15
N THR B 223 45.10 5.35 -16.14
CA THR B 223 43.80 4.91 -16.63
C THR B 223 42.77 4.92 -15.50
N CYS B 224 41.59 5.48 -15.77
CA CYS B 224 40.45 5.46 -14.85
C CYS B 224 39.43 4.47 -15.41
N ASN B 225 39.33 3.30 -14.79
CA ASN B 225 38.39 2.28 -15.23
C ASN B 225 37.08 2.38 -14.45
N VAL B 226 35.96 2.42 -15.17
CA VAL B 226 34.64 2.53 -14.57
C VAL B 226 33.78 1.37 -15.03
N ALA B 227 32.86 0.93 -14.18
CA ALA B 227 31.96 -0.18 -14.51
C ALA B 227 30.60 0.07 -13.87
N HIS B 228 29.55 -0.47 -14.52
CA HIS B 228 28.19 -0.27 -14.01
C HIS B 228 27.33 -1.51 -14.28
N PRO B 229 26.55 -1.97 -13.29
CA PRO B 229 25.72 -3.16 -13.49
C PRO B 229 24.48 -2.86 -14.31
N ALA B 230 23.95 -3.93 -14.95
CA ALA B 230 22.76 -3.84 -15.79
C ALA B 230 22.97 -2.92 -16.99
N SER B 231 24.10 -2.22 -17.04
CA SER B 231 24.45 -1.29 -18.11
C SER B 231 25.82 -1.65 -18.73
N SER B 232 26.09 -1.06 -19.89
CA SER B 232 27.33 -1.28 -20.62
C SER B 232 28.25 -0.08 -20.43
N THR B 233 29.54 -0.36 -20.23
CA THR B 233 30.48 0.67 -19.75
C THR B 233 31.85 0.46 -20.41
N LYS B 234 32.07 1.11 -21.55
CA LYS B 234 33.37 1.11 -22.21
C LYS B 234 34.01 2.47 -21.96
N VAL B 235 34.61 2.62 -20.78
CA VAL B 235 35.21 3.89 -20.39
C VAL B 235 36.49 3.61 -19.61
N ASP B 236 37.64 3.89 -20.22
CA ASP B 236 38.97 3.79 -19.61
C ASP B 236 39.71 5.10 -19.81
N LYS B 237 39.00 6.21 -19.53
CA LYS B 237 39.53 7.54 -19.81
C LYS B 237 40.75 7.84 -18.96
N LYS B 238 41.84 8.21 -19.63
CA LYS B 238 43.04 8.67 -18.96
C LYS B 238 42.99 10.18 -18.79
N ILE B 239 43.77 10.67 -17.83
CA ILE B 239 43.74 12.07 -17.46
C ILE B 239 44.80 12.83 -18.26
N VAL B 240 44.38 13.90 -18.91
CA VAL B 240 45.25 14.69 -19.78
C VAL B 240 45.78 15.88 -18.99
N PRO B 241 47.10 16.10 -18.97
CA PRO B 241 47.68 17.27 -18.25
C PRO B 241 47.71 18.53 -19.12
N ARG B 242 46.54 19.09 -19.37
CA ARG B 242 46.42 20.26 -20.23
C ARG B 242 46.59 21.56 -19.44
N ASP B 243 47.02 22.60 -20.15
CA ASP B 243 47.16 23.96 -19.62
C ASP B 243 47.72 24.02 -18.20
N ASP C 21 9.17 -6.33 19.10
CA ASP C 21 8.52 -6.00 20.37
C ASP C 21 9.53 -6.03 21.51
N ILE C 22 10.80 -6.17 21.15
CA ILE C 22 11.91 -6.28 22.10
C ILE C 22 12.89 -5.17 21.76
N VAL C 23 13.10 -4.25 22.70
CA VAL C 23 13.94 -3.08 22.48
C VAL C 23 15.34 -3.35 23.00
N MET C 24 16.33 -3.23 22.11
CA MET C 24 17.73 -3.39 22.45
C MET C 24 18.41 -2.04 22.29
N SER C 25 18.62 -1.35 23.42
CA SER C 25 19.21 -0.02 23.43
C SER C 25 20.72 -0.13 23.60
N GLN C 26 21.46 0.06 22.51
CA GLN C 26 22.91 0.04 22.55
C GLN C 26 23.46 1.42 22.84
N SER C 27 24.49 1.48 23.69
CA SER C 27 25.16 2.73 24.02
C SER C 27 26.57 2.39 24.48
N PRO C 28 27.57 3.22 24.16
CA PRO C 28 27.44 4.46 23.39
C PRO C 28 27.34 4.21 21.88
N SER C 29 27.33 5.28 21.09
CA SER C 29 27.28 5.16 19.64
C SER C 29 28.69 5.12 19.04
N SER C 30 29.51 6.12 19.38
CA SER C 30 30.91 6.17 18.97
C SER C 30 31.81 5.82 20.16
N LEU C 31 33.07 5.51 19.85
CA LEU C 31 33.99 5.05 20.90
C LEU C 31 35.42 5.25 20.38
N ALA C 32 36.06 6.32 20.83
CA ALA C 32 37.46 6.59 20.51
C ALA C 32 38.33 6.02 21.62
N VAL C 33 39.07 4.95 21.32
CA VAL C 33 39.90 4.27 22.29
C VAL C 33 41.32 4.16 21.76
N SER C 34 42.27 4.01 22.69
CA SER C 34 43.67 3.90 22.32
C SER C 34 43.97 2.49 21.81
N VAL C 35 45.19 2.32 21.30
CA VAL C 35 45.60 1.04 20.74
C VAL C 35 46.08 0.12 21.86
N GLY C 36 45.17 -0.66 22.44
CA GLY C 36 45.56 -1.67 23.41
C GLY C 36 44.94 -1.53 24.79
N GLU C 37 43.92 -0.70 24.94
CA GLU C 37 43.29 -0.48 26.23
C GLU C 37 41.96 -1.25 26.33
N LYS C 38 41.52 -1.45 27.57
CA LYS C 38 40.30 -2.19 27.84
C LYS C 38 39.08 -1.35 27.45
N VAL C 39 38.27 -1.88 26.53
CA VAL C 39 37.06 -1.21 26.04
C VAL C 39 35.85 -1.92 26.61
N THR C 40 34.82 -1.14 26.97
CA THR C 40 33.61 -1.67 27.58
C THR C 40 32.39 -1.15 26.84
N MET C 41 31.48 -2.07 26.48
CA MET C 41 30.25 -1.74 25.77
C MET C 41 29.06 -2.30 26.56
N SER C 42 27.89 -1.72 26.31
CA SER C 42 26.66 -2.15 26.99
C SER C 42 25.54 -2.36 25.98
N CYS C 43 24.61 -3.24 26.34
CA CYS C 43 23.44 -3.56 25.51
C CYS C 43 22.23 -3.63 26.42
N LYS C 44 21.37 -2.62 26.35
CA LYS C 44 20.19 -2.58 27.22
C LYS C 44 19.06 -3.41 26.64
N SER C 45 18.24 -3.98 27.52
CA SER C 45 17.16 -4.87 27.13
C SER C 45 15.84 -4.42 27.75
N SER C 46 14.77 -4.46 26.95
CA SER C 46 13.44 -4.10 27.42
C SER C 46 12.78 -5.18 28.27
N GLN C 47 13.40 -6.35 28.43
CA GLN C 47 12.82 -7.42 29.21
C GLN C 47 13.91 -8.43 29.56
N SER C 48 13.62 -9.27 30.54
CA SER C 48 14.57 -10.27 30.99
C SER C 48 14.79 -11.35 29.93
N LEU C 49 16.03 -11.82 29.83
CA LEU C 49 16.44 -12.80 28.82
C LEU C 49 17.16 -13.94 29.53
N PHE C 50 16.44 -14.73 30.31
CA PHE C 50 17.06 -15.77 31.12
C PHE C 50 16.06 -16.88 31.42
N TYR C 51 16.36 -18.09 30.99
CA TYR C 51 15.58 -19.28 31.35
C TYR C 51 16.13 -19.84 32.66
N SER C 52 15.29 -19.87 33.70
CA SER C 52 15.74 -20.33 35.01
C SER C 52 16.20 -21.78 34.97
N SER C 53 15.51 -22.62 34.18
CA SER C 53 15.88 -24.03 34.12
C SER C 53 17.25 -24.23 33.49
N ASN C 54 17.45 -23.69 32.29
CA ASN C 54 18.70 -23.89 31.56
C ASN C 54 19.83 -23.02 32.12
N GLN C 55 19.49 -21.89 32.73
CA GLN C 55 20.47 -20.98 33.36
C GLN C 55 21.45 -20.43 32.32
N LYS C 56 20.91 -19.90 31.23
CA LYS C 56 21.70 -19.32 30.17
C LYS C 56 20.99 -18.09 29.64
N ASN C 57 21.76 -17.04 29.36
CA ASN C 57 21.22 -15.76 28.91
C ASN C 57 21.13 -15.74 27.39
N TYR C 58 19.91 -15.53 26.89
CA TYR C 58 19.63 -15.58 25.44
C TYR C 58 20.04 -14.26 24.81
N LEU C 59 21.26 -14.23 24.27
CA LEU C 59 21.76 -13.04 23.59
C LEU C 59 23.02 -13.41 22.81
N ALA C 60 23.30 -12.62 21.77
CA ALA C 60 24.47 -12.85 20.92
C ALA C 60 25.03 -11.51 20.45
N TRP C 61 26.34 -11.48 20.24
CA TRP C 61 27.05 -10.30 19.78
C TRP C 61 27.70 -10.58 18.43
N TYR C 62 27.74 -9.57 17.56
CA TYR C 62 28.25 -9.74 16.21
C TYR C 62 29.30 -8.67 15.89
N GLN C 63 30.07 -8.92 14.84
CA GLN C 63 31.12 -8.02 14.37
C GLN C 63 31.00 -7.84 12.86
N GLN C 64 30.70 -6.63 12.41
CA GLN C 64 30.64 -6.30 10.99
C GLN C 64 31.86 -5.47 10.62
N LYS C 65 32.90 -6.14 10.13
CA LYS C 65 34.10 -5.46 9.66
C LYS C 65 33.76 -4.53 8.49
N PRO C 66 34.54 -3.43 8.31
CA PRO C 66 34.20 -2.44 7.27
C PRO C 66 34.01 -3.03 5.88
N GLY C 67 32.82 -2.83 5.32
CA GLY C 67 32.52 -3.35 3.99
C GLY C 67 32.51 -4.86 3.92
N GLN C 68 32.02 -5.52 4.96
CA GLN C 68 32.05 -6.97 5.03
C GLN C 68 30.79 -7.46 5.74
N SER C 69 30.65 -8.79 5.78
CA SER C 69 29.51 -9.44 6.41
C SER C 69 29.67 -9.48 7.93
N PRO C 70 28.57 -9.35 8.68
CA PRO C 70 28.67 -9.51 10.13
C PRO C 70 28.84 -10.98 10.51
N LYS C 71 29.68 -11.22 11.52
CA LYS C 71 30.03 -12.56 11.95
C LYS C 71 29.77 -12.71 13.44
N LEU C 72 29.36 -13.92 13.83
CA LEU C 72 29.03 -14.20 15.23
C LEU C 72 30.29 -14.34 16.07
N LEU C 73 30.26 -13.79 17.29
CA LEU C 73 31.38 -13.88 18.22
C LEU C 73 31.04 -14.59 19.52
N ILE C 74 29.97 -14.17 20.20
CA ILE C 74 29.62 -14.68 21.52
C ILE C 74 28.14 -15.03 21.53
N TYR C 75 27.84 -16.31 21.71
CA TYR C 75 26.48 -16.76 21.97
C TYR C 75 26.36 -17.17 23.44
N TRP C 76 25.12 -17.18 23.92
CA TRP C 76 24.79 -17.32 25.34
C TRP C 76 25.33 -16.17 26.18
N ALA C 77 25.69 -15.06 25.54
CA ALA C 77 26.19 -13.85 26.20
C ALA C 77 27.40 -14.12 27.08
N SER C 78 28.08 -15.25 26.90
CA SER C 78 29.23 -15.56 27.75
C SER C 78 30.28 -16.37 26.98
N THR C 79 29.86 -17.42 26.30
CA THR C 79 30.78 -18.33 25.63
C THR C 79 31.11 -17.86 24.23
N ARG C 80 32.30 -18.23 23.77
CA ARG C 80 32.77 -17.89 22.43
C ARG C 80 32.54 -19.07 21.48
N GLU C 81 32.63 -18.78 20.19
CA GLU C 81 32.53 -19.80 19.15
C GLU C 81 33.91 -20.20 18.66
N SER C 82 33.97 -21.37 18.02
CA SER C 82 35.23 -21.90 17.52
C SER C 82 35.76 -21.02 16.39
N GLY C 83 36.89 -20.37 16.63
CA GLY C 83 37.48 -19.44 15.70
C GLY C 83 37.49 -18.00 16.16
N VAL C 84 37.39 -17.76 17.47
CA VAL C 84 37.35 -16.41 18.03
C VAL C 84 38.51 -16.27 18.99
N PRO C 85 39.33 -15.22 18.87
CA PRO C 85 40.47 -15.06 19.78
C PRO C 85 40.04 -14.91 21.22
N ASP C 86 41.01 -15.11 22.12
CA ASP C 86 40.74 -15.06 23.55
C ASP C 86 40.61 -13.63 24.07
N ARG C 87 41.04 -12.64 23.29
CA ARG C 87 40.91 -11.25 23.71
C ARG C 87 39.45 -10.89 24.01
N PHE C 88 38.52 -11.40 23.22
CA PHE C 88 37.10 -11.13 23.41
C PHE C 88 36.57 -11.80 24.67
N THR C 89 35.71 -11.10 25.41
CA THR C 89 35.07 -11.67 26.60
C THR C 89 33.70 -11.01 26.77
N GLY C 90 32.65 -11.81 26.61
CA GLY C 90 31.30 -11.35 26.89
C GLY C 90 30.94 -11.54 28.35
N SER C 91 30.03 -10.69 28.84
CA SER C 91 29.67 -10.71 30.25
C SER C 91 28.30 -10.08 30.42
N GLY C 92 27.70 -10.34 31.58
CA GLY C 92 26.41 -9.79 31.93
C GLY C 92 25.40 -10.87 32.23
N SER C 93 24.24 -10.42 32.71
CA SER C 93 23.13 -11.33 33.01
C SER C 93 21.86 -10.50 33.16
N GLY C 94 20.73 -11.17 32.94
CA GLY C 94 19.44 -10.51 33.06
C GLY C 94 19.17 -9.55 31.91
N THR C 95 19.37 -8.27 32.16
CA THR C 95 19.21 -7.23 31.14
C THR C 95 20.48 -6.45 30.88
N ASP C 96 21.24 -6.11 31.91
CA ASP C 96 22.49 -5.39 31.72
C ASP C 96 23.53 -6.34 31.15
N PHE C 97 23.99 -6.07 29.94
CA PHE C 97 24.99 -6.89 29.26
C PHE C 97 26.19 -6.03 28.90
N THR C 98 27.38 -6.59 29.07
CA THR C 98 28.62 -5.88 28.83
C THR C 98 29.54 -6.72 27.95
N LEU C 99 30.29 -6.04 27.09
CA LEU C 99 31.26 -6.70 26.23
C LEU C 99 32.59 -5.96 26.40
N THR C 100 33.63 -6.71 26.75
CA THR C 100 34.93 -6.15 27.09
C THR C 100 36.02 -6.79 26.24
N ILE C 101 36.89 -5.98 25.66
CA ILE C 101 38.05 -6.48 24.93
C ILE C 101 39.32 -5.99 25.62
N SER C 102 40.40 -6.75 25.44
CA SER C 102 41.66 -6.48 26.12
C SER C 102 42.63 -5.64 25.27
N SER C 103 43.41 -6.32 24.42
CA SER C 103 44.49 -5.71 23.64
C SER C 103 44.02 -5.50 22.21
N VAL C 104 43.45 -4.32 21.95
CA VAL C 104 42.89 -4.01 20.64
C VAL C 104 43.98 -4.05 19.57
N LYS C 105 43.64 -4.60 18.41
CA LYS C 105 44.54 -4.65 17.28
C LYS C 105 44.29 -3.44 16.37
N ALA C 106 44.47 -3.59 15.06
CA ALA C 106 44.32 -2.48 14.13
C ALA C 106 43.13 -2.61 13.20
N GLU C 107 42.79 -3.81 12.74
CA GLU C 107 41.62 -4.00 11.90
C GLU C 107 40.35 -4.26 12.71
N ASP C 108 40.41 -4.13 14.04
CA ASP C 108 39.23 -4.32 14.87
C ASP C 108 38.26 -3.11 14.78
N LEU C 109 38.35 -2.29 13.72
CA LEU C 109 37.53 -1.09 13.56
C LEU C 109 36.13 -1.39 13.04
N ALA C 110 35.47 -2.38 13.61
CA ALA C 110 34.18 -2.83 13.11
C ALA C 110 33.05 -2.24 13.95
N VAL C 111 31.83 -2.44 13.45
CA VAL C 111 30.60 -2.05 14.15
C VAL C 111 30.00 -3.31 14.77
N TYR C 112 29.86 -3.31 16.10
CA TYR C 112 29.44 -4.48 16.84
C TYR C 112 27.96 -4.36 17.22
N TYR C 113 27.14 -5.28 16.73
CA TYR C 113 25.73 -5.37 17.06
C TYR C 113 25.48 -6.49 18.07
N CYS C 114 24.47 -6.32 18.91
CA CYS C 114 24.02 -7.36 19.83
C CYS C 114 22.59 -7.75 19.49
N GLN C 115 22.37 -9.05 19.27
CA GLN C 115 21.06 -9.59 18.93
C GLN C 115 20.51 -10.41 20.08
N GLN C 116 19.19 -10.39 20.24
CA GLN C 116 18.50 -11.23 21.20
C GLN C 116 17.79 -12.37 20.46
N TYR C 117 17.57 -13.49 21.16
CA TYR C 117 16.82 -14.59 20.57
C TYR C 117 15.95 -15.29 21.60
N TYR C 118 15.49 -14.58 22.64
CA TYR C 118 14.55 -15.17 23.58
C TYR C 118 13.21 -15.44 22.93
N SER C 119 12.64 -14.44 22.25
CA SER C 119 11.32 -14.55 21.68
C SER C 119 11.28 -13.85 20.33
N TYR C 120 10.45 -14.38 19.43
CA TYR C 120 10.26 -13.76 18.14
C TYR C 120 9.59 -12.40 18.29
N PRO C 121 10.01 -11.40 17.52
CA PRO C 121 11.09 -11.47 16.53
C PRO C 121 12.45 -11.11 17.11
N PRO C 122 13.51 -11.70 16.56
CA PRO C 122 14.87 -11.34 17.01
C PRO C 122 15.25 -9.93 16.61
N THR C 123 15.31 -9.01 17.57
CA THR C 123 15.64 -7.62 17.30
C THR C 123 17.14 -7.39 17.49
N PHE C 124 17.64 -6.34 16.83
CA PHE C 124 19.03 -5.97 16.87
C PHE C 124 19.19 -4.59 17.49
N GLY C 125 20.42 -4.28 17.92
CA GLY C 125 20.76 -2.97 18.43
C GLY C 125 21.19 -2.03 17.31
N GLY C 126 21.60 -0.82 17.71
CA GLY C 126 22.04 0.17 16.76
C GLY C 126 23.50 0.12 16.40
N GLY C 127 24.27 -0.76 17.04
CA GLY C 127 25.68 -0.89 16.77
C GLY C 127 26.51 0.19 17.42
N THR C 128 27.81 -0.12 17.58
CA THR C 128 28.76 0.82 18.18
C THR C 128 30.04 0.78 17.35
N LYS C 129 30.33 1.88 16.65
CA LYS C 129 31.55 1.96 15.86
C LYS C 129 32.76 2.05 16.78
N LEU C 130 33.93 1.72 16.23
CA LEU C 130 35.17 1.62 16.99
C LEU C 130 36.21 2.52 16.35
N GLU C 131 36.36 3.73 16.92
CA GLU C 131 37.34 4.69 16.48
C GLU C 131 38.70 4.40 17.10
N ILE C 132 39.75 4.48 16.28
CA ILE C 132 41.12 4.20 16.72
C ILE C 132 41.81 5.51 17.07
N LYS C 133 42.53 5.50 18.19
CA LYS C 133 43.34 6.66 18.57
C LYS C 133 44.46 6.86 17.56
N ARG C 134 44.78 8.13 17.29
CA ARG C 134 45.69 8.47 16.22
C ARG C 134 46.32 9.84 16.52
N ALA C 135 47.55 10.03 16.08
CA ALA C 135 48.22 11.31 16.23
C ALA C 135 47.65 12.24 15.17
N ASP C 136 46.83 13.20 15.61
CA ASP C 136 46.19 14.18 14.73
C ASP C 136 47.11 14.64 13.59
N ALA C 137 46.56 14.67 12.38
CA ALA C 137 47.30 15.07 11.20
C ALA C 137 46.55 16.16 10.45
N ALA C 138 47.31 16.99 9.74
CA ALA C 138 46.76 18.09 8.94
C ALA C 138 46.20 17.58 7.62
N PRO C 139 45.22 18.27 7.05
CA PRO C 139 44.60 17.80 5.81
C PRO C 139 45.38 18.20 4.56
N THR C 140 45.28 17.33 3.56
CA THR C 140 45.97 17.51 2.27
C THR C 140 44.93 17.97 1.24
N VAL C 141 44.73 19.29 1.15
CA VAL C 141 43.75 19.86 0.24
C VAL C 141 44.34 19.96 -1.16
N SER C 142 43.47 19.86 -2.17
CA SER C 142 43.89 19.97 -3.58
C SER C 142 42.67 20.26 -4.42
N ILE C 143 42.69 21.41 -5.13
CA ILE C 143 41.57 21.86 -5.95
C ILE C 143 41.75 21.38 -7.39
N PHE C 144 40.63 21.24 -8.11
CA PHE C 144 40.63 20.77 -9.50
C PHE C 144 39.66 21.58 -10.36
N PRO C 145 40.11 22.12 -11.48
CA PRO C 145 39.20 22.83 -12.39
C PRO C 145 38.42 21.87 -13.25
N PRO C 146 37.29 22.30 -13.81
CA PRO C 146 36.50 21.40 -14.67
C PRO C 146 37.27 21.00 -15.93
N SER C 147 37.10 19.74 -16.33
CA SER C 147 37.77 19.24 -17.51
C SER C 147 37.13 19.81 -18.78
N SER C 148 37.92 19.85 -19.85
CA SER C 148 37.43 20.36 -21.12
C SER C 148 36.24 19.57 -21.63
N GLU C 149 36.22 18.25 -21.39
CA GLU C 149 35.12 17.43 -21.91
C GLU C 149 33.80 17.76 -21.23
N GLN C 150 33.81 18.02 -19.92
CA GLN C 150 32.58 18.37 -19.22
C GLN C 150 32.01 19.68 -19.74
N LEU C 151 32.88 20.59 -20.18
CA LEU C 151 32.46 21.91 -20.63
C LEU C 151 31.74 21.86 -21.97
N THR C 152 31.94 20.81 -22.77
CA THR C 152 31.42 20.79 -24.13
C THR C 152 29.92 20.52 -24.17
N SER C 153 29.37 19.84 -23.17
CA SER C 153 27.97 19.44 -23.20
C SER C 153 27.15 20.14 -22.11
N GLY C 154 27.54 21.36 -21.74
CA GLY C 154 26.77 22.14 -20.80
C GLY C 154 26.87 21.66 -19.36
N GLY C 155 28.08 21.65 -18.81
CA GLY C 155 28.29 21.24 -17.44
C GLY C 155 29.61 21.76 -16.88
N ALA C 156 29.62 22.15 -15.61
CA ALA C 156 30.82 22.69 -15.00
C ALA C 156 30.78 22.41 -13.50
N SER C 157 31.70 21.60 -13.01
CA SER C 157 31.76 21.23 -11.60
C SER C 157 33.19 21.31 -11.12
N VAL C 158 33.40 21.96 -9.97
CA VAL C 158 34.71 22.08 -9.35
C VAL C 158 34.77 21.13 -8.16
N VAL C 159 35.84 20.34 -8.10
CA VAL C 159 35.99 19.31 -7.08
C VAL C 159 37.21 19.64 -6.22
N CYS C 160 36.96 19.85 -4.92
CA CYS C 160 38.02 20.07 -3.95
C CYS C 160 38.21 18.80 -3.12
N PHE C 161 39.46 18.32 -3.06
CA PHE C 161 39.78 17.06 -2.39
C PHE C 161 40.49 17.35 -1.08
N LEU C 162 40.08 16.66 -0.01
CA LEU C 162 40.78 16.70 1.27
C LEU C 162 40.92 15.23 1.70
N ASN C 163 41.96 14.57 1.21
CA ASN C 163 42.03 13.11 1.25
C ASN C 163 42.52 12.53 2.57
N ASN C 164 43.25 13.28 3.40
CA ASN C 164 43.86 12.66 4.58
C ASN C 164 43.90 13.67 5.72
N PHE C 165 43.28 13.32 6.84
CA PHE C 165 43.28 14.17 8.04
C PHE C 165 42.79 13.35 9.24
N TYR C 166 42.83 13.98 10.42
CA TYR C 166 42.39 13.45 11.71
C TYR C 166 42.28 14.59 12.72
N PRO C 167 41.16 14.68 13.47
CA PRO C 167 40.00 13.79 13.43
C PRO C 167 38.97 14.19 12.36
N LYS C 168 37.85 13.46 12.34
CA LYS C 168 36.86 13.61 11.28
C LYS C 168 36.37 15.05 11.11
N ASP C 169 36.24 15.79 12.20
CA ASP C 169 35.63 17.11 12.14
C ASP C 169 36.38 18.04 11.19
N ILE C 170 35.63 18.63 10.26
CA ILE C 170 36.17 19.57 9.28
C ILE C 170 35.01 20.32 8.63
N ASN C 171 35.26 21.57 8.23
CA ASN C 171 34.23 22.40 7.58
C ASN C 171 34.85 23.10 6.38
N VAL C 172 34.30 22.84 5.20
CA VAL C 172 34.78 23.43 3.96
C VAL C 172 33.72 24.39 3.44
N LYS C 173 34.13 25.62 3.14
CA LYS C 173 33.25 26.63 2.57
C LYS C 173 33.87 27.17 1.29
N TRP C 174 33.01 27.56 0.36
CA TRP C 174 33.43 28.02 -0.96
C TRP C 174 33.42 29.54 -1.04
N LYS C 175 34.33 30.07 -1.86
CA LYS C 175 34.41 31.49 -2.20
C LYS C 175 34.31 31.63 -3.71
N ILE C 176 33.48 32.56 -4.17
CA ILE C 176 33.26 32.82 -5.59
C ILE C 176 33.31 34.32 -5.78
N ASP C 177 34.47 34.83 -6.19
CA ASP C 177 34.72 36.26 -6.35
C ASP C 177 34.33 37.03 -5.08
N GLY C 178 34.65 36.46 -3.92
CA GLY C 178 34.35 37.05 -2.65
C GLY C 178 33.07 36.54 -2.01
N SER C 179 32.13 36.03 -2.80
CA SER C 179 30.86 35.55 -2.27
C SER C 179 31.00 34.15 -1.69
N GLU C 180 30.34 33.93 -0.56
CA GLU C 180 30.26 32.60 0.05
C GLU C 180 28.98 31.93 -0.44
N ARG C 181 29.11 30.71 -0.95
CA ARG C 181 27.98 29.99 -1.53
C ARG C 181 27.93 28.57 -1.00
N GLN C 182 26.72 28.02 -0.97
CA GLN C 182 26.50 26.69 -0.41
C GLN C 182 25.41 25.92 -1.16
N ASN C 183 24.96 26.38 -2.32
CA ASN C 183 23.83 25.79 -3.01
C ASN C 183 24.18 24.44 -3.63
N GLY C 184 25.06 24.44 -4.61
CA GLY C 184 25.38 23.24 -5.36
C GLY C 184 26.48 22.38 -4.76
N VAL C 185 26.66 22.45 -3.44
CA VAL C 185 27.74 21.74 -2.79
C VAL C 185 27.30 20.31 -2.51
N LEU C 186 28.24 19.37 -2.62
CA LEU C 186 28.00 17.95 -2.44
C LEU C 186 29.20 17.38 -1.70
N ASN C 187 28.94 16.56 -0.67
CA ASN C 187 30.02 16.13 0.21
C ASN C 187 29.99 14.63 0.42
N SER C 188 31.17 14.06 0.67
CA SER C 188 31.32 12.64 0.93
C SER C 188 32.48 12.42 1.89
N TRP C 189 32.31 11.49 2.83
CA TRP C 189 33.33 11.17 3.82
C TRP C 189 33.59 9.67 3.80
N THR C 190 34.84 9.28 3.60
CA THR C 190 35.20 7.88 3.78
C THR C 190 35.35 7.59 5.27
N ASP C 191 35.11 6.34 5.63
CA ASP C 191 35.28 5.94 7.02
C ASP C 191 36.76 5.73 7.33
N GLN C 192 37.05 5.51 8.62
CA GLN C 192 38.44 5.33 9.06
C GLN C 192 39.14 4.27 8.23
N ASP C 193 40.24 4.67 7.60
CA ASP C 193 40.97 3.75 6.74
C ASP C 193 41.67 2.69 7.57
N SER C 194 41.63 1.45 7.07
CA SER C 194 42.35 0.36 7.70
C SER C 194 43.85 0.38 7.38
N LYS C 195 44.28 1.28 6.49
CA LYS C 195 45.66 1.36 6.07
C LYS C 195 46.48 2.31 6.93
N ASP C 196 45.91 3.46 7.32
CA ASP C 196 46.60 4.41 8.17
C ASP C 196 45.70 5.11 9.18
N SER C 197 44.40 4.83 9.19
CA SER C 197 43.45 5.42 10.14
C SER C 197 43.34 6.94 9.96
N THR C 198 43.20 7.35 8.70
CA THR C 198 43.01 8.75 8.34
C THR C 198 41.71 8.90 7.57
N TYR C 199 41.00 9.99 7.81
CA TYR C 199 39.71 10.25 7.16
C TYR C 199 39.92 10.98 5.84
N SER C 200 38.85 11.05 5.05
CA SER C 200 38.89 11.68 3.73
C SER C 200 37.54 12.31 3.43
N MET C 201 37.56 13.51 2.83
CA MET C 201 36.35 14.22 2.47
C MET C 201 36.49 14.83 1.09
N SER C 202 35.40 14.81 0.32
CA SER C 202 35.36 15.41 -1.01
C SER C 202 34.21 16.42 -1.09
N SER C 203 34.47 17.54 -1.75
CA SER C 203 33.48 18.59 -1.95
C SER C 203 33.31 18.86 -3.44
N THR C 204 32.08 19.20 -3.84
CA THR C 204 31.76 19.39 -5.25
C THR C 204 30.68 20.46 -5.40
N LEU C 205 31.00 21.53 -6.13
CA LEU C 205 30.03 22.57 -6.48
C LEU C 205 29.66 22.40 -7.95
N THR C 206 28.38 22.13 -8.21
CA THR C 206 27.88 21.94 -9.57
C THR C 206 27.17 23.20 -10.04
N LEU C 207 27.47 23.62 -11.28
CA LEU C 207 26.85 24.81 -11.86
C LEU C 207 26.83 24.68 -13.38
N THR C 208 25.94 25.45 -13.99
CA THR C 208 25.82 25.46 -15.44
C THR C 208 27.04 26.09 -16.09
N LYS C 209 27.25 25.76 -17.37
CA LYS C 209 28.39 26.27 -18.11
C LYS C 209 28.42 27.80 -18.12
N ASP C 210 27.26 28.43 -18.36
CA ASP C 210 27.20 29.88 -18.49
C ASP C 210 27.66 30.57 -17.21
N GLU C 211 27.21 30.09 -16.05
CA GLU C 211 27.58 30.73 -14.79
C GLU C 211 29.07 30.66 -14.50
N TYR C 212 29.80 29.78 -15.20
CA TYR C 212 31.22 29.60 -14.90
C TYR C 212 32.03 30.83 -15.32
N GLU C 213 31.79 31.34 -16.53
CA GLU C 213 32.55 32.49 -17.02
C GLU C 213 32.15 33.80 -16.34
N ARG C 214 31.01 33.83 -15.64
CA ARG C 214 30.60 35.04 -14.94
C ARG C 214 31.63 35.46 -13.89
N HIS C 215 32.32 34.48 -13.30
CA HIS C 215 33.31 34.74 -12.26
C HIS C 215 34.67 34.19 -12.69
N ASN C 216 35.69 34.45 -11.88
CA ASN C 216 37.02 33.91 -12.16
C ASN C 216 37.79 33.45 -10.92
N SER C 217 37.53 34.00 -9.74
CA SER C 217 38.22 33.62 -8.51
C SER C 217 37.40 32.59 -7.75
N TYR C 218 37.97 31.40 -7.52
CA TYR C 218 37.31 30.34 -6.77
C TYR C 218 38.24 29.82 -5.69
N THR C 219 37.75 29.74 -4.45
CA THR C 219 38.55 29.38 -3.29
C THR C 219 37.85 28.33 -2.43
N CYS C 220 38.60 27.30 -2.02
CA CYS C 220 38.14 26.26 -1.09
C CYS C 220 38.87 26.41 0.25
N GLU C 221 38.24 27.10 1.20
CA GLU C 221 38.83 27.21 2.53
C GLU C 221 38.60 25.92 3.32
N ALA C 222 39.42 25.73 4.36
CA ALA C 222 39.34 24.54 5.20
C ALA C 222 39.67 24.90 6.64
N THR C 223 38.76 24.59 7.56
CA THR C 223 38.93 24.86 8.98
C THR C 223 39.35 23.57 9.69
N HIS C 224 40.42 23.65 10.49
CA HIS C 224 40.93 22.48 11.19
C HIS C 224 41.50 22.86 12.56
N LYS C 225 41.74 21.83 13.39
CA LYS C 225 42.39 22.03 14.68
C LYS C 225 43.90 22.22 14.56
N THR C 226 44.51 21.74 13.47
CA THR C 226 45.96 21.74 13.39
C THR C 226 46.52 23.14 13.17
N SER C 227 45.79 24.02 12.48
CA SER C 227 46.25 25.37 12.21
C SER C 227 45.18 26.36 12.63
N THR C 228 45.59 27.40 13.36
CA THR C 228 44.67 28.46 13.72
C THR C 228 44.20 29.22 12.49
N SER C 229 45.12 29.53 11.57
CA SER C 229 44.72 30.20 10.34
C SER C 229 44.10 29.19 9.38
N PRO C 230 43.04 29.58 8.67
CA PRO C 230 42.37 28.64 7.77
C PRO C 230 43.28 28.19 6.63
N ILE C 231 43.04 26.99 6.15
CA ILE C 231 43.82 26.38 5.06
C ILE C 231 43.05 26.63 3.78
N VAL C 232 43.46 27.65 3.02
CA VAL C 232 42.78 28.04 1.81
C VAL C 232 43.48 27.43 0.60
N LYS C 233 42.79 27.44 -0.54
CA LYS C 233 43.33 26.96 -1.80
C LYS C 233 42.52 27.59 -2.92
N SER C 234 43.19 28.25 -3.86
CA SER C 234 42.50 29.05 -4.87
C SER C 234 43.02 28.74 -6.27
N PHE C 235 42.18 29.03 -7.26
CA PHE C 235 42.52 28.91 -8.67
C PHE C 235 41.69 29.92 -9.45
N ASN C 236 42.28 30.47 -10.51
CA ASN C 236 41.63 31.47 -11.33
C ASN C 236 41.64 31.04 -12.80
N ARG C 237 40.50 31.23 -13.45
CA ARG C 237 40.30 30.82 -14.84
C ARG C 237 41.06 31.73 -15.80
N ILE D 45 -31.20 2.32 20.77
CA ILE D 45 -31.10 3.12 21.99
C ILE D 45 -31.24 2.23 23.21
N GLY D 46 -32.14 1.24 23.12
CA GLY D 46 -32.39 0.36 24.24
C GLY D 46 -31.94 -1.08 24.02
N TYR D 47 -30.72 -1.39 24.46
CA TYR D 47 -30.16 -2.73 24.35
C TYR D 47 -29.78 -3.19 25.76
N LYS D 48 -30.70 -3.85 26.43
CA LYS D 48 -30.45 -4.44 27.74
C LYS D 48 -30.95 -5.87 27.74
N CYS D 49 -30.19 -6.76 28.36
CA CYS D 49 -30.61 -8.14 28.60
C CYS D 49 -30.78 -8.27 30.11
N ASN D 50 -31.99 -7.98 30.59
CA ASN D 50 -32.27 -8.03 32.01
C ASN D 50 -32.22 -9.46 32.51
N PHE D 51 -31.55 -9.66 33.66
CA PHE D 51 -31.43 -10.99 34.25
C PHE D 51 -31.93 -11.01 35.70
N SER D 52 -32.79 -10.07 36.08
CA SER D 52 -33.49 -10.12 37.35
C SER D 52 -34.97 -10.36 37.09
N ASN D 53 -35.72 -10.55 38.18
CA ASN D 53 -37.15 -10.78 38.05
C ASN D 53 -37.94 -9.50 37.85
N GLU D 54 -37.35 -8.34 38.17
CA GLU D 54 -38.09 -7.08 38.04
C GLU D 54 -38.34 -6.73 36.58
N GLY D 55 -37.37 -6.97 35.71
CA GLY D 55 -37.43 -6.51 34.34
C GLY D 55 -38.32 -7.35 33.45
N VAL D 56 -38.21 -7.10 32.15
CA VAL D 56 -39.02 -7.80 31.16
C VAL D 56 -38.49 -9.21 30.93
N HIS D 57 -37.17 -9.37 30.83
CA HIS D 57 -36.54 -10.65 30.55
C HIS D 57 -36.33 -11.39 31.87
N ASN D 58 -37.13 -12.43 32.10
CA ASN D 58 -37.11 -13.17 33.35
C ASN D 58 -36.17 -14.36 33.26
N LEU D 59 -35.56 -14.72 34.40
CA LEU D 59 -34.65 -15.88 34.47
C LEU D 59 -34.62 -16.40 35.91
N LYS D 60 -35.75 -16.96 36.34
CA LYS D 60 -35.84 -17.72 37.59
C LYS D 60 -37.21 -18.38 37.72
N PHE D 70 -34.02 -15.94 23.86
CA PHE D 70 -32.73 -15.41 23.44
C PHE D 70 -32.67 -13.90 23.54
N CYS D 71 -31.48 -13.37 23.82
CA CYS D 71 -31.18 -11.94 23.73
C CYS D 71 -30.19 -11.79 22.59
N THR D 72 -30.71 -11.78 21.36
CA THR D 72 -29.90 -11.72 20.15
C THR D 72 -29.82 -10.28 19.66
N ILE D 73 -28.60 -9.81 19.42
CA ILE D 73 -28.34 -8.42 19.03
C ILE D 73 -27.50 -8.43 17.76
N HIS D 74 -28.01 -7.77 16.71
CA HIS D 74 -27.32 -7.65 15.43
C HIS D 74 -27.33 -6.17 15.02
N SER D 75 -26.37 -5.40 15.52
CA SER D 75 -26.34 -3.97 15.25
C SER D 75 -24.91 -3.45 15.35
N TYR D 76 -24.79 -2.13 15.37
CA TYR D 76 -23.51 -1.43 15.40
C TYR D 76 -23.80 -0.04 15.93
N PHE D 77 -23.13 0.36 17.00
CA PHE D 77 -23.52 1.59 17.69
C PHE D 77 -22.28 2.35 18.13
N ILE D 78 -22.53 3.54 18.69
CA ILE D 78 -21.51 4.53 18.97
C ILE D 78 -21.41 4.69 20.49
N TYR D 79 -20.44 4.01 21.10
CA TYR D 79 -20.15 4.16 22.53
C TYR D 79 -21.41 3.98 23.39
N ASP D 80 -22.11 2.88 23.17
CA ASP D 80 -23.38 2.67 23.85
C ASP D 80 -23.30 1.51 24.84
N LYS D 81 -24.38 1.34 25.60
CA LYS D 81 -24.38 0.54 26.80
C LYS D 81 -25.31 -0.66 26.67
N ILE D 82 -24.90 -1.78 27.25
CA ILE D 82 -25.75 -2.94 27.43
C ILE D 82 -25.64 -3.38 28.89
N ARG D 83 -26.78 -3.67 29.50
CA ARG D 83 -26.85 -3.93 30.94
C ARG D 83 -27.17 -5.39 31.21
N LEU D 84 -26.59 -5.90 32.30
CA LEU D 84 -26.72 -7.30 32.69
C LEU D 84 -26.74 -7.36 34.21
N ILE D 85 -27.57 -8.26 34.75
CA ILE D 85 -27.88 -8.27 36.18
C ILE D 85 -27.61 -9.67 36.73
N ILE D 86 -26.48 -9.84 37.41
CA ILE D 86 -26.19 -11.07 38.14
C ILE D 86 -25.98 -10.71 39.61
N PRO D 87 -26.72 -11.33 40.54
CA PRO D 87 -26.63 -11.05 41.98
C PRO D 87 -25.23 -11.28 42.55
N PHE D 95 -26.78 -18.61 39.98
CA PHE D 95 -26.37 -17.68 38.94
C PHE D 95 -24.88 -17.77 38.68
N LYS D 96 -24.41 -18.96 38.30
CA LYS D 96 -23.01 -19.18 37.97
C LYS D 96 -22.78 -18.77 36.53
N ILE D 97 -22.12 -17.63 36.33
CA ILE D 97 -21.91 -17.06 35.01
C ILE D 97 -20.86 -17.89 34.25
N LEU D 98 -21.10 -18.09 32.96
CA LEU D 98 -20.24 -18.93 32.12
C LEU D 98 -19.70 -18.11 30.96
N PRO D 99 -18.44 -17.67 30.99
CA PRO D 99 -17.45 -17.92 32.05
C PRO D 99 -17.57 -16.94 33.22
N GLU D 100 -16.76 -17.17 34.27
CA GLU D 100 -16.88 -16.38 35.49
C GLU D 100 -16.65 -14.89 35.22
N LYS D 101 -15.73 -14.57 34.32
CA LYS D 101 -15.46 -13.18 33.92
C LYS D 101 -15.91 -13.05 32.47
N CYS D 102 -17.21 -12.83 32.27
CA CYS D 102 -17.74 -12.76 30.90
C CYS D 102 -17.21 -11.53 30.18
N PHE D 103 -17.42 -10.35 30.74
CA PHE D 103 -17.00 -9.12 30.06
C PHE D 103 -15.48 -8.97 30.00
N GLN D 104 -14.71 -9.89 30.60
CA GLN D 104 -13.27 -9.95 30.37
C GLN D 104 -12.92 -10.92 29.25
N LYS D 105 -13.71 -11.99 29.08
CA LYS D 105 -13.54 -12.90 27.95
C LYS D 105 -14.87 -13.61 27.71
N VAL D 106 -15.35 -13.54 26.47
CA VAL D 106 -16.63 -14.11 26.08
C VAL D 106 -16.39 -15.19 25.03
N TYR D 107 -17.06 -16.33 25.18
CA TYR D 107 -16.94 -17.41 24.20
C TYR D 107 -17.25 -16.89 22.80
N THR D 108 -16.45 -17.33 21.83
CA THR D 108 -16.64 -16.93 20.44
C THR D 108 -17.39 -17.96 19.62
N ASP D 109 -17.25 -19.24 19.93
CA ASP D 109 -17.90 -20.32 19.22
C ASP D 109 -18.52 -21.27 20.23
N TYR D 110 -19.79 -21.63 20.02
CA TYR D 110 -20.49 -22.48 20.97
C TYR D 110 -19.83 -23.86 21.07
N GLU D 111 -19.46 -24.44 19.93
CA GLU D 111 -18.80 -25.74 19.95
C GLU D 111 -17.44 -25.67 20.64
N ASN D 112 -16.67 -24.61 20.36
CA ASN D 112 -15.32 -24.52 20.86
C ASN D 112 -15.31 -24.17 22.34
N ARG D 113 -14.25 -24.63 23.03
CA ARG D 113 -14.02 -24.31 24.42
C ARG D 113 -12.83 -23.38 24.63
N VAL D 114 -11.95 -23.25 23.64
CA VAL D 114 -10.87 -22.28 23.71
C VAL D 114 -11.46 -20.88 23.81
N GLU D 115 -10.87 -20.04 24.65
CA GLU D 115 -11.39 -18.70 24.84
C GLU D 115 -10.28 -17.75 25.29
N THR D 116 -10.21 -16.59 24.64
CA THR D 116 -9.22 -15.56 24.92
C THR D 116 -9.91 -14.30 25.40
N ASP D 117 -9.12 -13.40 25.97
CA ASP D 117 -9.66 -12.16 26.52
C ASP D 117 -10.12 -11.23 25.41
N ILE D 118 -10.82 -10.16 25.81
CA ILE D 118 -11.37 -9.19 24.86
C ILE D 118 -10.25 -8.54 24.05
N SER D 119 -9.07 -8.37 24.65
CA SER D 119 -7.99 -7.63 24.00
C SER D 119 -7.57 -8.29 22.68
N GLU D 120 -7.66 -9.61 22.59
CA GLU D 120 -7.21 -10.35 21.42
C GLU D 120 -8.37 -10.85 20.57
N LEU D 121 -9.38 -10.00 20.38
CA LEU D 121 -10.51 -10.31 19.51
C LEU D 121 -10.58 -9.44 18.27
N GLY D 122 -10.02 -8.24 18.32
CA GLY D 122 -10.00 -7.32 17.19
C GLY D 122 -10.70 -5.99 17.42
N LEU D 123 -11.24 -5.73 18.61
CA LEU D 123 -11.98 -4.50 18.88
C LEU D 123 -11.05 -3.42 19.41
N ILE D 124 -11.61 -2.22 19.57
CA ILE D 124 -10.86 -1.06 20.04
C ILE D 124 -11.81 -0.15 20.80
N GLU D 125 -11.29 0.46 21.87
CA GLU D 125 -12.05 1.37 22.72
C GLU D 125 -13.25 0.68 23.37
N TYR D 126 -13.01 -0.13 24.39
CA TYR D 126 -14.06 -0.81 25.14
C TYR D 126 -14.01 -0.36 26.60
N GLU D 127 -15.18 -0.34 27.24
CA GLU D 127 -15.32 0.14 28.61
C GLU D 127 -16.21 -0.83 29.37
N ILE D 128 -15.65 -1.53 30.35
CA ILE D 128 -16.39 -2.52 31.13
C ILE D 128 -16.71 -1.94 32.51
N GLU D 129 -17.90 -2.24 33.00
CA GLU D 129 -18.33 -1.88 34.35
C GLU D 129 -18.93 -3.12 35.00
N GLU D 130 -18.39 -3.51 36.16
CA GLU D 130 -18.85 -4.70 36.88
C GLU D 130 -19.14 -4.32 38.33
N ASN D 131 -20.32 -3.73 38.54
CA ASN D 131 -20.78 -3.35 39.87
C ASN D 131 -21.23 -4.58 40.65
N TYR D 137 -27.69 -3.79 44.64
CA TYR D 137 -27.47 -5.01 43.86
C TYR D 137 -26.25 -4.86 42.96
N ASN D 138 -26.13 -5.74 41.96
CA ASN D 138 -24.95 -5.79 41.10
C ASN D 138 -25.36 -5.79 39.64
N GLU D 139 -24.46 -5.28 38.79
CA GLU D 139 -24.73 -5.10 37.37
C GLU D 139 -23.51 -5.46 36.56
N ARG D 140 -23.71 -5.57 35.24
CA ARG D 140 -22.64 -5.84 34.28
C ARG D 140 -22.89 -4.98 33.05
N THR D 141 -21.88 -4.24 32.61
CA THR D 141 -22.03 -3.30 31.51
C THR D 141 -20.76 -3.28 30.66
N ILE D 142 -20.92 -2.95 29.38
CA ILE D 142 -19.80 -2.80 28.46
C ILE D 142 -20.19 -1.77 27.39
N THR D 143 -19.16 -1.22 26.73
CA THR D 143 -19.34 -0.15 25.75
C THR D 143 -18.71 -0.53 24.44
N ILE D 144 -19.44 -0.34 23.34
CA ILE D 144 -19.01 -0.74 22.00
C ILE D 144 -18.63 0.49 21.20
N SER D 145 -17.41 0.47 20.62
CA SER D 145 -16.96 1.60 19.82
C SER D 145 -17.23 1.33 18.33
N PRO D 146 -17.54 2.38 17.56
CA PRO D 146 -17.79 2.19 16.13
C PRO D 146 -16.53 2.08 15.29
N PHE D 147 -15.35 2.29 15.87
CA PHE D 147 -14.10 2.22 15.13
C PHE D 147 -13.76 0.80 14.68
N SER D 148 -14.52 -0.19 15.10
CA SER D 148 -14.23 -1.58 14.81
C SER D 148 -14.30 -1.85 13.30
N PRO D 149 -13.22 -2.33 12.67
CA PRO D 149 -13.26 -2.62 11.23
C PRO D 149 -13.75 -4.02 10.86
N LYS D 150 -13.91 -4.91 11.83
CA LYS D 150 -14.07 -6.33 11.57
C LYS D 150 -15.36 -6.83 12.22
N ASP D 151 -16.06 -7.71 11.50
CA ASP D 151 -17.29 -8.31 11.99
C ASP D 151 -16.94 -9.33 13.08
N ILE D 152 -17.12 -8.94 14.33
CA ILE D 152 -16.70 -9.74 15.49
C ILE D 152 -17.94 -10.25 16.20
N GLU D 153 -17.88 -11.50 16.66
CA GLU D 153 -19.02 -12.25 17.15
C GLU D 153 -18.64 -13.00 18.43
N PHE D 154 -19.57 -13.07 19.39
CA PHE D 154 -19.28 -13.75 20.65
C PHE D 154 -20.57 -14.16 21.36
N PHE D 155 -20.47 -15.21 22.17
CA PHE D 155 -21.56 -15.78 22.95
C PHE D 155 -21.18 -15.84 24.42
N CYS D 156 -22.15 -15.60 25.30
CA CYS D 156 -21.97 -15.86 26.73
C CYS D 156 -23.13 -16.69 27.26
N PHE D 157 -22.82 -17.57 28.22
CA PHE D 157 -23.79 -18.43 28.86
C PHE D 157 -23.86 -18.08 30.35
N CYS D 158 -24.97 -18.45 30.99
CA CYS D 158 -25.15 -18.13 32.40
C CYS D 158 -26.31 -18.86 33.06
N ASP D 159 -26.00 -19.76 33.99
CA ASP D 159 -26.98 -20.33 34.91
C ASP D 159 -26.28 -21.10 36.03
N ARG D 171 -33.51 -22.40 33.46
CA ARG D 171 -33.57 -21.93 32.09
C ARG D 171 -32.32 -21.13 31.72
N SER D 172 -31.31 -21.83 31.23
CA SER D 172 -30.04 -21.21 30.88
C SER D 172 -30.20 -20.48 29.55
N ALA D 173 -30.29 -19.15 29.61
CA ALA D 173 -30.49 -18.36 28.41
C ALA D 173 -29.18 -18.19 27.65
N MET D 174 -29.28 -17.64 26.45
CA MET D 174 -28.14 -17.45 25.56
C MET D 174 -28.05 -15.98 25.16
N VAL D 175 -26.94 -15.34 25.51
CA VAL D 175 -26.69 -13.96 25.13
C VAL D 175 -25.80 -13.96 23.89
N HIS D 176 -26.32 -13.44 22.79
CA HIS D 176 -25.64 -13.47 21.50
C HIS D 176 -25.68 -12.08 20.89
N VAL D 177 -24.53 -11.58 20.46
CA VAL D 177 -24.46 -10.25 19.83
C VAL D 177 -23.29 -10.25 18.85
N ARG D 178 -23.56 -9.81 17.63
CA ARG D 178 -22.53 -9.66 16.59
C ARG D 178 -22.37 -8.18 16.28
N VAL D 179 -21.15 -7.68 16.40
CA VAL D 179 -20.88 -6.31 16.00
C VAL D 179 -20.80 -6.25 14.48
N LEU D 180 -21.36 -5.18 13.91
CA LEU D 180 -21.33 -4.96 12.48
C LEU D 180 -20.43 -3.79 12.15
N LYS D 181 -19.91 -3.78 10.92
CA LYS D 181 -19.05 -2.69 10.47
C LYS D 181 -19.88 -1.45 10.17
N TYR D 182 -19.38 -0.30 10.62
CA TYR D 182 -20.04 0.96 10.32
C TYR D 182 -19.88 1.27 8.84
N PRO D 183 -20.98 1.58 8.11
CA PRO D 183 -20.93 1.58 6.66
C PRO D 183 -20.54 2.87 5.98
N HIS D 184 -20.42 3.98 6.70
CA HIS D 184 -20.09 5.26 6.10
C HIS D 184 -18.66 5.66 6.45
N ASN D 185 -18.01 6.38 5.52
CA ASN D 185 -16.69 6.90 5.80
C ASN D 185 -16.75 7.84 7.01
N ILE D 186 -15.71 7.81 7.83
CA ILE D 186 -15.68 8.58 9.07
C ILE D 186 -14.62 9.66 8.95
N LEU D 187 -15.01 10.90 9.26
CA LEU D 187 -14.12 12.05 9.17
C LEU D 187 -13.69 12.42 10.58
N PHE D 188 -12.41 12.21 10.88
CA PHE D 188 -11.87 12.44 12.22
C PHE D 188 -10.84 13.56 12.15
N THR D 189 -11.12 14.66 12.84
CA THR D 189 -10.25 15.83 12.90
C THR D 189 -9.78 15.99 14.33
N ASN D 190 -8.49 15.79 14.58
CA ASN D 190 -7.98 15.82 15.96
C ASN D 190 -7.23 17.13 16.21
N LEU D 191 -7.74 17.91 17.15
CA LEU D 191 -7.13 19.15 17.60
C LEU D 191 -6.63 18.96 19.03
N THR D 192 -5.86 17.91 19.26
CA THR D 192 -5.38 17.60 20.60
C THR D 192 -3.90 17.23 20.52
N ASN D 193 -3.20 17.45 21.64
CA ASN D 193 -1.76 17.22 21.69
C ASN D 193 -1.43 15.74 21.54
N ASP D 194 -2.28 14.87 22.07
CA ASP D 194 -2.00 13.44 22.08
C ASP D 194 -1.98 12.87 20.66
N LEU D 195 -1.42 11.67 20.55
CA LEU D 195 -1.14 11.02 19.26
C LEU D 195 -1.89 9.69 19.23
N PHE D 196 -3.14 9.72 18.78
CA PHE D 196 -3.88 8.48 18.57
C PHE D 196 -3.28 7.73 17.38
N THR D 197 -3.80 6.53 17.13
CA THR D 197 -3.39 5.76 15.95
C THR D 197 -4.57 4.89 15.51
N TYR D 198 -5.45 5.49 14.70
CA TYR D 198 -6.54 4.77 14.05
C TYR D 198 -6.31 4.59 12.56
N LEU D 199 -5.23 5.18 12.02
CA LEU D 199 -4.91 5.25 10.60
C LEU D 199 -6.11 5.57 9.70
N PRO D 200 -6.94 6.58 10.03
CA PRO D 200 -7.99 6.96 9.08
C PRO D 200 -7.47 8.06 8.17
N LYS D 201 -8.29 8.54 7.23
CA LYS D 201 -7.90 9.73 6.48
C LYS D 201 -8.15 10.91 7.40
N THR D 202 -7.10 11.35 8.07
CA THR D 202 -7.21 12.28 9.18
C THR D 202 -7.01 13.72 8.69
N TYR D 203 -7.88 14.61 9.16
CA TYR D 203 -7.81 16.04 8.84
C TYR D 203 -7.35 16.76 10.10
N ASN D 204 -6.07 17.11 10.15
CA ASN D 204 -5.60 17.87 11.31
C ASN D 204 -5.76 19.37 11.02
N GLU D 205 -5.24 20.21 11.91
CA GLU D 205 -5.42 21.66 11.81
C GLU D 205 -5.01 22.21 10.45
N SER D 206 -4.10 21.53 9.75
CA SER D 206 -3.56 22.02 8.49
C SER D 206 -4.63 22.26 7.43
N ASN D 207 -5.86 21.76 7.62
CA ASN D 207 -6.88 21.83 6.58
C ASN D 207 -7.69 23.12 6.61
N PHE D 208 -7.92 23.72 7.77
CA PHE D 208 -8.81 24.86 7.82
C PHE D 208 -8.13 26.10 7.21
N VAL D 209 -8.96 27.11 6.92
CA VAL D 209 -8.51 28.33 6.24
C VAL D 209 -8.65 29.49 7.21
N SER D 210 -7.52 29.96 7.73
CA SER D 210 -7.45 31.11 8.61
C SER D 210 -8.38 30.96 9.82
N ASN D 211 -8.18 29.85 10.55
CA ASN D 211 -8.88 29.57 11.79
C ASN D 211 -10.39 29.45 11.59
N VAL D 212 -10.79 28.73 10.54
CA VAL D 212 -12.18 28.37 10.34
C VAL D 212 -12.23 27.20 9.36
N LEU D 213 -13.13 26.26 9.62
CA LEU D 213 -13.19 24.99 8.88
C LEU D 213 -14.61 24.75 8.40
N GLU D 214 -14.86 25.01 7.13
CA GLU D 214 -16.14 24.70 6.50
C GLU D 214 -16.09 23.29 5.94
N VAL D 215 -17.12 22.49 6.25
CA VAL D 215 -17.15 21.09 5.86
C VAL D 215 -18.58 20.70 5.51
N GLU D 216 -18.75 20.05 4.36
CA GLU D 216 -20.03 19.53 3.91
C GLU D 216 -20.10 18.03 4.16
N LEU D 217 -21.13 17.60 4.87
CA LEU D 217 -21.27 16.20 5.27
C LEU D 217 -22.18 15.45 4.32
N ASN D 218 -21.76 14.25 3.92
CA ASN D 218 -22.65 13.33 3.23
C ASN D 218 -23.68 12.79 4.21
N ASP D 219 -24.92 12.66 3.74
CA ASP D 219 -25.98 12.12 4.59
C ASP D 219 -25.66 10.68 4.99
N GLY D 220 -25.47 10.46 6.29
CA GLY D 220 -25.08 9.17 6.83
C GLY D 220 -23.69 9.14 7.40
N GLU D 221 -22.79 10.01 6.92
CA GLU D 221 -21.43 10.05 7.42
C GLU D 221 -21.39 10.47 8.88
N LEU D 222 -20.20 10.40 9.46
CA LEU D 222 -20.01 10.65 10.89
C LEU D 222 -18.76 11.48 11.10
N PHE D 223 -18.91 12.59 11.81
CA PHE D 223 -17.83 13.55 12.04
C PHE D 223 -17.36 13.45 13.49
N VAL D 224 -16.07 13.24 13.69
CA VAL D 224 -15.48 13.16 15.02
C VAL D 224 -14.46 14.29 15.17
N LEU D 225 -14.44 14.90 16.37
CA LEU D 225 -13.48 15.94 16.70
C LEU D 225 -12.82 15.57 18.02
N ALA D 226 -11.49 15.41 18.00
CA ALA D 226 -10.72 15.15 19.20
C ALA D 226 -10.21 16.48 19.73
N CYS D 227 -10.94 17.07 20.68
CA CYS D 227 -10.58 18.38 21.18
C CYS D 227 -11.07 18.52 22.61
N GLU D 228 -10.64 19.59 23.27
CA GLU D 228 -11.02 19.90 24.65
C GLU D 228 -11.56 21.33 24.67
N LEU D 229 -12.87 21.47 24.66
CA LEU D 229 -13.50 22.78 24.53
C LEU D 229 -13.23 23.65 25.75
N ILE D 230 -13.15 24.96 25.49
CA ILE D 230 -13.05 25.93 26.57
C ILE D 230 -14.43 26.35 27.07
N ASN D 231 -15.32 26.72 26.15
CA ASN D 231 -16.67 27.10 26.56
C ASN D 231 -17.51 25.88 26.91
N LYS D 232 -17.16 24.72 26.34
CA LYS D 232 -17.84 23.45 26.62
C LYS D 232 -19.35 23.56 26.36
N LYS D 233 -19.71 24.18 25.22
CA LYS D 233 -21.10 24.35 24.80
C LYS D 233 -21.09 24.49 23.28
N CYS D 234 -21.43 23.42 22.59
CA CYS D 234 -21.42 23.48 21.13
C CYS D 234 -22.30 22.38 20.54
N PHE D 235 -22.48 22.46 19.20
CA PHE D 235 -23.16 21.49 18.35
C PHE D 235 -24.68 21.52 18.52
N GLN D 236 -25.19 22.68 18.92
CA GLN D 236 -26.62 22.96 18.88
C GLN D 236 -26.95 24.36 18.39
N GLU D 237 -26.04 25.32 18.50
CA GLU D 237 -26.29 26.70 18.06
C GLU D 237 -25.97 26.84 16.57
N GLY D 238 -26.82 27.57 15.87
CA GLY D 238 -26.63 27.79 14.45
C GLY D 238 -26.63 29.27 14.10
N LYS D 239 -25.52 29.73 13.49
CA LYS D 239 -25.43 31.13 13.09
C LYS D 239 -26.53 31.53 12.13
N GLU D 240 -27.02 30.59 11.32
CA GLU D 240 -27.97 30.90 10.27
C GLU D 240 -29.40 31.01 10.78
N LYS D 241 -30.37 30.89 9.86
CA LYS D 241 -31.77 31.08 10.18
C LYS D 241 -32.44 29.81 10.70
N ALA D 242 -31.94 28.64 10.32
CA ALA D 242 -32.42 27.36 10.82
C ALA D 242 -31.22 26.57 11.35
N LEU D 243 -31.48 25.38 11.87
CA LEU D 243 -30.44 24.56 12.48
C LEU D 243 -30.34 23.20 11.80
N TYR D 244 -29.17 22.58 11.96
CA TYR D 244 -28.81 21.31 11.35
C TYR D 244 -28.82 20.26 12.47
N LYS D 245 -29.95 19.57 12.62
CA LYS D 245 -30.11 18.64 13.72
C LYS D 245 -29.48 17.29 13.39
N SER D 246 -29.15 16.55 14.44
CA SER D 246 -28.58 15.21 14.34
C SER D 246 -29.32 14.29 15.30
N ASN D 247 -29.71 13.11 14.81
CA ASN D 247 -30.41 12.16 15.66
C ASN D 247 -29.55 11.71 16.84
N LYS D 248 -28.22 11.72 16.67
CA LYS D 248 -27.33 11.21 17.70
C LYS D 248 -26.11 12.13 17.82
N ILE D 249 -25.93 12.71 19.00
CA ILE D 249 -24.71 13.43 19.35
C ILE D 249 -24.22 12.88 20.69
N ILE D 250 -22.97 12.43 20.74
CA ILE D 250 -22.43 11.74 21.89
C ILE D 250 -21.13 12.40 22.32
N TYR D 251 -20.95 12.54 23.63
CA TYR D 251 -19.81 13.22 24.21
C TYR D 251 -19.04 12.23 25.08
N HIS D 252 -17.75 12.04 24.76
CA HIS D 252 -16.85 11.20 25.55
C HIS D 252 -15.61 12.02 25.88
N LYS D 253 -15.70 12.82 26.94
CA LYS D 253 -14.60 13.66 27.41
C LYS D 253 -14.05 14.52 26.27
N ASN D 254 -12.92 14.10 25.70
CA ASN D 254 -12.30 14.85 24.61
C ASN D 254 -13.03 14.60 23.29
N LEU D 255 -13.15 13.34 22.88
CA LEU D 255 -13.73 13.03 21.57
C LEU D 255 -15.23 13.28 21.57
N THR D 256 -15.71 13.89 20.49
CA THR D 256 -17.13 14.16 20.28
C THR D 256 -17.53 13.66 18.90
N ILE D 257 -18.83 13.39 18.74
CA ILE D 257 -19.34 12.66 17.57
C ILE D 257 -20.63 13.32 17.08
N PHE D 258 -20.82 13.29 15.76
CA PHE D 258 -22.01 13.84 15.11
C PHE D 258 -22.43 12.88 14.00
N LYS D 259 -23.70 12.49 13.99
CA LYS D 259 -24.26 11.63 12.95
C LYS D 259 -25.14 12.47 12.03
N ALA D 260 -24.79 12.51 10.75
CA ALA D 260 -25.57 13.29 9.79
C ALA D 260 -26.86 12.54 9.44
N PRO D 261 -27.98 13.24 9.40
CA PRO D 261 -29.27 12.61 9.11
C PRO D 261 -29.50 12.49 7.60
N PHE D 262 -30.63 11.90 7.25
CA PHE D 262 -31.01 11.67 5.86
C PHE D 262 -31.93 12.75 5.30
N TYR D 263 -32.99 13.09 6.03
CA TYR D 263 -33.97 14.07 5.57
C TYR D 263 -33.71 15.42 6.22
N VAL D 264 -33.60 16.46 5.39
CA VAL D 264 -33.48 17.84 5.85
C VAL D 264 -34.42 18.69 4.99
N THR D 265 -34.71 19.90 5.47
CA THR D 265 -35.73 20.74 4.84
C THR D 265 -35.18 21.99 4.17
N SER D 266 -34.06 22.52 4.63
CA SER D 266 -33.54 23.76 4.08
C SER D 266 -32.02 23.70 4.00
N LYS D 267 -31.46 24.22 2.91
CA LYS D 267 -30.02 24.25 2.77
C LYS D 267 -29.37 25.23 3.74
N ASP D 268 -30.12 26.23 4.22
CA ASP D 268 -29.59 27.23 5.15
C ASP D 268 -29.69 26.72 6.60
N VAL D 269 -29.00 25.60 6.84
CA VAL D 269 -28.89 25.03 8.17
C VAL D 269 -27.42 24.79 8.48
N ASN D 270 -27.06 24.93 9.75
CA ASN D 270 -25.68 24.75 10.17
C ASN D 270 -25.66 24.51 11.67
N THR D 271 -24.46 24.20 12.18
CA THR D 271 -24.26 24.05 13.62
C THR D 271 -22.78 24.34 13.91
N GLU D 272 -22.52 25.52 14.45
CA GLU D 272 -21.15 25.98 14.65
C GLU D 272 -20.52 25.33 15.88
N CYS D 273 -19.19 25.28 15.87
CA CYS D 273 -18.42 24.76 16.98
C CYS D 273 -17.13 25.56 17.13
N THR D 274 -16.59 25.54 18.34
CA THR D 274 -15.31 26.17 18.61
C THR D 274 -14.59 25.39 19.70
N CYS D 275 -13.26 25.42 19.64
CA CYS D 275 -12.42 24.74 20.61
C CYS D 275 -11.09 25.45 20.69
N LYS D 276 -10.33 25.16 21.75
CA LYS D 276 -9.05 25.80 21.98
C LYS D 276 -7.92 24.77 21.93
N PHE D 277 -6.77 25.21 21.42
CA PHE D 277 -5.64 24.33 21.17
C PHE D 277 -4.38 25.15 20.91
N LYS D 278 -3.41 25.07 21.81
CA LYS D 278 -2.18 25.87 21.73
C LYS D 278 -2.51 27.36 21.66
N ASN D 279 -3.29 27.82 22.63
CA ASN D 279 -3.65 29.22 22.81
C ASN D 279 -4.46 29.79 21.64
N ASN D 280 -5.09 28.94 20.83
CA ASN D 280 -5.80 29.40 19.64
C ASN D 280 -7.24 28.90 19.66
N ASN D 281 -8.15 29.76 19.17
CA ASN D 281 -9.57 29.42 19.06
C ASN D 281 -9.87 29.03 17.62
N TYR D 282 -10.12 27.75 17.39
CA TYR D 282 -10.44 27.22 16.07
C TYR D 282 -11.94 26.96 15.97
N LYS D 283 -12.51 27.25 14.81
CA LYS D 283 -13.93 27.10 14.56
C LYS D 283 -14.18 25.96 13.59
N ILE D 284 -15.36 25.32 13.74
CA ILE D 284 -15.80 24.26 12.86
C ILE D 284 -17.29 24.48 12.57
N VAL D 285 -17.65 24.46 11.29
CA VAL D 285 -19.03 24.70 10.86
C VAL D 285 -19.48 23.54 10.00
N LEU D 286 -20.58 22.90 10.38
CA LEU D 286 -21.14 21.77 9.65
C LEU D 286 -22.29 22.22 8.76
N LYS D 287 -22.46 21.53 7.63
CA LYS D 287 -23.51 21.86 6.68
C LYS D 287 -23.72 20.67 5.76
N PRO D 288 -24.95 20.35 5.36
CA PRO D 288 -25.17 19.17 4.50
C PRO D 288 -25.26 19.52 3.03
N LYS D 289 -25.32 18.49 2.18
CA LYS D 289 -25.54 18.67 0.75
C LYS D 289 -27.04 18.61 0.46
N TYR D 290 -27.55 19.62 -0.24
CA TYR D 290 -28.99 19.77 -0.42
C TYR D 290 -29.41 19.12 -1.73
N GLU D 291 -29.70 17.82 -1.66
CA GLU D 291 -30.38 17.14 -2.74
C GLU D 291 -31.88 17.19 -2.49
N LYS D 292 -32.64 17.52 -3.52
CA LYS D 292 -34.10 17.45 -3.44
C LYS D 292 -34.54 16.01 -3.67
N LYS D 293 -35.15 15.41 -2.65
CA LYS D 293 -35.59 14.03 -2.71
C LYS D 293 -37.11 13.95 -2.69
N VAL D 294 -37.64 12.93 -3.35
CA VAL D 294 -39.08 12.66 -3.37
C VAL D 294 -39.35 11.49 -2.43
N ILE D 295 -40.27 11.71 -1.49
CA ILE D 295 -40.62 10.70 -0.50
C ILE D 295 -41.71 9.80 -1.07
N HIS D 296 -41.57 8.50 -0.82
CA HIS D 296 -42.51 7.51 -1.35
C HIS D 296 -43.63 7.29 -0.34
N GLY D 297 -44.85 7.61 -0.74
CA GLY D 297 -45.98 7.50 0.16
C GLY D 297 -47.21 8.12 -0.49
N CYS D 298 -48.17 8.49 0.34
CA CYS D 298 -49.41 9.06 -0.14
C CYS D 298 -49.71 10.35 0.61
N ASN D 299 -49.91 11.44 -0.14
CA ASN D 299 -50.21 12.75 0.42
C ASN D 299 -51.73 12.89 0.55
N PHE D 300 -52.23 12.83 1.78
CA PHE D 300 -53.67 12.95 2.02
C PHE D 300 -54.10 14.38 2.31
N SER D 301 -53.19 15.24 2.75
CA SER D 301 -53.57 16.61 3.11
C SER D 301 -53.94 17.42 1.88
N SER D 302 -55.00 18.22 2.01
CA SER D 302 -55.48 19.02 0.89
C SER D 302 -54.52 20.17 0.59
N ASN D 303 -54.04 20.85 1.63
CA ASN D 303 -53.06 21.91 1.47
C ASN D 303 -51.83 21.38 0.75
N VAL D 304 -51.41 22.08 -0.30
CA VAL D 304 -50.33 21.63 -1.18
C VAL D 304 -49.11 22.54 -1.08
N SER D 305 -49.12 23.52 -0.18
CA SER D 305 -47.98 24.41 -0.01
C SER D 305 -46.79 23.74 0.66
N SER D 306 -46.93 22.48 1.08
CA SER D 306 -45.89 21.83 1.87
C SER D 306 -44.58 21.73 1.11
N LYS D 307 -43.48 21.69 1.87
CA LYS D 307 -42.16 21.53 1.32
C LYS D 307 -41.88 20.10 0.85
N HIS D 308 -42.72 19.15 1.23
CA HIS D 308 -42.48 17.74 0.94
C HIS D 308 -43.19 17.34 -0.35
N THR D 309 -42.61 16.37 -1.04
CA THR D 309 -43.09 15.94 -2.36
C THR D 309 -43.32 14.43 -2.32
N PHE D 310 -44.58 14.02 -2.24
CA PHE D 310 -44.94 12.61 -2.18
C PHE D 310 -45.24 12.07 -3.58
N THR D 311 -45.06 10.75 -3.72
CA THR D 311 -45.26 10.10 -5.01
C THR D 311 -46.74 10.00 -5.38
N ASP D 312 -47.52 9.32 -4.55
CA ASP D 312 -48.96 9.24 -4.74
C ASP D 312 -49.65 10.33 -3.91
N SER D 313 -50.81 10.76 -4.40
CA SER D 313 -51.51 11.86 -3.74
C SER D 313 -53.01 11.74 -3.98
N LEU D 314 -53.79 12.11 -2.96
CA LEU D 314 -55.25 12.09 -3.02
C LEU D 314 -55.78 12.83 -1.82
N ASP D 315 -56.88 13.57 -2.00
CA ASP D 315 -57.51 14.31 -0.92
C ASP D 315 -58.52 13.40 -0.23
N ILE D 316 -58.22 13.00 1.00
CA ILE D 316 -59.10 12.13 1.76
C ILE D 316 -60.37 12.84 2.22
N SER D 317 -60.35 14.18 2.30
CA SER D 317 -61.49 14.94 2.81
C SER D 317 -62.66 15.03 1.83
N LEU D 318 -62.42 14.82 0.53
CA LEU D 318 -63.44 15.01 -0.49
C LEU D 318 -63.86 13.71 -1.16
N VAL D 319 -63.62 12.57 -0.53
CA VAL D 319 -63.79 11.27 -1.16
C VAL D 319 -65.14 10.68 -0.75
N ASP D 320 -65.61 9.74 -1.56
CA ASP D 320 -66.82 8.97 -1.30
C ASP D 320 -66.44 7.55 -0.90
N ASP D 321 -67.14 7.02 0.10
CA ASP D 321 -66.82 5.72 0.68
C ASP D 321 -67.86 4.70 0.25
N SER D 322 -67.70 4.16 -0.97
CA SER D 322 -68.43 2.98 -1.39
C SER D 322 -67.77 1.70 -0.90
N ALA D 323 -66.44 1.71 -0.78
CA ALA D 323 -65.68 0.63 -0.17
C ALA D 323 -64.47 1.25 0.50
N HIS D 324 -63.53 0.42 0.91
CA HIS D 324 -62.33 0.93 1.59
C HIS D 324 -61.40 1.61 0.60
N ILE D 325 -60.69 2.61 1.09
CA ILE D 325 -59.75 3.39 0.28
C ILE D 325 -58.33 2.94 0.62
N SER D 326 -57.59 2.51 -0.40
CA SER D 326 -56.21 2.08 -0.21
C SER D 326 -55.32 2.81 -1.21
N CYS D 327 -54.03 2.90 -0.87
CA CYS D 327 -53.04 3.65 -1.65
C CYS D 327 -51.74 2.84 -1.62
N ASN D 328 -51.55 1.99 -2.63
CA ASN D 328 -50.47 1.01 -2.63
C ASN D 328 -49.17 1.61 -3.16
N VAL D 329 -48.05 1.05 -2.68
CA VAL D 329 -46.71 1.49 -3.05
C VAL D 329 -45.81 0.26 -3.14
N HIS D 330 -45.07 0.14 -4.24
CA HIS D 330 -44.20 -1.00 -4.48
C HIS D 330 -42.81 -0.52 -4.90
N LEU D 331 -41.79 -1.26 -4.48
CA LEU D 331 -40.40 -0.92 -4.79
C LEU D 331 -39.63 -2.20 -5.13
N SER D 332 -38.66 -2.07 -6.04
CA SER D 332 -37.89 -3.22 -6.50
C SER D 332 -36.56 -2.72 -7.08
N GLU D 333 -35.53 -2.70 -6.25
CA GLU D 333 -34.18 -2.33 -6.65
C GLU D 333 -33.20 -3.22 -5.90
N PRO D 334 -31.97 -3.38 -6.41
CA PRO D 334 -31.00 -4.23 -5.72
C PRO D 334 -30.54 -3.66 -4.38
N LYS D 335 -30.10 -2.40 -4.38
CA LYS D 335 -29.65 -1.71 -3.19
C LYS D 335 -30.48 -0.46 -2.99
N TYR D 336 -30.84 -0.17 -1.74
CA TYR D 336 -31.88 0.79 -1.43
C TYR D 336 -31.31 2.05 -0.78
N ASN D 337 -31.96 3.17 -1.05
CA ASN D 337 -31.69 4.46 -0.42
C ASN D 337 -32.83 5.43 -0.74
N HIS D 338 -33.94 5.31 -0.01
CA HIS D 338 -35.12 6.11 -0.29
C HIS D 338 -35.75 6.58 1.01
N LEU D 339 -36.75 7.44 0.88
CA LEU D 339 -37.51 7.96 2.00
C LEU D 339 -38.97 7.55 1.85
N VAL D 340 -39.55 7.01 2.92
CA VAL D 340 -40.92 6.50 2.88
C VAL D 340 -41.69 7.06 4.07
N GLY D 341 -42.86 7.63 3.79
CA GLY D 341 -43.70 8.15 4.84
C GLY D 341 -45.08 8.50 4.31
N LEU D 342 -45.77 9.35 5.05
CA LEU D 342 -47.10 9.79 4.62
C LEU D 342 -47.44 11.09 5.31
N ASN D 343 -48.41 11.81 4.73
CA ASN D 343 -48.91 13.07 5.28
C ASN D 343 -50.41 12.92 5.47
N CYS D 344 -50.83 12.59 6.68
CA CYS D 344 -52.22 12.40 7.02
C CYS D 344 -52.71 13.58 7.85
N PRO D 345 -53.76 14.28 7.41
CA PRO D 345 -54.28 15.38 8.24
C PRO D 345 -54.98 14.91 9.50
N GLY D 346 -55.41 13.65 9.55
CA GLY D 346 -56.16 13.11 10.67
C GLY D 346 -55.30 12.25 11.57
N ASP D 347 -55.98 11.41 12.35
CA ASP D 347 -55.30 10.57 13.33
C ASP D 347 -54.55 9.44 12.63
N ILE D 348 -53.29 9.23 13.05
CA ILE D 348 -52.44 8.20 12.49
C ILE D 348 -52.28 7.09 13.53
N ILE D 349 -52.75 5.90 13.19
CA ILE D 349 -52.69 4.74 14.06
C ILE D 349 -52.22 3.55 13.24
N PRO D 350 -51.21 2.81 13.69
CA PRO D 350 -50.52 2.99 14.97
C PRO D 350 -49.43 4.04 14.86
N ASP D 351 -48.53 4.11 15.84
CA ASP D 351 -47.42 5.05 15.74
C ASP D 351 -46.50 4.64 14.59
N CYS D 352 -46.65 5.29 13.45
CA CYS D 352 -45.79 5.04 12.30
C CYS D 352 -44.63 6.02 12.31
N PHE D 353 -43.44 5.53 11.97
CA PHE D 353 -43.27 4.14 11.56
C PHE D 353 -42.47 3.34 12.58
N PHE D 354 -42.52 3.77 13.84
CA PHE D 354 -41.82 3.07 14.91
C PHE D 354 -42.37 1.65 15.08
N GLN D 355 -43.68 1.52 15.25
CA GLN D 355 -44.34 0.22 15.27
C GLN D 355 -45.47 0.23 14.25
N VAL D 356 -45.41 -0.70 13.30
CA VAL D 356 -46.30 -0.69 12.14
C VAL D 356 -47.22 -1.90 12.21
N TYR D 357 -48.30 -1.84 11.42
CA TYR D 357 -49.25 -2.94 11.33
C TYR D 357 -48.71 -4.04 10.42
N GLN D 358 -48.92 -5.29 10.82
CA GLN D 358 -48.52 -6.42 10.00
C GLN D 358 -49.41 -6.56 8.78
N PRO D 359 -48.92 -7.14 7.69
CA PRO D 359 -49.76 -7.36 6.51
C PRO D 359 -50.80 -8.43 6.75
N GLU D 360 -51.76 -8.50 5.83
CA GLU D 360 -52.88 -9.43 5.94
C GLU D 360 -53.17 -10.04 4.58
N SER D 361 -53.82 -11.19 4.59
CA SER D 361 -54.07 -11.96 3.36
C SER D 361 -55.37 -11.53 2.67
N GLU D 362 -56.48 -11.58 3.38
CA GLU D 362 -57.76 -11.17 2.81
C GLU D 362 -57.83 -9.65 2.72
N GLU D 363 -58.85 -9.17 2.00
CA GLU D 363 -59.06 -7.73 1.81
C GLU D 363 -59.83 -7.15 3.00
N LEU D 364 -59.21 -7.25 4.18
CA LEU D 364 -59.81 -6.82 5.43
C LEU D 364 -58.76 -6.13 6.28
N GLU D 365 -59.22 -5.54 7.39
CA GLU D 365 -58.35 -4.72 8.23
C GLU D 365 -57.34 -5.59 8.99
N PRO D 366 -56.18 -5.02 9.35
CA PRO D 366 -55.14 -5.82 10.03
C PRO D 366 -55.32 -5.86 11.54
N SER D 367 -54.45 -6.60 12.24
CA SER D 367 -54.56 -6.75 13.68
C SER D 367 -53.19 -6.83 14.36
N ASN D 368 -52.28 -7.62 13.81
CA ASN D 368 -50.98 -7.82 14.44
C ASN D 368 -50.13 -6.56 14.33
N ILE D 369 -49.60 -6.11 15.46
CA ILE D 369 -48.71 -4.94 15.51
C ILE D 369 -47.31 -5.44 15.80
N VAL D 370 -46.36 -5.10 14.93
CA VAL D 370 -44.97 -5.52 15.06
C VAL D 370 -44.08 -4.30 14.87
N TYR D 371 -42.85 -4.40 15.37
CA TYR D 371 -41.89 -3.32 15.21
C TYR D 371 -41.31 -3.32 13.80
N LEU D 372 -40.94 -2.12 13.33
CA LEU D 372 -40.50 -1.97 11.95
C LEU D 372 -39.18 -2.70 11.69
N ASP D 373 -38.15 -2.40 12.50
CA ASP D 373 -36.85 -3.02 12.33
C ASP D 373 -36.90 -4.54 12.43
N SER D 374 -37.93 -5.08 13.09
CA SER D 374 -38.05 -6.53 13.23
C SER D 374 -38.31 -7.23 11.89
N GLN D 375 -39.05 -6.58 10.98
CA GLN D 375 -39.37 -7.21 9.71
C GLN D 375 -38.39 -6.87 8.60
N ILE D 376 -37.75 -5.69 8.67
CA ILE D 376 -36.79 -5.33 7.63
C ILE D 376 -35.44 -5.99 7.88
N ASN D 377 -35.10 -6.25 9.15
CA ASN D 377 -33.85 -6.92 9.52
C ASN D 377 -32.64 -6.11 9.09
N ILE D 378 -32.73 -4.79 9.18
CA ILE D 378 -31.65 -3.88 8.86
C ILE D 378 -31.56 -2.84 9.97
N GLY D 379 -30.36 -2.63 10.51
CA GLY D 379 -30.19 -1.66 11.57
C GLY D 379 -30.24 -0.22 11.12
N ASP D 380 -29.99 0.05 9.84
CA ASP D 380 -29.91 1.41 9.32
C ASP D 380 -31.30 1.90 8.92
N ILE D 381 -32.11 2.21 9.94
CA ILE D 381 -33.47 2.69 9.76
C ILE D 381 -33.68 3.84 10.73
N GLU D 382 -33.59 5.07 10.24
CA GLU D 382 -33.80 6.26 11.04
C GLU D 382 -35.21 6.81 10.82
N TYR D 383 -35.74 7.45 11.86
CA TYR D 383 -37.12 7.92 11.87
C TYR D 383 -37.15 9.43 11.97
N TYR D 384 -38.03 10.06 11.18
CA TYR D 384 -38.14 11.51 11.14
C TYR D 384 -39.60 11.90 11.21
N GLU D 385 -39.87 13.03 11.86
CA GLU D 385 -41.23 13.52 12.03
C GLU D 385 -41.26 15.03 11.87
N ASP D 386 -42.44 15.54 11.53
CA ASP D 386 -42.68 16.97 11.31
C ASP D 386 -44.17 17.24 11.18
N ALA D 387 -44.61 18.46 11.52
CA ALA D 387 -46.02 18.82 11.38
C ALA D 387 -46.11 20.25 10.85
N GLU D 388 -47.18 20.51 10.09
CA GLU D 388 -47.45 21.83 9.52
C GLU D 388 -48.90 22.14 9.83
N GLY D 389 -49.13 22.79 10.97
CA GLY D 389 -50.50 22.98 11.41
C GLY D 389 -51.10 21.65 11.83
N ASP D 390 -52.26 21.32 11.27
CA ASP D 390 -52.88 20.03 11.55
C ASP D 390 -52.27 18.90 10.72
N ASP D 391 -51.56 19.22 9.64
CA ASP D 391 -50.93 18.19 8.83
C ASP D 391 -49.83 17.49 9.61
N LYS D 392 -49.90 16.17 9.70
CA LYS D 392 -48.93 15.36 10.40
C LYS D 392 -48.14 14.55 9.38
N ILE D 393 -46.82 14.69 9.40
CA ILE D 393 -45.94 14.05 8.42
C ILE D 393 -44.94 13.19 9.19
N LYS D 394 -45.14 11.89 9.18
CA LYS D 394 -44.20 10.93 9.75
C LYS D 394 -43.60 10.11 8.62
N LEU D 395 -42.33 9.72 8.78
CA LEU D 395 -41.62 9.01 7.72
C LEU D 395 -40.42 8.29 8.31
N PHE D 396 -39.68 7.60 7.43
CA PHE D 396 -38.47 6.88 7.82
C PHE D 396 -37.64 6.61 6.57
N GLY D 397 -36.34 6.45 6.77
CA GLY D 397 -35.42 6.16 5.68
C GLY D 397 -34.76 4.81 5.82
N ILE D 398 -34.31 4.24 4.71
CA ILE D 398 -33.77 2.89 4.68
C ILE D 398 -32.55 2.84 3.77
N VAL D 399 -31.50 2.14 4.21
CA VAL D 399 -30.27 1.97 3.45
C VAL D 399 -29.78 0.54 3.63
N GLY D 400 -29.53 -0.16 2.53
CA GLY D 400 -29.00 -1.51 2.60
C GLY D 400 -29.96 -2.55 2.03
N SER D 401 -29.40 -3.59 1.41
CA SER D 401 -30.23 -4.65 0.86
C SER D 401 -30.94 -5.41 1.98
N ILE D 402 -32.18 -5.82 1.71
CA ILE D 402 -32.98 -6.53 2.69
C ILE D 402 -32.77 -8.03 2.51
N PRO D 403 -32.93 -8.84 3.57
CA PRO D 403 -32.75 -10.29 3.43
C PRO D 403 -33.86 -10.95 2.63
N LYS D 404 -35.11 -10.75 3.04
CA LYS D 404 -36.26 -11.35 2.39
C LYS D 404 -37.34 -10.30 2.14
N THR D 405 -38.11 -10.51 1.08
CA THR D 405 -39.21 -9.62 0.73
C THR D 405 -40.24 -9.59 1.84
N THR D 406 -40.55 -8.38 2.33
CA THR D 406 -41.47 -8.19 3.44
C THR D 406 -42.46 -7.08 3.10
N SER D 407 -43.49 -6.95 3.94
CA SER D 407 -44.54 -5.97 3.72
C SER D 407 -45.04 -5.44 5.05
N PHE D 408 -45.78 -4.33 4.98
CA PHE D 408 -46.32 -3.64 6.15
C PHE D 408 -47.29 -2.56 5.68
N THR D 409 -48.15 -2.13 6.60
CA THR D 409 -49.18 -1.15 6.29
C THR D 409 -49.30 -0.12 7.41
N CYS D 410 -49.62 1.12 7.03
CA CYS D 410 -50.00 2.17 7.97
C CYS D 410 -51.39 2.69 7.59
N ILE D 411 -52.10 3.24 8.57
CA ILE D 411 -53.51 3.59 8.43
C ILE D 411 -53.74 5.04 8.82
N CYS D 412 -54.47 5.77 7.98
CA CYS D 412 -54.87 7.15 8.22
C CYS D 412 -56.39 7.22 8.25
N LYS D 413 -56.94 7.93 9.25
CA LYS D 413 -58.38 7.98 9.43
C LYS D 413 -58.80 9.40 9.78
N LYS D 414 -59.57 10.02 8.91
CA LYS D 414 -60.24 11.28 9.18
C LYS D 414 -61.74 11.00 9.26
N ASP D 415 -62.38 11.51 10.32
CA ASP D 415 -63.72 11.10 10.75
C ASP D 415 -63.93 9.60 10.54
N LYS D 416 -64.83 9.20 9.65
CA LYS D 416 -65.08 7.79 9.39
C LYS D 416 -64.45 7.28 8.11
N LYS D 417 -64.02 8.17 7.22
CA LYS D 417 -63.30 7.73 6.02
C LYS D 417 -61.92 7.23 6.42
N SER D 418 -61.64 5.96 6.14
CA SER D 418 -60.41 5.31 6.55
C SER D 418 -59.60 4.92 5.33
N ALA D 419 -58.40 5.49 5.21
CA ALA D 419 -57.49 5.19 4.12
C ALA D 419 -56.31 4.38 4.65
N TYR D 420 -55.90 3.37 3.89
CA TYR D 420 -54.80 2.50 4.27
C TYR D 420 -53.71 2.57 3.20
N MET D 421 -52.45 2.59 3.64
CA MET D 421 -51.31 2.63 2.74
C MET D 421 -50.45 1.40 2.99
N THR D 422 -50.29 0.56 1.96
CA THR D 422 -49.50 -0.65 2.03
C THR D 422 -48.21 -0.46 1.25
N VAL D 423 -47.09 -0.90 1.84
CA VAL D 423 -45.78 -0.77 1.23
C VAL D 423 -45.18 -2.16 1.06
N THR D 424 -44.58 -2.40 -0.10
CA THR D 424 -43.99 -3.69 -0.45
C THR D 424 -42.53 -3.49 -0.82
N ILE D 425 -41.64 -4.21 -0.13
CA ILE D 425 -40.19 -4.06 -0.31
C ILE D 425 -39.63 -5.40 -0.73
N ASP D 426 -38.98 -5.43 -1.89
CA ASP D 426 -38.44 -6.67 -2.46
C ASP D 426 -36.98 -6.88 -2.06
N SER D 427 -36.57 -8.14 -2.05
CA SER D 427 -35.17 -8.49 -1.78
C SER D 427 -34.33 -8.48 -3.05
N ALA D 428 -34.88 -8.99 -4.15
CA ALA D 428 -34.17 -9.01 -5.42
C ALA D 428 -34.88 -8.12 -6.44
N VAL E 21 -10.44 17.39 -20.40
CA VAL E 21 -10.89 18.52 -19.60
C VAL E 21 -11.25 19.70 -20.49
N MET E 22 -12.48 20.20 -20.36
CA MET E 22 -12.97 21.31 -21.17
C MET E 22 -13.85 22.20 -20.32
N LEU E 23 -13.74 23.51 -20.56
CA LEU E 23 -14.51 24.53 -19.84
C LEU E 23 -14.93 25.59 -20.84
N VAL E 24 -16.19 25.59 -21.22
CA VAL E 24 -16.72 26.51 -22.22
C VAL E 24 -17.50 27.62 -21.52
N GLU E 25 -17.17 28.87 -21.84
CA GLU E 25 -17.88 30.03 -21.32
C GLU E 25 -18.89 30.55 -22.33
N SER E 26 -19.83 31.35 -21.84
CA SER E 26 -20.87 31.92 -22.69
C SER E 26 -21.64 32.95 -21.89
N GLY E 27 -22.18 33.95 -22.60
CA GLY E 27 -23.02 34.97 -22.00
C GLY E 27 -22.49 36.39 -22.11
N GLY E 28 -21.30 36.60 -22.67
CA GLY E 28 -20.73 37.94 -22.78
C GLY E 28 -21.51 38.89 -23.66
N ASP E 29 -21.99 39.99 -23.08
CA ASP E 29 -22.81 40.94 -23.81
C ASP E 29 -22.76 42.28 -23.09
N LEU E 30 -23.00 43.35 -23.85
CA LEU E 30 -23.04 44.68 -23.26
C LEU E 30 -24.30 44.87 -22.43
N VAL E 31 -24.20 45.73 -21.42
CA VAL E 31 -25.32 46.06 -20.55
C VAL E 31 -25.21 47.53 -20.16
N LYS E 32 -26.35 48.21 -20.11
CA LYS E 32 -26.38 49.59 -19.67
C LYS E 32 -25.94 49.66 -18.20
N PRO E 33 -25.33 50.78 -17.79
CA PRO E 33 -24.87 50.89 -16.39
C PRO E 33 -26.00 50.72 -15.38
N GLY E 34 -25.96 49.62 -14.63
CA GLY E 34 -26.97 49.31 -13.64
C GLY E 34 -27.77 48.06 -13.93
N GLY E 35 -27.75 47.56 -15.16
CA GLY E 35 -28.46 46.35 -15.51
C GLY E 35 -27.93 45.08 -14.87
N SER E 36 -28.31 43.93 -15.42
CA SER E 36 -27.91 42.64 -14.89
C SER E 36 -27.64 41.67 -16.03
N LEU E 37 -26.94 40.59 -15.72
CA LEU E 37 -26.56 39.59 -16.71
C LEU E 37 -26.23 38.27 -16.03
N LYS E 38 -26.55 37.17 -16.71
CA LYS E 38 -26.27 35.82 -16.22
C LYS E 38 -25.38 35.10 -17.23
N VAL E 39 -24.30 34.49 -16.76
CA VAL E 39 -23.36 33.78 -17.61
C VAL E 39 -23.31 32.31 -17.21
N SER E 40 -22.81 31.49 -18.13
CA SER E 40 -22.75 30.04 -17.97
C SER E 40 -21.33 29.52 -18.15
N CYS E 41 -21.12 28.27 -17.75
CA CYS E 41 -19.82 27.59 -17.89
C CYS E 41 -20.06 26.10 -17.88
N ALA E 42 -19.76 25.43 -19.01
CA ALA E 42 -19.96 24.00 -19.12
C ALA E 42 -18.68 23.23 -18.77
N ALA E 43 -18.85 22.00 -18.30
CA ALA E 43 -17.75 21.17 -17.85
C ALA E 43 -17.71 19.84 -18.60
N SER E 44 -16.51 19.32 -18.79
CA SER E 44 -16.29 18.04 -19.45
C SER E 44 -14.97 17.45 -19.01
N GLY E 45 -14.93 16.12 -18.87
CA GLY E 45 -13.69 15.41 -18.61
C GLY E 45 -13.40 15.07 -17.16
N PHE E 46 -14.34 15.26 -16.26
CA PHE E 46 -14.14 14.97 -14.85
C PHE E 46 -15.48 14.96 -14.14
N THR E 47 -15.49 14.40 -12.93
CA THR E 47 -16.69 14.38 -12.11
C THR E 47 -16.89 15.76 -11.49
N PHE E 48 -18.01 16.41 -11.85
CA PHE E 48 -18.24 17.78 -11.42
C PHE E 48 -18.39 17.87 -9.91
N SER E 49 -19.20 16.99 -9.31
CA SER E 49 -19.50 17.06 -7.89
C SER E 49 -18.27 16.89 -7.00
N ASN E 50 -17.13 16.51 -7.55
CA ASN E 50 -15.94 16.26 -6.74
C ASN E 50 -15.01 17.46 -6.62
N TYR E 51 -15.22 18.52 -7.38
CA TYR E 51 -14.32 19.67 -7.39
C TYR E 51 -15.08 20.96 -7.13
N ALA E 52 -14.39 21.90 -6.48
CA ALA E 52 -14.90 23.24 -6.27
C ALA E 52 -14.59 24.14 -7.46
N MET E 53 -15.46 25.12 -7.69
CA MET E 53 -15.36 26.03 -8.83
C MET E 53 -15.22 27.48 -8.38
N SER E 54 -14.82 28.33 -9.32
CA SER E 54 -14.60 29.74 -9.04
C SER E 54 -14.55 30.53 -10.34
N TRP E 55 -14.73 31.85 -10.22
CA TRP E 55 -14.65 32.78 -11.35
C TRP E 55 -13.56 33.81 -11.10
N VAL E 56 -12.91 34.25 -12.18
CA VAL E 56 -11.84 35.25 -12.14
C VAL E 56 -11.96 36.14 -13.37
N ARG E 57 -11.84 37.45 -13.18
CA ARG E 57 -11.98 38.42 -14.26
C ARG E 57 -10.66 39.16 -14.50
N GLN E 58 -10.53 39.73 -15.70
CA GLN E 58 -9.31 40.40 -16.14
C GLN E 58 -9.66 41.73 -16.78
N THR E 59 -9.28 42.84 -16.13
CA THR E 59 -9.50 44.22 -16.55
C THR E 59 -8.85 44.52 -17.90
N PRO E 60 -9.14 45.66 -18.53
CA PRO E 60 -8.45 46.00 -19.78
C PRO E 60 -6.95 46.22 -19.61
N GLU E 61 -6.46 46.44 -18.40
CA GLU E 61 -5.03 46.52 -18.14
C GLU E 61 -4.42 45.16 -17.83
N LYS E 62 -5.10 44.08 -18.21
CA LYS E 62 -4.64 42.70 -18.07
C LYS E 62 -4.33 42.31 -16.61
N ARG E 63 -4.85 43.04 -15.63
CA ARG E 63 -4.66 42.68 -14.23
C ARG E 63 -5.76 41.71 -13.78
N LEU E 64 -5.34 40.56 -13.26
CA LEU E 64 -6.28 39.55 -12.79
C LEU E 64 -6.82 39.90 -11.41
N GLU E 65 -8.02 39.37 -11.11
CA GLU E 65 -8.64 39.57 -9.80
C GLU E 65 -9.72 38.53 -9.58
N TRP E 66 -9.76 38.00 -8.36
CA TRP E 66 -10.74 36.99 -7.98
C TRP E 66 -12.12 37.61 -7.78
N VAL E 67 -13.17 36.87 -8.16
CA VAL E 67 -14.53 37.39 -8.17
C VAL E 67 -15.49 36.57 -7.30
N ALA E 68 -15.40 35.24 -7.34
CA ALA E 68 -16.34 34.43 -6.59
C ALA E 68 -15.91 32.97 -6.59
N THR E 69 -16.25 32.27 -5.50
CA THR E 69 -15.96 30.84 -5.35
C THR E 69 -17.15 30.15 -4.68
N ILE E 70 -17.45 28.93 -5.14
CA ILE E 70 -18.51 28.11 -4.58
C ILE E 70 -17.97 26.70 -4.37
N SER E 71 -18.43 26.05 -3.30
CA SER E 71 -17.94 24.72 -2.95
C SER E 71 -18.66 23.64 -3.77
N SER E 72 -18.19 22.40 -3.59
CA SER E 72 -18.73 21.27 -4.35
C SER E 72 -20.22 21.08 -4.05
N GLY E 73 -20.59 21.07 -2.77
CA GLY E 73 -21.97 20.87 -2.40
C GLY E 73 -22.85 22.09 -2.52
N ALA E 74 -22.34 23.18 -3.11
CA ALA E 74 -23.12 24.37 -3.42
C ALA E 74 -23.79 24.94 -2.17
N SER E 75 -23.08 24.91 -1.06
CA SER E 75 -23.54 25.51 0.18
C SER E 75 -22.67 26.67 0.64
N TYR E 76 -21.35 26.50 0.62
CA TYR E 76 -20.43 27.55 1.03
C TYR E 76 -20.09 28.41 -0.18
N THR E 77 -20.38 29.71 -0.08
CA THR E 77 -20.09 30.65 -1.15
C THR E 77 -19.31 31.82 -0.57
N HIS E 78 -18.31 32.29 -1.32
CA HIS E 78 -17.47 33.39 -0.89
C HIS E 78 -17.38 34.43 -1.99
N TYR E 79 -17.40 35.70 -1.60
CA TYR E 79 -17.23 36.81 -2.50
C TYR E 79 -16.27 37.80 -1.84
N PRO E 80 -15.55 38.60 -2.61
CA PRO E 80 -14.77 39.68 -2.02
C PRO E 80 -15.69 40.84 -1.65
N ASP E 81 -15.28 41.60 -0.64
CA ASP E 81 -16.11 42.67 -0.10
C ASP E 81 -16.45 43.74 -1.13
N SER E 82 -15.79 43.75 -2.29
CA SER E 82 -16.10 44.75 -3.30
C SER E 82 -17.38 44.43 -4.07
N VAL E 83 -17.63 43.15 -4.34
CA VAL E 83 -18.77 42.73 -5.15
C VAL E 83 -19.80 41.96 -4.34
N LYS E 84 -19.70 41.98 -3.01
CA LYS E 84 -20.63 41.25 -2.18
C LYS E 84 -22.05 41.78 -2.34
N GLY E 85 -23.01 40.86 -2.45
CA GLY E 85 -24.41 41.25 -2.56
C GLY E 85 -24.90 41.34 -3.99
N ARG E 86 -24.17 42.04 -4.84
CA ARG E 86 -24.59 42.24 -6.22
C ARG E 86 -24.36 41.00 -7.07
N PHE E 87 -23.36 40.19 -6.73
CA PHE E 87 -23.01 39.01 -7.50
C PHE E 87 -23.50 37.75 -6.79
N THR E 88 -24.12 36.85 -7.55
CA THR E 88 -24.69 35.61 -7.01
C THR E 88 -24.16 34.44 -7.82
N ILE E 89 -23.35 33.60 -7.20
CA ILE E 89 -22.81 32.40 -7.84
C ILE E 89 -23.77 31.24 -7.60
N SER E 90 -23.77 30.27 -8.52
CA SER E 90 -24.68 29.13 -8.44
C SER E 90 -24.18 28.03 -9.37
N ARG E 91 -24.50 26.79 -9.00
CA ARG E 91 -24.08 25.63 -9.78
C ARG E 91 -25.20 24.59 -9.81
N ASP E 92 -25.24 23.82 -10.90
CA ASP E 92 -26.21 22.75 -11.11
C ASP E 92 -25.42 21.48 -11.46
N ASN E 93 -25.24 20.61 -10.46
CA ASN E 93 -24.45 19.40 -10.70
C ASN E 93 -25.09 18.46 -11.70
N ALA E 94 -26.43 18.40 -11.73
CA ALA E 94 -27.12 17.49 -12.65
C ALA E 94 -26.79 17.81 -14.11
N LYS E 95 -26.58 19.08 -14.44
CA LYS E 95 -26.31 19.49 -15.81
C LYS E 95 -24.84 19.78 -16.06
N ASN E 96 -24.00 19.76 -15.02
CA ASN E 96 -22.57 20.07 -15.13
C ASN E 96 -22.37 21.50 -15.64
N THR E 97 -23.16 22.44 -15.12
CA THR E 97 -23.09 23.83 -15.52
C THR E 97 -22.85 24.71 -14.30
N LEU E 98 -22.14 25.82 -14.53
CA LEU E 98 -21.82 26.80 -13.49
C LEU E 98 -22.37 28.15 -13.91
N TYR E 99 -23.07 28.81 -13.00
CA TYR E 99 -23.72 30.08 -13.29
C TYR E 99 -23.16 31.19 -12.39
N LEU E 100 -23.23 32.42 -12.89
CA LEU E 100 -22.83 33.60 -12.13
C LEU E 100 -23.72 34.75 -12.58
N GLN E 101 -24.64 35.16 -11.71
CA GLN E 101 -25.61 36.19 -12.04
C GLN E 101 -25.12 37.52 -11.48
N MET E 102 -24.73 38.44 -12.35
CA MET E 102 -24.27 39.76 -11.96
C MET E 102 -25.43 40.75 -12.03
N SER E 103 -25.59 41.55 -10.97
CA SER E 103 -26.67 42.52 -10.90
C SER E 103 -26.13 43.89 -10.52
N SER E 104 -26.81 44.93 -10.99
CA SER E 104 -26.45 46.32 -10.73
C SER E 104 -24.98 46.58 -11.04
N LEU E 105 -24.62 46.32 -12.30
CA LEU E 105 -23.23 46.40 -12.73
C LEU E 105 -22.75 47.85 -12.77
N ARG E 106 -21.43 48.01 -12.71
CA ARG E 106 -20.78 49.30 -12.69
C ARG E 106 -19.75 49.35 -13.81
N SER E 107 -19.25 50.56 -14.09
CA SER E 107 -18.26 50.74 -15.15
C SER E 107 -17.02 49.87 -14.93
N GLU E 108 -16.56 49.77 -13.68
CA GLU E 108 -15.34 49.01 -13.40
C GLU E 108 -15.52 47.52 -13.68
N ASP E 109 -16.75 47.02 -13.64
CA ASP E 109 -17.01 45.59 -13.74
C ASP E 109 -16.78 45.03 -15.14
N THR E 110 -16.46 45.86 -16.13
CA THR E 110 -16.22 45.37 -17.48
C THR E 110 -14.86 44.69 -17.55
N ALA E 111 -14.84 43.44 -18.01
CA ALA E 111 -13.60 42.65 -18.04
C ALA E 111 -13.86 41.35 -18.81
N MET E 112 -12.84 40.50 -18.84
CA MET E 112 -12.92 39.14 -19.38
C MET E 112 -13.00 38.16 -18.22
N TYR E 113 -14.01 37.29 -18.24
CA TYR E 113 -14.31 36.42 -17.11
C TYR E 113 -14.00 34.97 -17.44
N TYR E 114 -13.21 34.32 -16.58
CA TYR E 114 -12.83 32.92 -16.70
C TYR E 114 -13.43 32.11 -15.56
N CYS E 115 -13.73 30.84 -15.81
CA CYS E 115 -14.23 29.92 -14.78
C CYS E 115 -13.18 28.84 -14.52
N GLY E 116 -12.14 29.19 -13.76
CA GLY E 116 -11.14 28.22 -13.36
C GLY E 116 -11.64 27.24 -12.32
N ARG E 117 -10.91 26.14 -12.18
CA ARG E 117 -11.26 25.06 -11.25
C ARG E 117 -10.20 24.91 -10.17
N GLN E 118 -10.63 24.97 -8.91
CA GLN E 118 -9.74 24.77 -7.78
C GLN E 118 -9.26 23.33 -7.72
N VAL E 119 -8.03 23.15 -7.21
CA VAL E 119 -7.44 21.82 -7.06
C VAL E 119 -7.77 21.28 -5.68
N ASN E 120 -8.09 19.98 -5.62
CA ASN E 120 -8.45 19.33 -4.37
C ASN E 120 -7.45 18.25 -3.97
N ARG E 121 -6.23 18.29 -4.52
CA ARG E 121 -5.19 17.37 -4.04
C ARG E 121 -4.99 17.52 -2.55
N HIS E 122 -5.04 18.76 -2.06
CA HIS E 122 -5.09 19.04 -0.63
C HIS E 122 -6.51 19.35 -0.21
N ASP E 123 -6.91 18.77 0.91
CA ASP E 123 -8.28 18.87 1.38
C ASP E 123 -8.52 20.22 2.05
N ARG E 124 -8.11 21.29 1.38
CA ARG E 124 -8.27 22.65 1.85
C ARG E 124 -9.35 23.35 1.03
N ALA E 125 -10.16 24.16 1.70
CA ALA E 125 -11.24 24.89 1.03
C ALA E 125 -10.70 25.93 0.04
N LEU E 126 -9.46 26.35 0.18
CA LEU E 126 -8.86 27.38 -0.67
C LEU E 126 -7.61 26.83 -1.32
N ASP E 127 -7.52 26.93 -2.65
CA ASP E 127 -6.38 26.40 -3.37
C ASP E 127 -6.25 27.14 -4.71
N ALA E 128 -5.25 26.74 -5.49
CA ALA E 128 -5.00 27.30 -6.80
C ALA E 128 -5.86 26.59 -7.85
N MET E 129 -5.89 27.16 -9.05
CA MET E 129 -6.70 26.66 -10.15
C MET E 129 -5.86 25.87 -11.13
N ASP E 130 -6.23 24.60 -11.34
CA ASP E 130 -5.49 23.76 -12.28
C ASP E 130 -5.76 24.19 -13.71
N TYR E 131 -7.01 24.11 -14.12
CA TYR E 131 -7.44 24.34 -15.48
C TYR E 131 -8.35 25.56 -15.54
N TRP E 132 -8.09 26.43 -16.52
CA TRP E 132 -8.86 27.64 -16.72
C TRP E 132 -9.70 27.52 -17.99
N GLY E 133 -10.75 28.33 -18.06
CA GLY E 133 -11.55 28.44 -19.26
C GLY E 133 -10.89 29.35 -20.26
N GLN E 134 -11.66 29.70 -21.29
CA GLN E 134 -11.15 30.59 -22.33
C GLN E 134 -11.57 32.03 -22.15
N GLY E 135 -12.70 32.28 -21.50
CA GLY E 135 -13.13 33.62 -21.21
C GLY E 135 -14.31 34.06 -22.06
N THR E 136 -15.00 35.08 -21.58
CA THR E 136 -16.11 35.69 -22.30
C THR E 136 -16.20 37.16 -21.90
N SER E 137 -16.29 38.03 -22.91
CA SER E 137 -16.13 39.47 -22.70
C SER E 137 -17.48 40.13 -22.43
N VAL E 138 -17.57 40.84 -21.30
CA VAL E 138 -18.71 41.68 -20.99
C VAL E 138 -18.27 43.14 -21.03
N THR E 139 -19.17 44.01 -21.45
CA THR E 139 -18.88 45.44 -21.56
C THR E 139 -20.01 46.24 -20.93
N VAL E 140 -19.66 47.18 -20.05
CA VAL E 140 -20.67 47.99 -19.38
C VAL E 140 -20.58 49.44 -19.87
N SER E 141 -21.38 49.78 -20.87
CA SER E 141 -21.35 51.12 -21.44
C SER E 141 -22.75 51.46 -21.95
N PRO E 142 -23.21 52.69 -21.75
CA PRO E 142 -24.53 53.09 -22.27
C PRO E 142 -24.47 53.55 -23.72
N ALA E 143 -23.52 53.02 -24.48
CA ALA E 143 -23.34 53.44 -25.87
C ALA E 143 -24.25 52.63 -26.79
N LYS E 144 -24.65 53.26 -27.90
CA LYS E 144 -25.53 52.63 -28.87
C LYS E 144 -24.85 51.45 -29.53
N THR E 145 -25.58 50.34 -29.63
CA THR E 145 -25.08 49.15 -30.33
C THR E 145 -24.99 49.44 -31.81
N THR E 146 -23.77 49.65 -32.32
CA THR E 146 -23.60 50.01 -33.72
C THR E 146 -22.95 48.87 -34.48
N PRO E 147 -23.46 48.52 -35.66
CA PRO E 147 -22.84 47.49 -36.48
C PRO E 147 -21.60 48.03 -37.18
N PRO E 148 -20.70 47.17 -37.62
CA PRO E 148 -19.46 47.65 -38.24
C PRO E 148 -19.68 48.10 -39.68
N SER E 149 -18.63 48.71 -40.23
CA SER E 149 -18.61 49.16 -41.62
C SER E 149 -17.29 48.68 -42.24
N VAL E 150 -17.36 47.59 -43.00
CA VAL E 150 -16.18 46.96 -43.58
C VAL E 150 -15.86 47.62 -44.91
N TYR E 151 -14.60 48.02 -45.08
CA TYR E 151 -14.11 48.60 -46.32
C TYR E 151 -12.86 47.87 -46.78
N PRO E 152 -12.69 47.67 -48.08
CA PRO E 152 -11.48 47.00 -48.58
C PRO E 152 -10.32 47.96 -48.76
N LEU E 153 -9.11 47.42 -48.63
CA LEU E 153 -7.88 48.20 -48.78
C LEU E 153 -7.01 47.54 -49.84
N ALA E 154 -6.94 48.17 -51.01
CA ALA E 154 -6.09 47.74 -52.12
C ALA E 154 -5.19 48.87 -52.55
N PRO E 155 -3.97 48.57 -53.01
CA PRO E 155 -3.05 49.62 -53.42
C PRO E 155 -3.39 50.17 -54.79
N GLY E 156 -3.08 51.45 -54.98
CA GLY E 156 -3.32 52.13 -56.23
C GLY E 156 -2.03 52.45 -56.96
N SER E 157 -1.85 51.87 -58.14
CA SER E 157 -0.61 52.04 -58.90
C SER E 157 -0.89 52.57 -60.31
N THR E 161 5.84 48.92 -55.47
CA THR E 161 4.61 48.37 -56.04
C THR E 161 4.91 47.26 -57.03
N ASN E 162 6.04 46.58 -56.85
CA ASN E 162 6.43 45.53 -57.78
C ASN E 162 7.37 44.50 -57.16
N SER E 163 7.32 44.34 -55.84
CA SER E 163 8.15 43.34 -55.18
C SER E 163 7.29 42.21 -54.62
N MET E 164 6.63 42.46 -53.49
CA MET E 164 5.73 41.49 -52.90
C MET E 164 4.48 42.24 -52.44
N VAL E 165 3.32 41.63 -52.68
CA VAL E 165 2.04 42.27 -52.41
C VAL E 165 1.63 42.06 -50.95
N THR E 166 0.97 43.08 -50.41
CA THR E 166 0.37 43.02 -49.08
C THR E 166 -0.97 43.74 -49.12
N LEU E 167 -2.04 43.06 -48.74
CA LEU E 167 -3.39 43.59 -48.78
C LEU E 167 -3.88 43.91 -47.38
N GLY E 168 -5.05 44.56 -47.30
CA GLY E 168 -5.57 44.99 -46.01
C GLY E 168 -7.08 45.09 -46.00
N CYS E 169 -7.62 45.19 -44.78
CA CYS E 169 -9.05 45.32 -44.52
C CYS E 169 -9.26 46.27 -43.35
N LEU E 170 -10.35 47.03 -43.39
CA LEU E 170 -10.62 48.06 -42.40
C LEU E 170 -12.03 47.91 -41.84
N VAL E 171 -12.13 47.90 -40.50
CA VAL E 171 -13.41 47.86 -39.80
C VAL E 171 -13.41 48.94 -38.73
N LYS E 172 -14.18 50.00 -38.95
CA LYS E 172 -14.27 51.12 -38.01
C LYS E 172 -15.72 51.51 -37.78
N GLY E 173 -15.95 52.25 -36.69
CA GLY E 173 -17.26 52.77 -36.34
C GLY E 173 -18.24 51.68 -35.96
N TYR E 174 -17.85 50.88 -34.96
CA TYR E 174 -18.66 49.78 -34.47
C TYR E 174 -18.57 49.74 -32.95
N PHE E 175 -19.59 49.13 -32.32
CA PHE E 175 -19.60 49.00 -30.89
C PHE E 175 -20.50 47.84 -30.51
N PRO E 176 -20.09 46.96 -29.57
CA PRO E 176 -18.79 47.00 -28.91
C PRO E 176 -17.82 45.96 -29.45
N GLU E 177 -16.77 45.68 -28.69
CA GLU E 177 -15.87 44.59 -28.97
C GLU E 177 -16.43 43.29 -28.40
N PRO E 178 -15.97 42.12 -28.89
CA PRO E 178 -14.93 41.87 -29.88
C PRO E 178 -15.44 41.74 -31.31
N VAL E 179 -14.52 41.43 -32.23
CA VAL E 179 -14.83 41.16 -33.63
C VAL E 179 -13.88 40.07 -34.11
N THR E 180 -14.43 39.03 -34.73
CA THR E 180 -13.63 37.91 -35.22
C THR E 180 -13.41 38.09 -36.72
N VAL E 181 -12.14 38.07 -37.13
CA VAL E 181 -11.74 38.28 -38.52
C VAL E 181 -10.95 37.10 -39.01
N THR E 182 -11.23 36.67 -40.24
CA THR E 182 -10.50 35.58 -40.87
C THR E 182 -10.34 35.84 -42.37
N TRP E 183 -9.32 35.22 -42.96
CA TRP E 183 -9.02 35.35 -44.38
C TRP E 183 -9.23 34.00 -45.06
N ASN E 184 -10.08 33.99 -46.09
CA ASN E 184 -10.36 32.79 -46.91
C ASN E 184 -10.84 31.61 -46.06
N SER E 185 -11.82 31.85 -45.21
CA SER E 185 -12.52 30.80 -44.46
C SER E 185 -11.56 29.93 -43.65
N GLY E 186 -10.76 30.58 -42.81
CA GLY E 186 -9.85 29.88 -41.91
C GLY E 186 -8.72 29.15 -42.57
N SER E 187 -8.39 29.48 -43.82
CA SER E 187 -7.32 28.79 -44.55
C SER E 187 -6.20 29.76 -44.96
N LEU E 188 -5.92 30.77 -44.14
CA LEU E 188 -4.85 31.71 -44.46
C LEU E 188 -4.17 32.16 -43.18
N SER E 189 -2.96 31.65 -42.95
CA SER E 189 -2.11 32.08 -41.84
C SER E 189 -0.72 32.46 -42.34
N SER E 190 -0.63 32.95 -43.57
CA SER E 190 0.65 33.29 -44.20
C SER E 190 0.99 34.76 -43.92
N GLY E 191 1.34 35.03 -42.66
CA GLY E 191 1.74 36.35 -42.26
C GLY E 191 0.59 37.32 -42.08
N VAL E 192 -0.38 36.93 -41.25
CA VAL E 192 -1.58 37.72 -41.01
C VAL E 192 -1.38 38.50 -39.71
N HIS E 193 -1.66 39.80 -39.76
CA HIS E 193 -1.51 40.69 -38.61
C HIS E 193 -2.86 41.34 -38.31
N THR E 194 -3.42 41.04 -37.16
CA THR E 194 -4.69 41.64 -36.70
C THR E 194 -4.35 42.69 -35.65
N PHE E 195 -4.33 43.95 -36.08
CA PHE E 195 -3.95 45.04 -35.18
C PHE E 195 -5.00 45.24 -34.08
N PRO E 196 -4.56 45.69 -32.91
CA PRO E 196 -5.51 45.94 -31.81
C PRO E 196 -6.43 47.12 -32.10
N ALA E 197 -7.59 47.09 -31.44
CA ALA E 197 -8.61 48.11 -31.63
C ALA E 197 -8.33 49.34 -30.75
N VAL E 198 -8.95 50.46 -31.13
CA VAL E 198 -8.77 51.74 -30.46
C VAL E 198 -10.10 52.48 -30.43
N LEU E 199 -10.29 53.31 -29.41
CA LEU E 199 -11.52 54.05 -29.19
C LEU E 199 -11.39 55.48 -29.69
N GLN E 200 -12.26 55.88 -30.62
CA GLN E 200 -12.39 57.26 -31.08
C GLN E 200 -13.74 57.78 -30.62
N SER E 201 -13.72 58.77 -29.73
CA SER E 201 -14.93 59.29 -29.09
C SER E 201 -15.63 58.15 -28.36
N ASP E 202 -16.63 57.54 -29.01
CA ASP E 202 -17.30 56.37 -28.46
C ASP E 202 -17.54 55.33 -29.55
N LEU E 203 -16.53 55.09 -30.39
CA LEU E 203 -16.61 54.11 -31.45
C LEU E 203 -15.24 53.46 -31.64
N TYR E 204 -15.21 52.15 -31.83
CA TYR E 204 -13.97 51.41 -31.98
C TYR E 204 -13.52 51.39 -33.44
N THR E 205 -12.25 51.00 -33.64
CA THR E 205 -11.64 51.01 -34.97
C THR E 205 -10.45 50.06 -34.99
N LEU E 206 -10.35 49.23 -36.03
CA LEU E 206 -9.24 48.29 -36.16
C LEU E 206 -9.02 47.93 -37.63
N SER E 207 -7.83 47.42 -37.93
CA SER E 207 -7.47 47.02 -39.27
C SER E 207 -6.56 45.79 -39.21
N SER E 208 -6.45 45.09 -40.35
CA SER E 208 -5.65 43.86 -40.44
C SER E 208 -4.86 43.84 -41.74
N SER E 209 -3.76 43.08 -41.73
CA SER E 209 -2.85 43.01 -42.87
C SER E 209 -2.40 41.57 -43.12
N VAL E 210 -1.93 41.30 -44.34
CA VAL E 210 -1.41 40.00 -44.72
C VAL E 210 -0.50 40.15 -45.94
N THR E 211 0.69 39.53 -45.89
CA THR E 211 1.64 39.57 -46.99
C THR E 211 1.61 38.24 -47.74
N VAL E 212 1.20 38.28 -49.00
CA VAL E 212 1.14 37.08 -49.85
C VAL E 212 2.10 37.29 -51.01
N PRO E 213 2.49 36.22 -51.71
CA PRO E 213 3.38 36.38 -52.87
C PRO E 213 2.73 37.17 -54.00
N SER E 214 3.59 37.77 -54.82
CA SER E 214 3.12 38.55 -55.96
C SER E 214 2.40 37.68 -56.99
N SER E 215 2.76 36.40 -57.09
CA SER E 215 2.10 35.52 -58.04
C SER E 215 0.63 35.32 -57.71
N THR E 216 0.29 35.31 -56.42
CA THR E 216 -1.09 35.04 -56.02
C THR E 216 -2.04 36.14 -56.49
N TRP E 217 -1.73 37.39 -56.15
CA TRP E 217 -2.58 38.51 -56.52
C TRP E 217 -2.36 38.87 -57.99
N PRO E 218 -3.42 39.25 -58.72
CA PRO E 218 -4.82 39.29 -58.31
C PRO E 218 -5.61 38.08 -58.79
N SER E 219 -4.91 36.98 -59.03
CA SER E 219 -5.53 35.80 -59.64
C SER E 219 -6.23 34.89 -58.64
N GLU E 220 -5.99 35.05 -57.34
CA GLU E 220 -6.59 34.18 -56.34
C GLU E 220 -7.61 34.93 -55.50
N THR E 221 -8.50 34.17 -54.86
CA THR E 221 -9.56 34.72 -54.02
C THR E 221 -9.00 35.03 -52.63
N VAL E 222 -9.20 36.27 -52.17
CA VAL E 222 -8.72 36.72 -50.85
C VAL E 222 -9.87 37.48 -50.21
N THR E 223 -10.63 36.79 -49.35
CA THR E 223 -11.82 37.35 -48.71
C THR E 223 -11.57 37.59 -47.23
N CYS E 224 -12.06 38.71 -46.73
CA CYS E 224 -11.97 39.08 -45.33
C CYS E 224 -13.30 38.77 -44.65
N ASN E 225 -13.32 37.73 -43.82
CA ASN E 225 -14.52 37.34 -43.10
C ASN E 225 -14.54 38.04 -41.75
N VAL E 226 -15.66 38.67 -41.42
CA VAL E 226 -15.80 39.41 -40.18
C VAL E 226 -16.98 38.84 -39.39
N ALA E 227 -16.89 38.97 -38.06
CA ALA E 227 -17.92 38.49 -37.16
C ALA E 227 -18.05 39.45 -35.99
N HIS E 228 -19.25 39.52 -35.43
CA HIS E 228 -19.58 40.40 -34.31
C HIS E 228 -20.59 39.70 -33.43
N PRO E 229 -20.45 39.77 -32.11
CA PRO E 229 -21.39 39.06 -31.23
C PRO E 229 -22.75 39.74 -31.17
N ALA E 230 -22.79 41.06 -31.01
CA ALA E 230 -24.07 41.75 -30.89
C ALA E 230 -24.76 41.97 -32.23
N SER E 231 -24.04 41.83 -33.33
CA SER E 231 -24.63 42.09 -34.64
C SER E 231 -24.79 40.83 -35.46
N SER E 232 -23.93 39.85 -35.22
CA SER E 232 -24.05 38.52 -35.81
C SER E 232 -24.11 38.62 -37.33
N THR E 233 -23.30 39.53 -37.88
CA THR E 233 -23.25 39.77 -39.31
C THR E 233 -21.90 39.36 -39.86
N LYS E 234 -21.90 38.73 -41.03
CA LYS E 234 -20.68 38.29 -41.71
C LYS E 234 -20.55 39.07 -43.02
N VAL E 235 -20.10 40.31 -42.92
CA VAL E 235 -19.83 41.15 -44.09
C VAL E 235 -18.55 40.64 -44.74
N ASP E 236 -18.66 40.07 -45.94
CA ASP E 236 -17.53 39.49 -46.63
C ASP E 236 -17.31 40.15 -47.98
N LYS E 237 -16.06 40.51 -48.26
CA LYS E 237 -15.69 41.24 -49.48
C LYS E 237 -14.26 40.87 -49.82
N LYS E 238 -14.04 40.38 -51.04
CA LYS E 238 -12.70 40.04 -51.49
C LYS E 238 -11.87 41.30 -51.76
N ASP F 21 -5.84 43.06 3.70
CA ASP F 21 -5.75 42.26 2.49
C ASP F 21 -4.32 41.78 2.24
N ILE F 22 -4.07 41.24 1.05
CA ILE F 22 -2.78 40.64 0.71
C ILE F 22 -2.23 41.35 -0.52
N VAL F 23 -1.10 42.03 -0.36
CA VAL F 23 -0.48 42.79 -1.45
C VAL F 23 0.62 41.94 -2.05
N MET F 24 0.54 41.69 -3.35
CA MET F 24 1.54 40.91 -4.08
C MET F 24 2.26 41.84 -5.05
N SER F 25 3.46 42.28 -4.68
CA SER F 25 4.24 43.21 -5.49
C SER F 25 5.16 42.40 -6.40
N GLN F 26 4.78 42.30 -7.67
CA GLN F 26 5.59 41.61 -8.66
C GLN F 26 6.54 42.60 -9.34
N SER F 27 7.78 42.17 -9.53
CA SER F 27 8.79 43.00 -10.17
C SER F 27 9.83 42.08 -10.79
N PRO F 28 10.42 42.46 -11.94
CA PRO F 28 10.17 43.69 -12.68
C PRO F 28 8.91 43.66 -13.53
N SER F 29 8.67 44.70 -14.31
CA SER F 29 7.52 44.74 -15.21
C SER F 29 7.85 44.18 -16.58
N SER F 30 8.90 44.68 -17.22
CA SER F 30 9.38 44.15 -18.48
C SER F 30 10.65 43.34 -18.25
N LEU F 31 10.99 42.52 -19.25
CA LEU F 31 12.14 41.62 -19.10
C LEU F 31 12.58 41.16 -20.50
N ALA F 32 13.63 41.79 -21.02
CA ALA F 32 14.21 41.41 -22.30
C ALA F 32 15.36 40.44 -22.07
N VAL F 33 15.16 39.18 -22.44
CA VAL F 33 16.17 38.15 -22.25
C VAL F 33 16.41 37.43 -23.57
N SER F 34 17.62 36.89 -23.71
CA SER F 34 18.02 36.15 -24.90
C SER F 34 17.51 34.72 -24.88
N VAL F 35 17.74 34.01 -25.98
CA VAL F 35 17.30 32.64 -26.16
C VAL F 35 18.27 31.67 -25.51
N GLY F 36 18.02 31.30 -24.26
CA GLY F 36 18.81 30.27 -23.61
C GLY F 36 19.49 30.68 -22.33
N GLU F 37 19.12 31.84 -21.79
CA GLU F 37 19.72 32.33 -20.56
C GLU F 37 18.77 32.13 -19.37
N LYS F 38 19.37 32.07 -18.18
CA LYS F 38 18.61 31.89 -16.95
C LYS F 38 17.96 33.21 -16.56
N VAL F 39 16.63 33.21 -16.43
CA VAL F 39 15.86 34.39 -16.09
C VAL F 39 15.39 34.28 -14.65
N THR F 40 15.37 35.41 -13.93
CA THR F 40 14.99 35.43 -12.53
C THR F 40 13.90 36.47 -12.31
N MET F 41 12.82 36.07 -11.64
CA MET F 41 11.70 36.94 -11.33
C MET F 41 11.43 36.88 -9.83
N SER F 42 10.80 37.93 -9.31
CA SER F 42 10.47 37.98 -7.89
C SER F 42 9.02 38.40 -7.68
N CYS F 43 8.45 37.92 -6.57
CA CYS F 43 7.09 38.26 -6.15
C CYS F 43 7.14 38.47 -4.64
N LYS F 44 7.17 39.73 -4.20
CA LYS F 44 7.25 40.02 -2.78
C LYS F 44 5.86 39.98 -2.16
N SER F 45 5.82 39.79 -0.84
CA SER F 45 4.59 39.51 -0.12
C SER F 45 4.43 40.44 1.06
N SER F 46 3.20 40.92 1.24
CA SER F 46 2.85 41.79 2.35
C SER F 46 2.71 41.05 3.67
N GLN F 47 2.84 39.73 3.67
CA GLN F 47 2.68 38.93 4.88
C GLN F 47 3.32 37.57 4.66
N SER F 48 3.62 36.89 5.76
CA SER F 48 4.22 35.57 5.67
C SER F 48 3.20 34.57 5.16
N LEU F 49 3.68 33.63 4.33
CA LEU F 49 2.83 32.62 3.69
C LEU F 49 3.42 31.24 3.96
N PHE F 50 3.37 30.82 5.23
CA PHE F 50 4.02 29.58 5.64
C PHE F 50 3.34 29.06 6.89
N TYR F 51 2.79 27.85 6.80
CA TYR F 51 2.25 27.15 7.97
C TYR F 51 3.37 26.37 8.64
N SER F 52 3.65 26.70 9.90
CA SER F 52 4.74 26.03 10.61
C SER F 52 4.48 24.53 10.73
N SER F 53 3.21 24.15 10.89
CA SER F 53 2.87 22.73 11.03
C SER F 53 3.13 21.98 9.72
N ASN F 54 2.57 22.45 8.60
CA ASN F 54 2.70 21.73 7.34
C ASN F 54 4.06 21.90 6.70
N GLN F 55 4.71 23.04 6.92
CA GLN F 55 6.02 23.36 6.34
C GLN F 55 5.92 23.44 4.81
N LYS F 56 4.95 24.19 4.32
CA LYS F 56 4.74 24.39 2.89
C LYS F 56 4.32 25.84 2.64
N ASN F 57 4.87 26.43 1.58
CA ASN F 57 4.64 27.83 1.25
C ASN F 57 3.45 27.97 0.30
N TYR F 58 2.45 28.75 0.72
CA TYR F 58 1.20 28.94 -0.01
C TYR F 58 1.38 29.98 -1.11
N LEU F 59 1.66 29.54 -2.33
CA LEU F 59 1.79 30.44 -3.48
C LEU F 59 1.77 29.61 -4.76
N ALA F 60 1.39 30.28 -5.87
CA ALA F 60 1.30 29.63 -7.17
C ALA F 60 1.70 30.61 -8.27
N TRP F 61 2.24 30.05 -9.36
CA TRP F 61 2.63 30.82 -10.54
C TRP F 61 1.83 30.37 -11.76
N TYR F 62 1.55 31.32 -12.65
CA TYR F 62 0.74 31.06 -13.83
C TYR F 62 1.46 31.55 -15.09
N GLN F 63 0.97 31.08 -16.23
CA GLN F 63 1.50 31.47 -17.53
C GLN F 63 0.33 31.87 -18.42
N GLN F 64 0.30 33.14 -18.83
CA GLN F 64 -0.71 33.65 -19.74
C GLN F 64 -0.08 33.79 -21.12
N LYS F 65 -0.24 32.76 -21.94
CA LYS F 65 0.23 32.84 -23.32
C LYS F 65 -0.52 33.96 -24.04
N PRO F 66 0.13 34.62 -25.02
CA PRO F 66 -0.50 35.75 -25.71
C PRO F 66 -1.85 35.41 -26.29
N GLY F 67 -2.89 36.13 -25.85
CA GLY F 67 -4.24 35.87 -26.32
C GLY F 67 -4.77 34.52 -25.91
N GLN F 68 -4.44 34.07 -24.70
CA GLN F 68 -4.82 32.76 -24.22
C GLN F 68 -5.12 32.83 -22.73
N SER F 69 -5.59 31.71 -22.19
CA SER F 69 -5.91 31.59 -20.78
C SER F 69 -4.63 31.37 -19.96
N PRO F 70 -4.57 31.92 -18.75
CA PRO F 70 -3.45 31.59 -17.87
C PRO F 70 -3.61 30.19 -17.30
N LYS F 71 -2.50 29.46 -17.24
CA LYS F 71 -2.51 28.08 -16.77
C LYS F 71 -1.51 27.90 -15.65
N LEU F 72 -1.81 26.97 -14.76
CA LEU F 72 -0.98 26.74 -13.58
C LEU F 72 0.33 26.05 -13.97
N LEU F 73 1.41 26.48 -13.32
CA LEU F 73 2.74 25.93 -13.53
C LEU F 73 3.32 25.33 -12.27
N ILE F 74 3.31 26.08 -11.17
CA ILE F 74 3.96 25.68 -9.92
C ILE F 74 2.99 25.90 -8.77
N TYR F 75 2.59 24.82 -8.10
CA TYR F 75 1.89 24.96 -6.84
C TYR F 75 2.82 24.60 -5.68
N TRP F 76 2.47 25.12 -4.50
CA TRP F 76 3.32 25.13 -3.30
C TRP F 76 4.60 25.94 -3.49
N ALA F 77 4.64 26.80 -4.50
CA ALA F 77 5.81 27.64 -4.79
C ALA F 77 7.08 26.84 -4.98
N SER F 78 6.96 25.53 -5.23
CA SER F 78 8.13 24.68 -5.39
C SER F 78 7.85 23.55 -6.39
N THR F 79 6.72 22.86 -6.22
CA THR F 79 6.42 21.68 -7.03
C THR F 79 5.71 22.06 -8.32
N ARG F 80 5.92 21.25 -9.35
CA ARG F 80 5.29 21.44 -10.64
C ARG F 80 4.06 20.55 -10.76
N GLU F 81 3.25 20.83 -11.78
CA GLU F 81 2.10 20.01 -12.11
C GLU F 81 2.47 19.07 -13.25
N SER F 82 1.70 18.00 -13.41
CA SER F 82 1.99 17.00 -14.43
C SER F 82 1.79 17.62 -15.81
N GLY F 83 2.87 17.72 -16.57
CA GLY F 83 2.86 18.36 -17.86
C GLY F 83 3.64 19.66 -17.98
N VAL F 84 4.63 19.89 -17.12
CA VAL F 84 5.40 21.12 -17.09
C VAL F 84 6.86 20.77 -17.32
N PRO F 85 7.55 21.44 -18.25
CA PRO F 85 8.96 21.10 -18.52
C PRO F 85 9.84 21.33 -17.31
N ASP F 86 11.03 20.72 -17.35
CA ASP F 86 11.96 20.76 -16.23
C ASP F 86 12.75 22.07 -16.15
N ARG F 87 12.84 22.82 -17.25
CA ARG F 87 13.55 24.10 -17.22
C ARG F 87 12.93 25.07 -16.23
N PHE F 88 11.60 25.08 -16.12
CA PHE F 88 10.96 25.93 -15.13
C PHE F 88 11.34 25.49 -13.73
N THR F 89 11.57 26.46 -12.84
CA THR F 89 11.97 26.16 -11.48
C THR F 89 11.45 27.25 -10.55
N GLY F 90 10.48 26.90 -9.70
CA GLY F 90 10.03 27.80 -8.66
C GLY F 90 10.84 27.65 -7.38
N SER F 91 10.94 28.74 -6.63
CA SER F 91 11.76 28.74 -5.42
C SER F 91 11.30 29.87 -4.51
N GLY F 92 11.76 29.81 -3.26
CA GLY F 92 11.48 30.83 -2.28
C GLY F 92 10.80 30.28 -1.04
N SER F 93 10.69 31.16 -0.04
CA SER F 93 10.04 30.82 1.21
C SER F 93 9.75 32.11 1.97
N GLY F 94 8.76 32.04 2.86
CA GLY F 94 8.38 33.17 3.67
C GLY F 94 7.63 34.24 2.89
N THR F 95 8.33 35.30 2.49
CA THR F 95 7.77 36.35 1.67
C THR F 95 8.48 36.53 0.34
N ASP F 96 9.81 36.47 0.34
CA ASP F 96 10.58 36.59 -0.89
C ASP F 96 10.46 35.31 -1.71
N PHE F 97 9.88 35.42 -2.91
CA PHE F 97 9.69 34.28 -3.79
C PHE F 97 10.35 34.56 -5.14
N THR F 98 10.98 33.54 -5.71
CA THR F 98 11.70 33.66 -6.96
C THR F 98 11.28 32.57 -7.92
N LEU F 99 11.25 32.91 -9.21
CA LEU F 99 10.92 31.96 -10.28
C LEU F 99 12.01 32.04 -11.34
N THR F 100 12.58 30.89 -11.68
CA THR F 100 13.66 30.83 -12.65
C THR F 100 13.27 29.86 -13.75
N ILE F 101 13.32 30.35 -14.99
CA ILE F 101 13.12 29.51 -16.18
C ILE F 101 14.44 29.58 -16.94
N SER F 102 15.22 28.51 -16.86
CA SER F 102 16.56 28.49 -17.43
C SER F 102 16.52 27.96 -18.85
N SER F 103 17.28 28.62 -19.72
CA SER F 103 17.27 28.36 -21.16
C SER F 103 15.87 28.49 -21.73
N VAL F 104 15.46 29.72 -22.05
CA VAL F 104 14.16 29.93 -22.67
C VAL F 104 14.17 29.35 -24.08
N LYS F 105 13.06 28.72 -24.47
CA LYS F 105 12.94 28.15 -25.79
C LYS F 105 12.25 29.07 -26.79
N ALA F 106 12.31 30.40 -26.57
CA ALA F 106 11.79 31.39 -27.52
C ALA F 106 10.32 31.16 -27.85
N GLU F 107 9.55 30.67 -26.88
CA GLU F 107 8.10 30.55 -27.01
C GLU F 107 7.39 30.89 -25.72
N ASP F 108 8.13 31.24 -24.66
CA ASP F 108 7.59 31.58 -23.35
C ASP F 108 7.31 33.06 -23.20
N LEU F 109 7.00 33.77 -24.28
CA LEU F 109 6.81 35.21 -24.23
C LEU F 109 5.47 35.57 -23.60
N ALA F 110 5.17 34.94 -22.47
CA ALA F 110 3.91 35.09 -21.77
C ALA F 110 4.04 36.08 -20.62
N VAL F 111 2.90 36.42 -20.02
CA VAL F 111 2.83 37.24 -18.82
C VAL F 111 2.62 36.31 -17.64
N TYR F 112 3.56 36.31 -16.70
CA TYR F 112 3.55 35.39 -15.57
C TYR F 112 3.04 36.11 -14.33
N TYR F 113 1.91 35.66 -13.81
CA TYR F 113 1.31 36.19 -12.60
C TYR F 113 1.59 35.26 -11.42
N CYS F 114 1.66 35.85 -10.23
CA CYS F 114 1.81 35.10 -8.99
C CYS F 114 0.58 35.31 -8.12
N GLN F 115 -0.07 34.21 -7.73
CA GLN F 115 -1.26 34.23 -6.90
C GLN F 115 -0.94 33.68 -5.51
N GLN F 116 -1.61 34.23 -4.51
CA GLN F 116 -1.55 33.71 -3.15
C GLN F 116 -2.86 33.00 -2.83
N TYR F 117 -2.79 32.04 -1.90
CA TYR F 117 -3.99 31.36 -1.42
C TYR F 117 -3.89 31.06 0.08
N TYR F 118 -3.13 31.87 0.81
CA TYR F 118 -3.04 31.72 2.25
C TYR F 118 -4.37 32.10 2.91
N SER F 119 -4.92 33.25 2.55
CA SER F 119 -6.14 33.76 3.16
C SER F 119 -6.99 34.46 2.12
N TYR F 120 -8.30 34.41 2.31
CA TYR F 120 -9.21 35.14 1.43
C TYR F 120 -8.98 36.64 1.57
N PRO F 121 -9.02 37.41 0.47
CA PRO F 121 -9.22 36.89 -0.89
C PRO F 121 -7.90 36.52 -1.56
N PRO F 122 -7.94 35.54 -2.48
CA PRO F 122 -6.73 35.20 -3.23
C PRO F 122 -6.33 36.31 -4.19
N THR F 123 -5.26 37.03 -3.86
CA THR F 123 -4.81 38.14 -4.68
C THR F 123 -3.76 37.68 -5.68
N PHE F 124 -3.65 38.44 -6.77
CA PHE F 124 -2.72 38.16 -7.85
C PHE F 124 -1.72 39.30 -7.99
N GLY F 125 -0.62 39.01 -8.68
CA GLY F 125 0.37 40.01 -8.98
C GLY F 125 0.06 40.79 -10.25
N GLY F 126 0.97 41.68 -10.61
CA GLY F 126 0.84 42.50 -11.80
C GLY F 126 1.38 41.89 -13.06
N GLY F 127 2.00 40.72 -12.99
CA GLY F 127 2.57 40.09 -14.16
C GLY F 127 3.91 40.67 -14.55
N THR F 128 4.67 39.88 -15.32
CA THR F 128 5.99 40.27 -15.80
C THR F 128 6.08 39.91 -17.28
N LYS F 129 6.16 40.93 -18.13
CA LYS F 129 6.25 40.68 -19.56
C LYS F 129 7.59 40.03 -19.89
N LEU F 130 7.62 39.30 -20.99
CA LEU F 130 8.83 38.58 -21.41
C LEU F 130 9.12 38.93 -22.86
N GLU F 131 9.99 39.92 -23.07
CA GLU F 131 10.42 40.26 -24.42
C GLU F 131 11.56 39.34 -24.83
N ILE F 132 11.47 38.78 -26.04
CA ILE F 132 12.47 37.87 -26.57
C ILE F 132 13.40 38.65 -27.50
N LYS F 133 14.70 38.48 -27.32
CA LYS F 133 15.67 39.23 -28.10
C LYS F 133 15.78 38.67 -29.51
N ARG F 134 16.21 39.53 -30.43
CA ARG F 134 16.24 39.20 -31.85
C ARG F 134 17.10 40.22 -32.58
N ALA F 135 17.71 39.78 -33.69
CA ALA F 135 18.56 40.62 -34.52
C ALA F 135 17.73 41.61 -35.32
N ASP F 136 17.92 42.91 -35.03
CA ASP F 136 17.23 44.03 -35.69
C ASP F 136 16.88 43.80 -37.15
N ALA F 137 15.64 44.10 -37.51
CA ALA F 137 15.15 43.94 -38.87
C ALA F 137 14.48 45.23 -39.33
N ALA F 138 14.52 45.47 -40.65
CA ALA F 138 13.90 46.65 -41.24
C ALA F 138 12.39 46.48 -41.41
N PRO F 139 11.63 47.58 -41.38
CA PRO F 139 10.18 47.48 -41.48
C PRO F 139 9.69 47.44 -42.93
N THR F 140 8.57 46.75 -43.12
CA THR F 140 7.94 46.60 -44.44
C THR F 140 6.72 47.52 -44.49
N VAL F 141 6.95 48.76 -44.92
CA VAL F 141 5.89 49.77 -45.00
C VAL F 141 5.08 49.58 -46.28
N SER F 142 3.81 49.97 -46.23
CA SER F 142 2.92 49.88 -47.39
C SER F 142 1.73 50.81 -47.17
N ILE F 143 1.55 51.78 -48.06
CA ILE F 143 0.48 52.79 -47.94
C ILE F 143 -0.74 52.30 -48.70
N PHE F 144 -1.92 52.78 -48.27
CA PHE F 144 -3.19 52.41 -48.89
C PHE F 144 -4.10 53.62 -49.01
N PRO F 145 -4.60 53.93 -50.21
CA PRO F 145 -5.53 55.04 -50.37
C PRO F 145 -6.93 54.62 -49.98
N PRO F 146 -7.82 55.56 -49.68
CA PRO F 146 -9.20 55.20 -49.34
C PRO F 146 -9.90 54.55 -50.52
N SER F 147 -10.68 53.52 -50.22
CA SER F 147 -11.43 52.82 -51.26
C SER F 147 -12.62 53.67 -51.73
N SER F 148 -13.08 53.36 -52.95
CA SER F 148 -14.23 54.07 -53.49
C SER F 148 -15.45 53.97 -52.58
N GLU F 149 -15.59 52.84 -51.89
CA GLU F 149 -16.72 52.66 -50.99
C GLU F 149 -16.65 53.61 -49.80
N GLN F 150 -15.44 53.88 -49.30
CA GLN F 150 -15.31 54.74 -48.13
C GLN F 150 -15.80 56.16 -48.40
N LEU F 151 -15.52 56.69 -49.60
CA LEU F 151 -15.98 58.03 -49.97
C LEU F 151 -17.45 58.05 -50.40
N THR F 152 -18.30 57.27 -49.75
CA THR F 152 -19.73 57.24 -50.04
C THR F 152 -20.58 57.89 -48.97
N SER F 153 -20.24 57.67 -47.70
CA SER F 153 -20.99 58.22 -46.58
C SER F 153 -20.22 59.34 -45.87
N GLY F 154 -19.39 60.08 -46.62
CA GLY F 154 -18.67 61.20 -46.06
C GLY F 154 -17.50 60.83 -45.18
N GLY F 155 -16.51 60.14 -45.75
CA GLY F 155 -15.32 59.75 -44.98
C GLY F 155 -14.14 59.44 -45.87
N ALA F 156 -12.94 59.80 -45.42
CA ALA F 156 -11.72 59.59 -46.18
C ALA F 156 -10.56 59.38 -45.20
N SER F 157 -10.00 58.18 -45.18
CA SER F 157 -8.93 57.85 -44.25
C SER F 157 -7.86 57.04 -44.97
N VAL F 158 -6.59 57.42 -44.75
CA VAL F 158 -5.45 56.70 -45.31
C VAL F 158 -4.80 55.91 -44.18
N VAL F 159 -4.55 54.63 -44.42
CA VAL F 159 -4.00 53.73 -43.42
C VAL F 159 -2.64 53.24 -43.91
N CYS F 160 -1.59 53.56 -43.17
CA CYS F 160 -0.24 53.12 -43.50
C CYS F 160 0.16 51.92 -42.64
N PHE F 161 0.64 50.86 -43.29
CA PHE F 161 0.91 49.56 -42.69
C PHE F 161 2.41 49.32 -42.53
N LEU F 162 2.78 48.73 -41.40
CA LEU F 162 4.15 48.30 -41.10
C LEU F 162 4.08 46.86 -40.59
N ASN F 163 4.28 45.88 -41.49
CA ASN F 163 3.89 44.51 -41.17
C ASN F 163 4.85 43.83 -40.20
N ASN F 164 6.15 44.11 -40.28
CA ASN F 164 7.11 43.41 -39.44
C ASN F 164 8.36 44.26 -39.26
N PHE F 165 8.79 44.45 -38.01
CA PHE F 165 9.99 45.22 -37.73
C PHE F 165 10.49 44.86 -36.33
N TYR F 166 11.62 45.46 -35.96
CA TYR F 166 12.27 45.24 -34.67
C TYR F 166 13.31 46.34 -34.49
N PRO F 167 13.37 47.01 -33.33
CA PRO F 167 12.57 46.91 -32.10
C PRO F 167 11.29 47.75 -32.11
N LYS F 168 10.58 47.75 -30.98
CA LYS F 168 9.29 48.44 -30.88
C LYS F 168 9.41 49.91 -31.25
N ASP F 169 10.49 50.57 -30.86
CA ASP F 169 10.61 52.00 -31.06
C ASP F 169 10.55 52.36 -32.54
N ILE F 170 9.65 53.26 -32.88
CA ILE F 170 9.49 53.76 -34.25
C ILE F 170 8.64 55.02 -34.21
N ASN F 171 8.87 55.93 -35.15
CA ASN F 171 8.13 57.20 -35.20
C ASN F 171 7.70 57.46 -36.63
N VAL F 172 6.39 57.53 -36.85
CA VAL F 172 5.80 57.78 -38.16
C VAL F 172 5.13 59.14 -38.14
N LYS F 173 5.44 59.98 -39.12
CA LYS F 173 4.84 61.30 -39.23
C LYS F 173 4.24 61.48 -40.62
N TRP F 174 3.17 62.25 -40.68
CA TRP F 174 2.43 62.50 -41.91
C TRP F 174 2.80 63.87 -42.47
N LYS F 175 2.47 64.07 -43.74
CA LYS F 175 2.74 65.35 -44.39
C LYS F 175 1.67 66.38 -44.03
N GLY F 184 -5.03 64.10 -36.59
CA GLY F 184 -6.04 63.08 -36.77
C GLY F 184 -5.45 61.69 -36.95
N VAL F 185 -4.27 61.47 -36.39
CA VAL F 185 -3.52 60.23 -36.53
C VAL F 185 -3.89 59.26 -35.41
N LEU F 186 -3.91 57.96 -35.74
CA LEU F 186 -4.20 56.90 -34.78
C LEU F 186 -3.32 55.70 -35.08
N ASN F 187 -2.68 55.15 -34.05
CA ASN F 187 -1.69 54.07 -34.20
C ASN F 187 -1.95 52.94 -33.23
N SER F 188 -1.47 51.75 -33.60
CA SER F 188 -1.58 50.54 -32.80
C SER F 188 -0.34 49.67 -33.01
N TRP F 189 0.09 48.99 -31.94
CA TRP F 189 1.27 48.13 -31.97
C TRP F 189 0.88 46.72 -31.55
N THR F 190 1.16 45.73 -32.39
CA THR F 190 0.96 44.33 -32.04
C THR F 190 2.09 43.81 -31.16
N ASP F 191 1.77 42.80 -30.35
CA ASP F 191 2.75 42.16 -29.49
C ASP F 191 3.60 41.16 -30.27
N GLN F 192 4.60 40.61 -29.58
CA GLN F 192 5.58 39.69 -30.17
C GLN F 192 4.92 38.54 -30.91
N ASP F 193 5.28 38.39 -32.18
CA ASP F 193 4.74 37.31 -33.01
C ASP F 193 5.29 35.96 -32.55
N SER F 194 4.43 34.95 -32.53
CA SER F 194 4.87 33.60 -32.16
C SER F 194 5.59 32.85 -33.27
N LYS F 195 5.58 33.36 -34.51
CA LYS F 195 6.25 32.67 -35.60
C LYS F 195 7.66 33.18 -35.84
N ASP F 196 7.89 34.49 -35.70
CA ASP F 196 9.22 35.05 -35.93
C ASP F 196 9.61 36.15 -34.94
N SER F 197 8.73 36.53 -34.01
CA SER F 197 9.03 37.53 -32.98
C SER F 197 9.31 38.90 -33.61
N THR F 198 8.41 39.34 -34.49
CA THR F 198 8.50 40.64 -35.13
C THR F 198 7.26 41.45 -34.81
N TYR F 199 7.44 42.75 -34.60
CA TYR F 199 6.36 43.66 -34.23
C TYR F 199 5.68 44.24 -35.47
N SER F 200 4.54 44.89 -35.25
CA SER F 200 3.77 45.46 -36.34
C SER F 200 3.05 46.71 -35.85
N MET F 201 3.00 47.73 -36.71
CA MET F 201 2.35 48.99 -36.38
C MET F 201 1.49 49.47 -37.54
N SER F 202 0.33 50.03 -37.22
CA SER F 202 -0.58 50.61 -38.20
C SER F 202 -0.88 52.05 -37.85
N SER F 203 -0.91 52.92 -38.86
CA SER F 203 -1.21 54.34 -38.69
C SER F 203 -2.40 54.72 -39.56
N THR F 204 -3.19 55.70 -39.10
CA THR F 204 -4.41 56.08 -39.80
C THR F 204 -4.66 57.57 -39.61
N LEU F 205 -4.74 58.30 -40.72
CA LEU F 205 -5.11 59.70 -40.73
C LEU F 205 -6.55 59.85 -41.23
N THR F 206 -7.42 60.35 -40.37
CA THR F 206 -8.84 60.53 -40.69
C THR F 206 -9.14 61.98 -41.02
N LEU F 207 -9.89 62.20 -42.10
CA LEU F 207 -10.31 63.52 -42.51
C LEU F 207 -11.62 63.39 -43.27
N THR F 208 -12.38 64.49 -43.33
CA THR F 208 -13.66 64.48 -44.03
C THR F 208 -13.44 64.34 -45.54
N LYS F 209 -14.50 63.89 -46.23
CA LYS F 209 -14.43 63.70 -47.67
C LYS F 209 -14.02 64.97 -48.40
N ASP F 210 -14.59 66.11 -48.00
CA ASP F 210 -14.24 67.37 -48.67
C ASP F 210 -12.75 67.67 -48.53
N GLU F 211 -12.19 67.47 -47.34
CA GLU F 211 -10.77 67.74 -47.10
C GLU F 211 -9.85 66.84 -47.91
N TYR F 212 -10.35 65.76 -48.50
CA TYR F 212 -9.49 64.83 -49.22
C TYR F 212 -8.91 65.48 -50.48
N GLU F 213 -9.74 66.12 -51.28
CA GLU F 213 -9.30 66.67 -52.56
C GLU F 213 -8.48 67.95 -52.41
N ARG F 214 -8.44 68.57 -51.23
CA ARG F 214 -7.73 69.83 -51.07
C ARG F 214 -6.25 69.68 -51.44
N HIS F 215 -5.65 68.56 -51.09
CA HIS F 215 -4.29 68.22 -51.43
C HIS F 215 -4.27 66.87 -52.15
N ASN F 216 -3.09 66.48 -52.61
CA ASN F 216 -2.90 65.15 -53.19
C ASN F 216 -1.57 64.52 -52.79
N SER F 217 -0.58 65.28 -52.35
CA SER F 217 0.70 64.73 -51.93
C SER F 217 0.63 64.41 -50.45
N TYR F 218 0.74 63.12 -50.12
CA TYR F 218 0.72 62.62 -48.75
C TYR F 218 1.87 61.66 -48.58
N THR F 219 2.62 61.81 -47.49
CA THR F 219 3.83 61.03 -47.26
C THR F 219 3.77 60.39 -45.89
N CYS F 220 4.07 59.10 -45.83
CA CYS F 220 4.17 58.34 -44.58
C CYS F 220 5.65 58.04 -44.36
N GLU F 221 6.33 58.92 -43.62
CA GLU F 221 7.71 58.69 -43.26
C GLU F 221 7.79 57.70 -42.09
N ALA F 222 8.97 57.08 -41.95
CA ALA F 222 9.20 56.10 -40.89
C ALA F 222 10.64 56.24 -40.41
N THR F 223 10.81 56.46 -39.12
CA THR F 223 12.13 56.60 -38.51
C THR F 223 12.51 55.28 -37.86
N HIS F 224 13.72 54.79 -38.15
CA HIS F 224 14.16 53.53 -37.59
C HIS F 224 15.66 53.59 -37.33
N LYS F 225 16.11 52.65 -36.49
CA LYS F 225 17.54 52.51 -36.20
C LYS F 225 18.29 51.75 -37.28
N THR F 226 17.57 50.96 -38.10
CA THR F 226 18.24 50.12 -39.10
C THR F 226 18.77 50.93 -40.27
N SER F 227 18.14 52.06 -40.59
CA SER F 227 18.57 52.90 -41.70
C SER F 227 18.76 54.32 -41.20
N THR F 228 19.89 54.93 -41.58
CA THR F 228 20.13 56.33 -41.22
C THR F 228 19.12 57.25 -41.89
N SER F 229 18.86 57.03 -43.18
CA SER F 229 17.88 57.81 -43.93
C SER F 229 16.46 57.34 -43.64
N PRO F 230 15.50 58.25 -43.53
CA PRO F 230 14.12 57.85 -43.24
C PRO F 230 13.51 57.02 -44.37
N ILE F 231 12.57 56.15 -44.00
CA ILE F 231 11.87 55.28 -44.92
C ILE F 231 10.52 55.93 -45.24
N VAL F 232 10.43 56.59 -46.39
CA VAL F 232 9.22 57.29 -46.79
C VAL F 232 8.38 56.42 -47.72
N LYS F 233 7.12 56.82 -47.88
CA LYS F 233 6.19 56.15 -48.79
C LYS F 233 5.08 57.14 -49.11
N SER F 234 4.79 57.33 -50.39
CA SER F 234 3.94 58.42 -50.84
C SER F 234 2.83 57.92 -51.75
N PHE F 235 1.82 58.76 -51.91
CA PHE F 235 0.68 58.52 -52.80
C PHE F 235 0.25 59.86 -53.38
N ASN F 236 -0.02 59.88 -54.68
CA ASN F 236 -0.32 61.12 -55.40
C ASN F 236 -1.57 60.99 -56.28
N ARG F 237 -2.74 61.25 -55.69
CA ARG F 237 -3.97 61.36 -56.48
C ARG F 237 -4.90 62.44 -55.92
#